data_5COJ
#
_entry.id   5COJ
#
_cell.length_a   62.549
_cell.length_b   62.741
_cell.length_c   108.459
_cell.angle_alpha   92.18
_cell.angle_beta   91.44
_cell.angle_gamma   101.32
#
_symmetry.space_group_name_H-M   'P 1'
#
loop_
_entity.id
_entity.type
_entity.pdbx_description
1 polymer 'Hydroxyethylthiazole kinase'
2 non-polymer 2-(4-METHYL-THIAZOL-5-YL)-ETHANOL
3 non-polymer 'MAGNESIUM ION'
4 water water
#
_entity_poly.entity_id   1
_entity_poly.type   'polypeptide(L)'
_entity_poly.pdbx_seq_one_letter_code
;MNYLNNIRIENPLTICYTNDVVKNFTANGLLSIGASPAMSEAPEEAEEFYKVAQALLINIGTLTAQNEQDIIAIAQTANE
AGLPIVFDPVAVGASTYRKQFCKLLLKSAKVSVIKGNASEILALIDDTATMKGTDSDANLDAVTIAKKAYAIYKTAIVIT
GKEDVIVQGDKAIVLANGSPLLARVTGAGCLLGGIIAGFLFRETEPDIEALIEAVSVFNIAAEVAAENENCGGPGTFSPL
LLDTLYHLNETTYQQRIRIQEVEENLYFQSGHHHHHH
;
_entity_poly.pdbx_strand_id   A,B,C,E,F,H
#
# COMPACT_ATOMS: atom_id res chain seq x y z
N MET A 1 -39.55 -11.76 -27.91
CA MET A 1 -39.44 -11.70 -26.40
C MET A 1 -39.26 -13.00 -25.55
N ASN A 2 -38.56 -13.94 -26.16
CA ASN A 2 -38.19 -15.20 -25.55
C ASN A 2 -37.47 -15.06 -24.17
N TYR A 3 -36.36 -14.32 -24.12
CA TYR A 3 -35.57 -14.22 -22.89
C TYR A 3 -36.23 -13.37 -21.78
N LEU A 4 -36.86 -12.28 -22.13
CA LEU A 4 -37.56 -11.44 -21.17
C LEU A 4 -38.67 -12.21 -20.44
N ASN A 5 -39.42 -13.07 -21.15
CA ASN A 5 -40.42 -13.93 -20.51
C ASN A 5 -39.75 -14.83 -19.42
N ASN A 6 -38.60 -15.37 -19.72
CA ASN A 6 -37.82 -16.18 -18.78
C ASN A 6 -37.25 -15.42 -17.59
N ILE A 7 -36.82 -14.18 -17.79
CA ILE A 7 -36.42 -13.34 -16.70
C ILE A 7 -37.57 -13.10 -15.71
N ARG A 8 -38.75 -12.79 -16.24
CA ARG A 8 -39.92 -12.57 -15.40
C ARG A 8 -40.34 -13.81 -14.58
N ILE A 9 -40.21 -15.01 -15.14
CA ILE A 9 -40.58 -16.25 -14.46
C ILE A 9 -39.48 -16.77 -13.49
N GLU A 10 -38.23 -16.78 -13.93
CA GLU A 10 -37.11 -17.31 -13.18
C GLU A 10 -36.44 -16.33 -12.16
N ASN A 11 -36.62 -15.04 -12.32
CA ASN A 11 -36.08 -14.06 -11.39
C ASN A 11 -34.57 -14.22 -11.15
N PRO A 12 -33.76 -14.15 -12.22
CA PRO A 12 -32.33 -14.50 -12.07
C PRO A 12 -31.54 -13.53 -11.14
N LEU A 13 -30.78 -14.15 -10.24
CA LEU A 13 -29.92 -13.39 -9.33
C LEU A 13 -28.77 -12.78 -10.12
N THR A 14 -28.71 -11.47 -10.10
CA THR A 14 -27.81 -10.72 -10.95
C THR A 14 -26.97 -9.83 -10.03
N ILE A 15 -25.68 -10.14 -9.93
CA ILE A 15 -24.81 -9.46 -9.00
C ILE A 15 -24.25 -8.23 -9.69
N CYS A 16 -24.31 -7.08 -9.01
CA CYS A 16 -23.83 -5.82 -9.55
C CYS A 16 -22.78 -5.15 -8.65
N TYR A 17 -21.60 -4.99 -9.21
CA TYR A 17 -20.52 -4.16 -8.69
C TYR A 17 -20.42 -2.92 -9.60
N THR A 18 -21.17 -1.88 -9.24
CA THR A 18 -21.38 -0.76 -10.10
C THR A 18 -21.11 0.55 -9.33
N ASN A 19 -21.19 1.67 -10.05
CA ASN A 19 -20.74 2.95 -9.53
C ASN A 19 -21.78 3.59 -8.62
N ASP A 20 -21.33 4.48 -7.75
CA ASP A 20 -22.19 5.06 -6.70
C ASP A 20 -23.28 6.00 -7.23
N VAL A 21 -23.20 6.42 -8.47
CA VAL A 21 -24.21 7.35 -9.02
C VAL A 21 -25.43 6.61 -9.52
N VAL A 22 -25.25 5.35 -9.87
CA VAL A 22 -26.27 4.58 -10.56
C VAL A 22 -26.73 3.28 -9.87
N LYS A 23 -26.30 2.97 -8.64
CA LYS A 23 -26.69 1.74 -7.95
C LYS A 23 -28.23 1.58 -7.83
N ASN A 24 -28.85 2.56 -7.26
CA ASN A 24 -30.27 2.48 -7.04
C ASN A 24 -31.04 2.32 -8.35
N PHE A 25 -30.72 3.13 -9.37
CA PHE A 25 -31.39 3.03 -10.63
C PHE A 25 -31.18 1.70 -11.29
N THR A 26 -29.98 1.18 -11.19
CA THR A 26 -29.66 -0.07 -11.76
C THR A 26 -30.49 -1.22 -11.07
N ALA A 27 -30.52 -1.23 -9.74
CA ALA A 27 -31.34 -2.20 -9.01
C ALA A 27 -32.82 -2.10 -9.39
N ASN A 28 -33.36 -0.91 -9.46
CA ASN A 28 -34.72 -0.69 -9.88
C ASN A 28 -35.04 -1.11 -11.34
N GLY A 29 -34.14 -0.85 -12.27
CA GLY A 29 -34.25 -1.39 -13.61
C GLY A 29 -34.30 -2.89 -13.67
N LEU A 30 -33.39 -3.56 -12.98
CA LEU A 30 -33.38 -4.99 -12.94
C LEU A 30 -34.68 -5.53 -12.28
N LEU A 31 -35.13 -4.88 -11.20
CA LEU A 31 -36.36 -5.36 -10.59
C LEU A 31 -37.54 -5.22 -11.56
N SER A 32 -37.54 -4.13 -12.32
CA SER A 32 -38.70 -3.84 -13.16
C SER A 32 -38.83 -4.90 -14.29
N ILE A 33 -37.72 -5.50 -14.76
CA ILE A 33 -37.81 -6.57 -15.75
C ILE A 33 -37.98 -7.99 -15.11
N GLY A 34 -38.00 -8.10 -13.80
CA GLY A 34 -38.23 -9.36 -13.04
C GLY A 34 -36.96 -10.01 -12.46
N ALA A 35 -35.79 -9.39 -12.70
CA ALA A 35 -34.55 -9.96 -12.20
C ALA A 35 -34.41 -9.72 -10.68
N SER A 36 -33.39 -10.34 -10.08
CA SER A 36 -33.16 -10.14 -8.65
C SER A 36 -31.79 -9.54 -8.47
N PRO A 37 -31.71 -8.20 -8.37
CA PRO A 37 -30.37 -7.57 -8.21
C PRO A 37 -29.77 -7.78 -6.79
N ALA A 38 -28.48 -7.90 -6.71
CA ALA A 38 -27.75 -7.88 -5.46
C ALA A 38 -26.46 -7.08 -5.64
N MET A 39 -26.33 -5.99 -4.93
CA MET A 39 -25.11 -5.17 -4.97
C MET A 39 -24.11 -5.66 -3.92
N SER A 40 -23.56 -6.80 -4.15
CA SER A 40 -22.59 -7.35 -3.26
C SER A 40 -21.18 -6.94 -3.71
N GLU A 41 -20.42 -6.38 -2.78
CA GLU A 41 -19.07 -5.87 -3.07
C GLU A 41 -17.93 -6.47 -2.26
N ALA A 42 -18.27 -7.35 -1.31
CA ALA A 42 -17.30 -7.96 -0.44
C ALA A 42 -16.76 -9.21 -1.06
N PRO A 43 -15.43 -9.23 -1.34
CA PRO A 43 -14.86 -10.45 -1.86
C PRO A 43 -15.09 -11.66 -0.96
N GLU A 44 -15.28 -11.42 0.32
CA GLU A 44 -15.43 -12.53 1.35
C GLU A 44 -16.71 -13.35 1.13
N GLU A 45 -17.68 -12.81 0.41
CA GLU A 45 -18.92 -13.55 0.15
C GLU A 45 -19.13 -13.86 -1.34
N ALA A 46 -18.12 -13.57 -2.16
CA ALA A 46 -18.29 -13.78 -3.61
C ALA A 46 -18.43 -15.24 -3.97
N GLU A 47 -17.65 -16.10 -3.35
CA GLU A 47 -17.73 -17.50 -3.67
C GLU A 47 -19.14 -18.10 -3.43
N GLU A 48 -19.77 -17.76 -2.32
CA GLU A 48 -21.08 -18.32 -2.00
C GLU A 48 -22.16 -17.68 -2.83
N PHE A 49 -22.09 -16.38 -3.04
CA PHE A 49 -23.10 -15.69 -3.90
C PHE A 49 -23.01 -16.21 -5.32
N TYR A 50 -21.80 -16.38 -5.85
CA TYR A 50 -21.60 -16.56 -7.29
C TYR A 50 -22.01 -17.95 -7.73
N LYS A 51 -21.88 -18.92 -6.83
CA LYS A 51 -22.37 -20.30 -7.06
C LYS A 51 -23.85 -20.34 -7.48
N VAL A 52 -24.65 -19.48 -6.92
CA VAL A 52 -26.08 -19.44 -7.20
C VAL A 52 -26.53 -18.27 -8.14
N ALA A 53 -25.62 -17.36 -8.49
CA ALA A 53 -25.96 -16.23 -9.35
C ALA A 53 -25.98 -16.62 -10.83
N GLN A 54 -26.59 -15.76 -11.62
CA GLN A 54 -26.67 -15.96 -13.07
C GLN A 54 -25.74 -15.07 -13.93
N ALA A 55 -25.28 -13.95 -13.35
CA ALA A 55 -24.28 -13.11 -13.94
C ALA A 55 -23.75 -12.11 -12.94
N LEU A 56 -22.64 -11.49 -13.33
CA LEU A 56 -21.99 -10.37 -12.63
C LEU A 56 -21.80 -9.19 -13.56
N LEU A 57 -22.21 -8.01 -13.12
CA LEU A 57 -21.84 -6.74 -13.74
C LEU A 57 -20.67 -6.08 -12.99
N ILE A 58 -19.64 -5.68 -13.72
CA ILE A 58 -18.53 -4.81 -13.21
C ILE A 58 -18.57 -3.50 -14.02
N ASN A 59 -18.77 -2.38 -13.34
CA ASN A 59 -18.83 -1.04 -13.94
C ASN A 59 -17.94 -0.13 -13.13
N ILE A 60 -16.96 0.49 -13.79
CA ILE A 60 -15.91 1.32 -13.11
C ILE A 60 -16.15 2.84 -13.11
N GLY A 61 -17.41 3.24 -13.16
CA GLY A 61 -17.74 4.64 -13.22
C GLY A 61 -17.17 5.52 -12.10
N THR A 62 -17.02 4.97 -10.90
CA THR A 62 -16.47 5.76 -9.80
C THR A 62 -15.24 5.02 -9.22
N LEU A 63 -14.42 4.47 -10.11
CA LEU A 63 -13.24 3.71 -9.69
C LEU A 63 -12.38 4.50 -8.72
N THR A 64 -12.01 3.87 -7.57
CA THR A 64 -10.96 4.42 -6.68
C THR A 64 -10.05 3.30 -6.16
N ALA A 65 -9.01 3.66 -5.44
CA ALA A 65 -8.08 2.64 -4.91
C ALA A 65 -8.81 1.61 -4.05
N GLN A 66 -9.82 2.02 -3.31
CA GLN A 66 -10.59 1.10 -2.51
C GLN A 66 -11.21 -0.05 -3.32
N ASN A 67 -11.52 0.18 -4.61
CA ASN A 67 -12.15 -0.79 -5.47
C ASN A 67 -11.17 -1.67 -6.22
N GLU A 68 -9.96 -1.18 -6.54
CA GLU A 68 -9.15 -1.84 -7.56
C GLU A 68 -8.89 -3.31 -7.27
N GLN A 69 -8.26 -3.58 -6.13
CA GLN A 69 -7.92 -4.97 -5.79
C GLN A 69 -9.11 -5.89 -5.61
N ASP A 70 -10.18 -5.38 -5.03
CA ASP A 70 -11.41 -6.14 -4.84
C ASP A 70 -12.03 -6.55 -6.22
N ILE A 71 -12.05 -5.62 -7.19
CA ILE A 71 -12.58 -5.93 -8.52
C ILE A 71 -11.78 -7.07 -9.18
N ILE A 72 -10.46 -6.98 -9.12
CA ILE A 72 -9.62 -8.03 -9.67
C ILE A 72 -9.93 -9.36 -8.99
N ALA A 73 -10.01 -9.36 -7.67
CA ALA A 73 -10.28 -10.60 -6.91
C ALA A 73 -11.65 -11.20 -7.27
N ILE A 74 -12.68 -10.38 -7.36
CA ILE A 74 -14.04 -10.94 -7.63
C ILE A 74 -14.19 -11.38 -9.06
N ALA A 75 -13.47 -10.75 -9.98
CA ALA A 75 -13.45 -11.24 -11.38
C ALA A 75 -12.86 -12.64 -11.45
N GLN A 76 -11.78 -12.85 -10.72
CA GLN A 76 -11.18 -14.18 -10.69
C GLN A 76 -12.16 -15.18 -10.08
N THR A 77 -12.80 -14.81 -8.99
CA THR A 77 -13.76 -15.70 -8.33
C THR A 77 -14.90 -16.02 -9.29
N ALA A 78 -15.34 -15.05 -10.06
CA ALA A 78 -16.36 -15.31 -11.10
C ALA A 78 -15.87 -16.31 -12.16
N ASN A 79 -14.71 -16.07 -12.71
CA ASN A 79 -14.11 -17.02 -13.68
C ASN A 79 -14.07 -18.46 -13.09
N GLU A 80 -13.58 -18.60 -11.87
CA GLU A 80 -13.52 -19.94 -11.21
C GLU A 80 -14.89 -20.59 -11.03
N ALA A 81 -15.92 -19.79 -10.77
CA ALA A 81 -17.27 -20.29 -10.58
C ALA A 81 -18.06 -20.52 -11.92
N GLY A 82 -17.50 -20.12 -13.06
CA GLY A 82 -18.21 -20.13 -14.35
C GLY A 82 -19.30 -19.04 -14.43
N LEU A 83 -19.17 -17.95 -13.67
CA LEU A 83 -20.16 -16.89 -13.68
C LEU A 83 -19.82 -15.85 -14.77
N PRO A 84 -20.73 -15.63 -15.72
CA PRO A 84 -20.43 -14.61 -16.78
C PRO A 84 -20.29 -13.20 -16.25
N ILE A 85 -19.32 -12.46 -16.79
CA ILE A 85 -19.08 -11.09 -16.42
C ILE A 85 -19.42 -10.10 -17.58
N VAL A 86 -20.24 -9.10 -17.28
CA VAL A 86 -20.50 -7.95 -18.16
C VAL A 86 -19.62 -6.82 -17.64
N PHE A 87 -18.74 -6.29 -18.51
CA PHE A 87 -17.79 -5.25 -18.10
C PHE A 87 -18.11 -3.93 -18.81
N ASP A 88 -18.28 -2.88 -18.02
CA ASP A 88 -18.53 -1.54 -18.52
C ASP A 88 -17.33 -0.60 -18.18
N PRO A 89 -16.41 -0.38 -19.15
CA PRO A 89 -15.21 0.45 -18.94
C PRO A 89 -15.54 1.95 -19.04
N VAL A 90 -16.36 2.43 -18.12
CA VAL A 90 -16.84 3.80 -18.13
C VAL A 90 -15.73 4.80 -18.18
N ALA A 91 -15.78 5.66 -19.19
CA ALA A 91 -14.81 6.79 -19.35
C ALA A 91 -13.36 6.34 -19.38
N VAL A 92 -13.09 5.15 -19.88
CA VAL A 92 -11.71 4.65 -19.94
C VAL A 92 -10.76 5.56 -20.71
N GLY A 93 -11.27 6.24 -21.72
CA GLY A 93 -10.49 7.19 -22.53
C GLY A 93 -10.15 8.49 -21.81
N ALA A 94 -10.77 8.77 -20.64
CA ALA A 94 -10.57 10.04 -19.95
C ALA A 94 -9.36 10.10 -19.01
N SER A 95 -8.80 8.96 -18.59
CA SER A 95 -7.57 8.97 -17.78
C SER A 95 -6.67 7.76 -17.97
N THR A 96 -5.39 7.97 -17.80
CA THR A 96 -4.43 6.89 -17.79
C THR A 96 -4.71 5.93 -16.62
N TYR A 97 -5.17 6.46 -15.49
CA TYR A 97 -5.65 5.65 -14.34
C TYR A 97 -6.65 4.57 -14.76
N ARG A 98 -7.72 4.96 -15.44
CA ARG A 98 -8.72 4.00 -15.91
C ARG A 98 -8.22 3.09 -17.03
N LYS A 99 -7.45 3.63 -17.98
CA LYS A 99 -6.80 2.80 -19.04
C LYS A 99 -5.95 1.71 -18.48
N GLN A 100 -5.06 2.04 -17.56
CA GLN A 100 -4.17 1.05 -16.96
C GLN A 100 -4.97 0.01 -16.18
N PHE A 101 -5.98 0.44 -15.44
CA PHE A 101 -6.80 -0.51 -14.71
C PHE A 101 -7.53 -1.50 -15.65
N CYS A 102 -8.20 -0.99 -16.68
CA CYS A 102 -8.96 -1.83 -17.57
C CYS A 102 -8.06 -2.85 -18.31
N LYS A 103 -6.87 -2.40 -18.72
CA LYS A 103 -5.87 -3.29 -19.27
C LYS A 103 -5.47 -4.40 -18.29
N LEU A 104 -5.14 -4.04 -17.05
CA LEU A 104 -4.84 -5.03 -16.02
C LEU A 104 -6.02 -6.02 -15.82
N LEU A 105 -7.24 -5.53 -15.74
CA LEU A 105 -8.38 -6.40 -15.52
C LEU A 105 -8.50 -7.42 -16.64
N LEU A 106 -8.43 -6.96 -17.89
CA LEU A 106 -8.68 -7.83 -19.04
C LEU A 106 -7.53 -8.80 -19.32
N LYS A 107 -6.36 -8.53 -18.73
CA LYS A 107 -5.25 -9.49 -18.73
C LYS A 107 -5.40 -10.50 -17.55
N SER A 108 -6.15 -10.16 -16.52
CA SER A 108 -6.31 -11.02 -15.36
C SER A 108 -7.53 -11.98 -15.43
N ALA A 109 -8.53 -11.62 -16.24
CA ALA A 109 -9.79 -12.33 -16.22
C ALA A 109 -10.47 -12.30 -17.58
N LYS A 110 -11.25 -13.32 -17.84
CA LYS A 110 -12.01 -13.44 -19.06
C LYS A 110 -13.40 -12.88 -18.75
N VAL A 111 -13.85 -11.91 -19.52
CA VAL A 111 -15.22 -11.41 -19.42
C VAL A 111 -16.06 -11.94 -20.56
N SER A 112 -17.40 -11.86 -20.41
CA SER A 112 -18.32 -12.46 -21.37
C SER A 112 -18.96 -11.40 -22.32
N VAL A 113 -19.11 -10.18 -21.84
CA VAL A 113 -19.55 -9.04 -22.66
C VAL A 113 -18.75 -7.79 -22.23
N ILE A 114 -18.29 -7.02 -23.21
CA ILE A 114 -17.72 -5.71 -22.97
C ILE A 114 -18.66 -4.72 -23.62
N LYS A 115 -19.15 -3.79 -22.83
CA LYS A 115 -20.13 -2.82 -23.29
C LYS A 115 -19.62 -1.39 -23.05
N GLY A 116 -19.70 -0.56 -24.08
CA GLY A 116 -19.32 0.83 -23.97
C GLY A 116 -19.71 1.67 -25.16
N ASN A 117 -19.41 2.96 -25.11
CA ASN A 117 -19.53 3.80 -26.32
C ASN A 117 -18.31 3.67 -27.22
N ALA A 118 -18.38 4.23 -28.42
CA ALA A 118 -17.34 4.00 -29.42
C ALA A 118 -15.99 4.52 -28.92
N SER A 119 -16.04 5.64 -28.21
CA SER A 119 -14.84 6.25 -27.71
C SER A 119 -14.18 5.39 -26.61
N GLU A 120 -14.99 4.77 -25.77
CA GLU A 120 -14.50 3.88 -24.72
C GLU A 120 -13.86 2.64 -25.32
N ILE A 121 -14.56 1.99 -26.25
CA ILE A 121 -14.02 0.78 -26.84
C ILE A 121 -12.77 1.04 -27.66
N LEU A 122 -12.75 2.16 -28.38
CA LEU A 122 -11.55 2.57 -29.12
C LEU A 122 -10.34 2.75 -28.18
N ALA A 123 -10.57 3.34 -27.02
CA ALA A 123 -9.47 3.61 -26.05
C ALA A 123 -8.91 2.29 -25.53
N LEU A 124 -9.77 1.30 -25.38
CA LEU A 124 -9.33 -0.04 -24.93
C LEU A 124 -8.37 -0.69 -25.91
N ILE A 125 -8.65 -0.57 -27.21
CA ILE A 125 -7.85 -1.22 -28.22
C ILE A 125 -6.61 -0.41 -28.60
N ASP A 126 -6.58 0.85 -28.15
CA ASP A 126 -5.29 1.60 -27.77
C ASP A 126 -5.48 3.10 -27.81
N LEU A 140 -12.54 5.54 -37.73
CA LEU A 140 -13.18 4.22 -37.66
C LEU A 140 -14.67 4.31 -37.25
N ASP A 141 -15.54 3.65 -38.00
CA ASP A 141 -16.93 3.50 -37.60
C ASP A 141 -17.05 2.48 -36.44
N ALA A 142 -18.23 2.44 -35.83
CA ALA A 142 -18.45 1.63 -34.65
C ALA A 142 -18.34 0.15 -34.97
N VAL A 143 -18.76 -0.23 -36.16
CA VAL A 143 -18.70 -1.65 -36.54
C VAL A 143 -17.24 -2.12 -36.66
N THR A 144 -16.39 -1.28 -37.26
CA THR A 144 -14.97 -1.61 -37.38
C THR A 144 -14.31 -1.70 -36.01
N ILE A 145 -14.61 -0.75 -35.13
CA ILE A 145 -14.07 -0.75 -33.76
C ILE A 145 -14.52 -2.01 -33.01
N ALA A 146 -15.81 -2.33 -33.10
CA ALA A 146 -16.32 -3.53 -32.44
C ALA A 146 -15.63 -4.83 -32.94
N LYS A 147 -15.47 -4.96 -34.24
CA LYS A 147 -14.80 -6.13 -34.82
C LYS A 147 -13.32 -6.25 -34.37
N LYS A 148 -12.59 -5.14 -34.37
CA LYS A 148 -11.21 -5.12 -33.87
C LYS A 148 -11.15 -5.53 -32.39
N ALA A 149 -12.06 -5.00 -31.57
CA ALA A 149 -12.11 -5.37 -30.16
C ALA A 149 -12.45 -6.85 -29.97
N TYR A 150 -13.40 -7.34 -30.76
CA TYR A 150 -13.73 -8.76 -30.73
C TYR A 150 -12.49 -9.63 -31.06
N ALA A 151 -11.74 -9.24 -32.07
CA ALA A 151 -10.51 -9.98 -32.48
C ALA A 151 -9.46 -9.98 -31.38
N ILE A 152 -9.36 -8.90 -30.63
CA ILE A 152 -8.41 -8.83 -29.53
C ILE A 152 -8.83 -9.62 -28.27
N TYR A 153 -10.08 -9.46 -27.82
CA TYR A 153 -10.54 -10.09 -26.54
C TYR A 153 -11.34 -11.37 -26.68
N LYS A 154 -11.68 -11.77 -27.90
CA LYS A 154 -12.55 -12.93 -28.18
C LYS A 154 -13.73 -12.98 -27.19
N THR A 155 -14.46 -11.85 -27.10
CA THR A 155 -15.53 -11.65 -26.14
C THR A 155 -16.59 -10.76 -26.83
N ALA A 156 -17.85 -11.03 -26.57
CA ALA A 156 -18.93 -10.23 -27.19
C ALA A 156 -18.65 -8.74 -26.93
N ILE A 157 -18.86 -7.89 -27.93
CA ILE A 157 -18.73 -6.46 -27.79
C ILE A 157 -20.06 -5.81 -28.12
N VAL A 158 -20.48 -4.88 -27.26
CA VAL A 158 -21.69 -4.04 -27.52
C VAL A 158 -21.23 -2.60 -27.51
N ILE A 159 -21.41 -1.89 -28.61
CA ILE A 159 -21.08 -0.47 -28.66
C ILE A 159 -22.37 0.30 -28.79
N THR A 160 -22.65 1.13 -27.79
CA THR A 160 -23.83 1.99 -27.77
C THR A 160 -23.53 3.29 -28.51
N GLY A 161 -24.55 3.84 -29.14
CA GLY A 161 -24.41 5.08 -29.95
C GLY A 161 -25.74 5.46 -30.54
N LYS A 162 -25.71 6.30 -31.54
CA LYS A 162 -26.93 6.67 -32.30
C LYS A 162 -27.57 5.39 -32.85
N GLU A 163 -26.78 4.59 -33.55
CA GLU A 163 -27.09 3.16 -33.72
C GLU A 163 -26.23 2.29 -32.79
N ASP A 164 -26.77 1.16 -32.35
CA ASP A 164 -26.03 0.24 -31.50
C ASP A 164 -25.48 -0.91 -32.32
N VAL A 165 -24.31 -1.38 -31.93
CA VAL A 165 -23.61 -2.42 -32.61
C VAL A 165 -23.32 -3.56 -31.63
N ILE A 166 -23.59 -4.79 -32.08
CA ILE A 166 -23.25 -5.97 -31.31
C ILE A 166 -22.44 -6.92 -32.17
N VAL A 167 -21.30 -7.37 -31.65
CA VAL A 167 -20.48 -8.38 -32.31
C VAL A 167 -20.31 -9.58 -31.38
N GLN A 168 -20.75 -10.75 -31.83
CA GLN A 168 -20.57 -12.00 -31.08
C GLN A 168 -20.50 -13.21 -32.01
N GLY A 169 -19.59 -14.14 -31.72
CA GLY A 169 -19.44 -15.31 -32.59
C GLY A 169 -19.17 -14.94 -34.05
N ASP A 170 -20.00 -15.47 -34.95
CA ASP A 170 -19.83 -15.23 -36.40
C ASP A 170 -20.72 -14.10 -36.93
N LYS A 171 -21.21 -13.20 -36.08
CA LYS A 171 -22.11 -12.16 -36.54
C LYS A 171 -21.85 -10.77 -35.99
N ALA A 172 -22.22 -9.78 -36.79
CA ALA A 172 -22.24 -8.39 -36.38
C ALA A 172 -23.60 -7.85 -36.74
N ILE A 173 -24.24 -7.17 -35.80
CA ILE A 173 -25.53 -6.57 -36.03
C ILE A 173 -25.59 -5.09 -35.63
N VAL A 174 -26.33 -4.30 -36.42
CA VAL A 174 -26.61 -2.93 -36.13
C VAL A 174 -28.09 -2.73 -35.79
N LEU A 175 -28.40 -2.08 -34.67
CA LEU A 175 -29.74 -1.81 -34.20
C LEU A 175 -30.06 -0.30 -34.13
N ALA A 176 -31.34 0.09 -34.29
CA ALA A 176 -31.72 1.52 -34.37
C ALA A 176 -32.91 1.99 -33.48
N ASN A 177 -32.91 1.71 -32.18
CA ASN A 177 -34.03 2.16 -31.30
C ASN A 177 -33.60 3.15 -30.17
N GLY A 178 -34.59 3.75 -29.47
CA GLY A 178 -34.36 4.56 -28.21
C GLY A 178 -34.84 6.03 -28.25
N SER A 179 -34.30 6.92 -27.39
CA SER A 179 -34.78 8.33 -27.28
C SER A 179 -33.69 9.36 -26.87
N PRO A 180 -33.84 10.61 -27.27
CA PRO A 180 -32.94 11.71 -26.82
C PRO A 180 -32.95 11.93 -25.31
N LEU A 181 -34.12 11.75 -24.68
CA LEU A 181 -34.20 11.84 -23.23
C LEU A 181 -33.35 10.84 -22.46
N LEU A 182 -33.04 9.70 -23.05
CA LEU A 182 -32.18 8.72 -22.48
C LEU A 182 -30.72 9.27 -22.26
N ALA A 183 -30.21 10.16 -23.13
CA ALA A 183 -28.88 10.80 -22.88
C ALA A 183 -28.84 11.79 -21.67
N ARG A 184 -29.99 12.21 -21.13
CA ARG A 184 -30.09 13.23 -20.10
C ARG A 184 -30.49 12.59 -18.77
N VAL A 185 -30.40 11.29 -18.71
CA VAL A 185 -30.63 10.60 -17.50
C VAL A 185 -29.34 9.88 -17.08
N THR A 186 -28.80 10.23 -15.91
CA THR A 186 -27.51 9.61 -15.45
C THR A 186 -27.62 8.07 -15.22
N GLY A 187 -26.66 7.33 -15.70
CA GLY A 187 -26.80 5.85 -15.60
C GLY A 187 -27.97 5.14 -16.34
N ALA A 188 -28.57 5.78 -17.38
CA ALA A 188 -29.33 5.04 -18.48
C ALA A 188 -28.40 3.99 -19.04
N GLY A 189 -27.19 4.39 -19.48
CA GLY A 189 -26.34 3.43 -20.13
C GLY A 189 -25.76 2.53 -19.13
N CYS A 190 -25.60 3.06 -17.90
CA CYS A 190 -24.99 2.23 -16.85
C CYS A 190 -26.01 1.14 -16.44
N LEU A 191 -27.30 1.50 -16.53
CA LEU A 191 -28.37 0.54 -16.33
C LEU A 191 -28.36 -0.53 -17.47
N LEU A 192 -28.01 -0.14 -18.70
CA LEU A 192 -28.04 -1.10 -19.82
C LEU A 192 -27.08 -2.25 -19.58
N GLY A 193 -25.91 -1.94 -19.03
CA GLY A 193 -24.98 -2.99 -18.64
C GLY A 193 -25.57 -4.00 -17.65
N GLY A 194 -26.33 -3.53 -16.66
CA GLY A 194 -27.08 -4.42 -15.78
C GLY A 194 -28.16 -5.23 -16.47
N ILE A 195 -28.93 -4.57 -17.37
CA ILE A 195 -29.97 -5.29 -18.11
C ILE A 195 -29.35 -6.43 -18.87
N ILE A 196 -28.27 -6.13 -19.61
CA ILE A 196 -27.56 -7.18 -20.35
C ILE A 196 -27.24 -8.33 -19.39
N ALA A 197 -26.68 -8.02 -18.25
CA ALA A 197 -26.31 -9.11 -17.29
C ALA A 197 -27.54 -9.95 -16.90
N GLY A 198 -28.73 -9.30 -16.89
CA GLY A 198 -29.96 -9.98 -16.57
C GLY A 198 -30.47 -10.97 -17.61
N PHE A 199 -29.93 -10.88 -18.81
CA PHE A 199 -30.27 -11.74 -19.94
C PHE A 199 -29.32 -12.90 -20.15
N LEU A 200 -28.26 -13.04 -19.32
CA LEU A 200 -27.23 -14.08 -19.62
C LEU A 200 -27.52 -15.55 -19.17
N PHE A 201 -28.32 -15.72 -18.13
CA PHE A 201 -28.68 -17.03 -17.60
C PHE A 201 -27.47 -17.94 -17.45
N ARG A 202 -26.38 -17.40 -16.97
CA ARG A 202 -25.15 -18.16 -16.65
C ARG A 202 -24.41 -18.71 -17.87
N GLU A 203 -24.61 -18.12 -19.03
CA GLU A 203 -23.87 -18.48 -20.25
C GLU A 203 -22.66 -17.61 -20.38
N THR A 204 -21.47 -18.20 -20.27
CA THR A 204 -20.26 -17.46 -20.45
C THR A 204 -19.94 -17.05 -21.92
N GLU A 205 -20.54 -17.74 -22.90
CA GLU A 205 -20.50 -17.30 -24.32
C GLU A 205 -21.97 -17.06 -24.80
N PRO A 206 -22.57 -15.94 -24.41
CA PRO A 206 -23.99 -15.81 -24.68
C PRO A 206 -24.32 -15.79 -26.18
N ASP A 207 -25.47 -16.35 -26.49
CA ASP A 207 -26.03 -16.24 -27.81
C ASP A 207 -26.20 -14.76 -28.14
N ILE A 208 -25.85 -14.40 -29.37
CA ILE A 208 -26.13 -13.04 -29.85
C ILE A 208 -27.63 -12.62 -29.68
N GLU A 209 -28.54 -13.58 -29.84
CA GLU A 209 -29.98 -13.28 -29.71
C GLU A 209 -30.35 -12.73 -28.33
N ALA A 210 -29.65 -13.20 -27.28
CA ALA A 210 -29.87 -12.69 -25.94
C ALA A 210 -29.41 -11.23 -25.78
N LEU A 211 -28.29 -10.89 -26.41
CA LEU A 211 -27.76 -9.56 -26.42
C LEU A 211 -28.64 -8.61 -27.23
N ILE A 212 -29.10 -9.06 -28.39
CA ILE A 212 -30.02 -8.26 -29.23
C ILE A 212 -31.32 -7.93 -28.45
N GLU A 213 -31.87 -8.94 -27.75
CA GLU A 213 -33.10 -8.75 -27.01
C GLU A 213 -32.87 -7.78 -25.87
N ALA A 214 -31.79 -7.91 -25.15
CA ALA A 214 -31.51 -7.03 -24.02
C ALA A 214 -31.43 -5.57 -24.47
N VAL A 215 -30.66 -5.30 -25.53
CA VAL A 215 -30.46 -3.91 -26.03
C VAL A 215 -31.78 -3.36 -26.61
N SER A 216 -32.53 -4.23 -27.28
CA SER A 216 -33.79 -3.82 -27.89
C SER A 216 -34.91 -3.59 -26.85
N VAL A 217 -34.98 -4.43 -25.83
CA VAL A 217 -35.92 -4.23 -24.71
C VAL A 217 -35.69 -2.83 -24.06
N PHE A 218 -34.44 -2.53 -23.77
CA PHE A 218 -34.12 -1.25 -23.21
C PHE A 218 -34.47 -0.05 -24.10
N ASN A 219 -34.02 -0.10 -25.34
CA ASN A 219 -34.22 1.03 -26.23
C ASN A 219 -35.69 1.22 -26.62
N ILE A 220 -36.41 0.11 -26.76
CA ILE A 220 -37.86 0.19 -27.08
C ILE A 220 -38.60 0.77 -25.91
N ALA A 221 -38.29 0.29 -24.68
CA ALA A 221 -38.91 0.87 -23.48
C ALA A 221 -38.64 2.38 -23.34
N ALA A 222 -37.44 2.79 -23.69
CA ALA A 222 -37.09 4.26 -23.68
C ALA A 222 -37.87 5.06 -24.65
N GLU A 223 -38.03 4.50 -25.85
CA GLU A 223 -38.80 5.14 -26.89
C GLU A 223 -40.27 5.32 -26.48
N VAL A 224 -40.86 4.25 -25.96
CA VAL A 224 -42.27 4.29 -25.58
C VAL A 224 -42.52 5.20 -24.34
N ALA A 225 -41.62 5.14 -23.32
CA ALA A 225 -41.70 6.06 -22.20
C ALA A 225 -41.67 7.55 -22.64
N ALA A 226 -40.75 7.89 -23.52
CA ALA A 226 -40.66 9.27 -23.98
C ALA A 226 -41.90 9.73 -24.76
N GLU A 227 -42.66 8.80 -25.36
CA GLU A 227 -43.97 9.17 -26.02
C GLU A 227 -45.15 9.28 -25.06
N ASN A 228 -45.00 8.86 -23.83
CA ASN A 228 -46.11 8.88 -22.86
C ASN A 228 -46.53 10.33 -22.65
N GLU A 229 -47.85 10.56 -22.56
CA GLU A 229 -48.40 11.91 -22.37
C GLU A 229 -47.84 12.56 -21.09
N ASN A 230 -47.55 11.76 -20.08
CA ASN A 230 -47.09 12.25 -18.79
C ASN A 230 -45.57 12.45 -18.70
N CYS A 231 -44.87 12.24 -19.80
CA CYS A 231 -43.42 12.45 -19.83
C CYS A 231 -43.18 13.90 -20.10
N GLY A 232 -42.74 14.67 -19.10
CA GLY A 232 -42.54 16.12 -19.30
C GLY A 232 -41.10 16.57 -19.37
N GLY A 233 -40.18 15.63 -19.44
CA GLY A 233 -38.78 15.94 -19.43
C GLY A 233 -37.96 14.85 -18.75
N PRO A 234 -36.66 15.09 -18.53
CA PRO A 234 -35.74 14.03 -18.05
C PRO A 234 -36.06 13.52 -16.62
N GLY A 235 -36.71 14.37 -15.81
CA GLY A 235 -37.13 13.99 -14.43
C GLY A 235 -38.29 13.01 -14.42
N THR A 236 -39.36 13.32 -15.16
CA THR A 236 -40.50 12.38 -15.26
C THR A 236 -40.26 11.20 -16.15
N PHE A 237 -39.26 11.30 -17.07
CA PHE A 237 -38.93 10.17 -17.94
C PHE A 237 -38.49 8.94 -17.09
N SER A 238 -37.63 9.19 -16.09
CA SER A 238 -36.99 8.04 -15.46
C SER A 238 -37.99 7.04 -14.75
N PRO A 239 -39.00 7.57 -13.99
CA PRO A 239 -40.05 6.70 -13.49
C PRO A 239 -40.83 5.98 -14.60
N LEU A 240 -41.14 6.72 -15.68
CA LEU A 240 -41.81 6.15 -16.82
C LEU A 240 -41.03 5.08 -17.54
N LEU A 241 -39.72 5.17 -17.59
CA LEU A 241 -38.92 4.14 -18.20
C LEU A 241 -39.09 2.88 -17.40
N LEU A 242 -38.98 2.98 -16.06
CA LEU A 242 -39.20 1.77 -15.19
C LEU A 242 -40.59 1.15 -15.38
N ASP A 243 -41.66 1.95 -15.41
CA ASP A 243 -42.94 1.43 -15.69
C ASP A 243 -42.99 0.69 -17.04
N THR A 244 -42.41 1.28 -18.10
CA THR A 244 -42.48 0.73 -19.42
C THR A 244 -41.74 -0.55 -19.53
N LEU A 245 -40.58 -0.64 -18.90
CA LEU A 245 -39.87 -1.94 -18.76
C LEU A 245 -40.69 -3.02 -18.00
N TYR A 246 -41.40 -2.58 -16.98
CA TYR A 246 -42.26 -3.51 -16.22
C TYR A 246 -43.43 -4.06 -17.07
N HIS A 247 -44.04 -3.23 -17.88
CA HIS A 247 -45.19 -3.60 -18.68
C HIS A 247 -44.88 -4.13 -20.10
N LEU A 248 -43.65 -4.02 -20.57
CA LEU A 248 -43.31 -4.28 -21.99
C LEU A 248 -43.81 -5.67 -22.44
N ASN A 249 -44.59 -5.69 -23.54
CA ASN A 249 -45.14 -6.94 -24.02
C ASN A 249 -44.59 -7.35 -25.41
N GLU A 250 -44.98 -8.52 -25.89
CA GLU A 250 -44.45 -9.03 -27.16
C GLU A 250 -44.96 -8.19 -28.32
N THR A 251 -46.20 -7.74 -28.25
CA THR A 251 -46.77 -7.00 -29.38
C THR A 251 -45.96 -5.73 -29.58
N THR A 252 -45.69 -5.00 -28.50
CA THR A 252 -44.99 -3.73 -28.57
C THR A 252 -43.55 -3.99 -29.06
N TYR A 253 -42.89 -4.98 -28.51
CA TYR A 253 -41.56 -5.37 -28.95
C TYR A 253 -41.45 -5.65 -30.42
N GLN A 254 -42.29 -6.54 -30.90
CA GLN A 254 -42.30 -6.87 -32.31
C GLN A 254 -42.65 -5.68 -33.25
N GLN A 255 -43.67 -4.88 -32.91
CA GLN A 255 -44.02 -3.68 -33.69
C GLN A 255 -42.85 -2.71 -33.79
N ARG A 256 -42.01 -2.62 -32.76
CA ARG A 256 -41.07 -1.49 -32.63
C ARG A 256 -39.64 -1.82 -33.00
N ILE A 257 -39.25 -3.08 -32.95
CA ILE A 257 -37.84 -3.41 -33.09
C ILE A 257 -37.29 -2.99 -34.46
N ARG A 258 -36.10 -2.40 -34.51
CA ARG A 258 -35.52 -1.98 -35.82
C ARG A 258 -34.11 -2.53 -35.93
N ILE A 259 -33.98 -3.61 -36.66
CA ILE A 259 -32.67 -4.09 -37.05
C ILE A 259 -32.27 -3.39 -38.32
N GLN A 260 -31.06 -2.85 -38.35
CA GLN A 260 -30.52 -2.05 -39.49
C GLN A 260 -29.76 -2.91 -40.50
N GLU A 261 -28.83 -3.73 -40.03
CA GLU A 261 -28.08 -4.62 -40.94
C GLU A 261 -27.48 -5.76 -40.15
N VAL A 262 -27.32 -6.91 -40.78
CA VAL A 262 -26.68 -8.10 -40.19
C VAL A 262 -25.59 -8.66 -41.14
N GLU A 263 -24.38 -8.83 -40.62
CA GLU A 263 -23.27 -9.48 -41.34
C GLU A 263 -22.92 -10.81 -40.71
N GLU A 264 -22.76 -11.85 -41.53
CA GLU A 264 -22.30 -13.13 -41.04
C GLU A 264 -20.87 -13.51 -41.45
N ASN A 265 -20.04 -13.87 -40.48
CA ASN A 265 -18.67 -14.43 -40.66
C ASN A 265 -17.76 -13.52 -41.49
N MET B 1 -31.02 35.45 -18.05
CA MET B 1 -30.51 34.08 -18.39
C MET B 1 -29.26 33.87 -19.29
N ASN B 2 -28.37 34.83 -19.16
CA ASN B 2 -27.11 34.81 -19.82
C ASN B 2 -26.26 33.53 -19.59
N TYR B 3 -25.95 33.19 -18.34
CA TYR B 3 -25.12 32.03 -18.06
C TYR B 3 -25.76 30.67 -18.39
N LEU B 4 -27.06 30.54 -18.13
CA LEU B 4 -27.76 29.26 -18.38
C LEU B 4 -27.76 28.87 -19.85
N ASN B 5 -27.96 29.86 -20.73
CA ASN B 5 -27.80 29.64 -22.15
C ASN B 5 -26.44 29.06 -22.50
N ASN B 6 -25.41 29.61 -21.90
CA ASN B 6 -24.03 29.12 -22.11
C ASN B 6 -23.75 27.72 -21.52
N ILE B 7 -24.36 27.39 -20.39
CA ILE B 7 -24.27 26.04 -19.89
C ILE B 7 -24.87 25.06 -20.92
N ARG B 8 -26.05 25.41 -21.46
CA ARG B 8 -26.72 24.51 -22.39
C ARG B 8 -25.92 24.25 -23.69
N ILE B 9 -25.20 25.24 -24.15
CA ILE B 9 -24.42 25.16 -25.38
C ILE B 9 -23.02 24.54 -25.15
N GLU B 10 -22.35 24.94 -24.07
CA GLU B 10 -20.97 24.49 -23.82
C GLU B 10 -20.87 23.16 -23.02
N ASN B 11 -21.93 22.77 -22.31
CA ASN B 11 -21.92 21.51 -21.56
C ASN B 11 -20.72 21.35 -20.62
N PRO B 12 -20.52 22.34 -19.72
CA PRO B 12 -19.33 22.35 -18.89
C PRO B 12 -19.14 21.08 -18.03
N LEU B 13 -17.94 20.50 -18.14
CA LEU B 13 -17.55 19.40 -17.25
C LEU B 13 -17.40 19.82 -15.79
N THR B 14 -18.21 19.27 -14.89
CA THR B 14 -18.38 19.76 -13.53
C THR B 14 -18.10 18.58 -12.61
N ILE B 15 -16.92 18.61 -12.00
CA ILE B 15 -16.48 17.45 -11.14
C ILE B 15 -17.15 17.56 -9.80
N CYS B 16 -17.77 16.49 -9.32
CA CYS B 16 -18.48 16.49 -8.03
C CYS B 16 -17.95 15.40 -7.08
N TYR B 17 -17.37 15.86 -5.97
CA TYR B 17 -16.92 14.99 -4.83
C TYR B 17 -17.96 15.27 -3.76
N THR B 18 -19.04 14.48 -3.78
CA THR B 18 -20.21 14.80 -2.95
C THR B 18 -20.59 13.58 -2.13
N ASN B 19 -21.65 13.74 -1.36
CA ASN B 19 -22.02 12.74 -0.39
C ASN B 19 -22.86 11.61 -0.98
N ASP B 20 -22.85 10.46 -0.32
CA ASP B 20 -23.47 9.23 -0.84
C ASP B 20 -25.01 9.26 -0.83
N VAL B 21 -25.61 10.27 -0.24
CA VAL B 21 -27.07 10.37 -0.30
C VAL B 21 -27.57 11.07 -1.52
N VAL B 22 -26.71 11.90 -2.13
CA VAL B 22 -27.20 12.86 -3.15
C VAL B 22 -26.51 12.76 -4.47
N LYS B 23 -25.62 11.79 -4.68
CA LYS B 23 -24.88 11.70 -5.92
C LYS B 23 -25.74 11.57 -7.19
N ASN B 24 -26.72 10.69 -7.19
CA ASN B 24 -27.56 10.54 -8.34
C ASN B 24 -28.38 11.78 -8.61
N PHE B 25 -28.99 12.36 -7.58
CA PHE B 25 -29.79 13.54 -7.77
C PHE B 25 -28.94 14.74 -8.25
N THR B 26 -27.74 14.86 -7.75
CA THR B 26 -26.85 15.93 -8.18
C THR B 26 -26.44 15.79 -9.66
N ALA B 27 -26.10 14.58 -10.08
CA ALA B 27 -25.77 14.33 -11.46
C ALA B 27 -26.97 14.61 -12.39
N ASN B 28 -28.13 14.14 -11.97
CA ASN B 28 -29.34 14.45 -12.75
C ASN B 28 -29.70 15.96 -12.86
N GLY B 29 -29.61 16.70 -11.79
CA GLY B 29 -29.81 18.16 -11.83
C GLY B 29 -28.85 18.89 -12.72
N LEU B 30 -27.56 18.53 -12.66
CA LEU B 30 -26.62 19.04 -13.58
C LEU B 30 -26.89 18.66 -15.03
N LEU B 31 -27.23 17.40 -15.29
CA LEU B 31 -27.59 17.01 -16.66
C LEU B 31 -28.86 17.79 -17.14
N SER B 32 -29.82 18.03 -16.25
CA SER B 32 -31.01 18.73 -16.67
C SER B 32 -30.75 20.20 -17.18
N ILE B 33 -29.76 20.93 -16.60
CA ILE B 33 -29.44 22.28 -17.05
C ILE B 33 -28.44 22.30 -18.23
N GLY B 34 -27.95 21.12 -18.65
CA GLY B 34 -27.00 21.02 -19.80
C GLY B 34 -25.53 20.76 -19.44
N ALA B 35 -25.21 20.71 -18.13
CA ALA B 35 -23.87 20.49 -17.70
C ALA B 35 -23.47 19.03 -17.87
N SER B 36 -22.19 18.76 -17.70
CA SER B 36 -21.69 17.39 -17.84
C SER B 36 -21.04 16.92 -16.50
N PRO B 37 -21.83 16.28 -15.64
CA PRO B 37 -21.33 15.94 -14.31
C PRO B 37 -20.36 14.75 -14.37
N ALA B 38 -19.33 14.76 -13.52
CA ALA B 38 -18.47 13.60 -13.35
C ALA B 38 -18.15 13.41 -11.88
N MET B 39 -18.63 12.32 -11.31
CA MET B 39 -18.36 12.04 -9.86
C MET B 39 -17.06 11.31 -9.69
N SER B 40 -15.96 12.02 -9.90
CA SER B 40 -14.65 11.39 -9.83
C SER B 40 -14.09 11.63 -8.42
N GLU B 41 -13.63 10.57 -7.76
CA GLU B 41 -13.09 10.62 -6.39
C GLU B 41 -11.66 10.13 -6.20
N ALA B 42 -11.03 9.65 -7.27
CA ALA B 42 -9.72 9.13 -7.24
C ALA B 42 -8.71 10.24 -7.46
N PRO B 43 -7.84 10.50 -6.46
CA PRO B 43 -6.80 11.50 -6.68
C PRO B 43 -5.91 11.16 -7.87
N GLU B 44 -5.83 9.90 -8.24
CA GLU B 44 -4.92 9.40 -9.31
C GLU B 44 -5.39 9.92 -10.70
N GLU B 45 -6.61 10.38 -10.84
CA GLU B 45 -7.04 10.93 -12.11
C GLU B 45 -7.42 12.40 -12.03
N ALA B 46 -7.18 13.03 -10.88
CA ALA B 46 -7.58 14.43 -10.70
C ALA B 46 -6.82 15.38 -11.62
N GLU B 47 -5.55 15.16 -11.76
CA GLU B 47 -4.77 16.04 -12.64
C GLU B 47 -5.26 16.05 -14.10
N GLU B 48 -5.51 14.88 -14.68
CA GLU B 48 -6.02 14.81 -16.06
C GLU B 48 -7.45 15.34 -16.20
N PHE B 49 -8.32 15.00 -15.28
CA PHE B 49 -9.69 15.51 -15.31
C PHE B 49 -9.73 17.02 -15.13
N TYR B 50 -8.97 17.56 -14.21
CA TYR B 50 -9.15 18.94 -13.79
C TYR B 50 -8.64 19.91 -14.85
N LYS B 51 -7.66 19.46 -15.63
CA LYS B 51 -7.14 20.27 -16.77
C LYS B 51 -8.28 20.72 -17.69
N VAL B 52 -9.24 19.85 -17.92
CA VAL B 52 -10.32 20.09 -18.90
C VAL B 52 -11.69 20.45 -18.21
N ALA B 53 -11.77 20.36 -16.88
CA ALA B 53 -12.97 20.70 -16.16
C ALA B 53 -13.20 22.20 -16.00
N GLN B 54 -14.45 22.54 -15.71
CA GLN B 54 -14.83 23.93 -15.43
C GLN B 54 -15.00 24.32 -13.96
N ALA B 55 -15.24 23.31 -13.09
CA ALA B 55 -15.30 23.52 -11.68
C ALA B 55 -15.25 22.17 -10.95
N LEU B 56 -15.03 22.26 -9.66
CA LEU B 56 -15.14 21.14 -8.67
C LEU B 56 -16.05 21.53 -7.50
N LEU B 57 -17.00 20.66 -7.18
CA LEU B 57 -17.75 20.64 -5.97
C LEU B 57 -17.19 19.68 -4.94
N ILE B 58 -16.94 20.20 -3.75
CA ILE B 58 -16.58 19.38 -2.51
C ILE B 58 -17.70 19.56 -1.52
N ASN B 59 -18.39 18.44 -1.16
CA ASN B 59 -19.50 18.43 -0.19
C ASN B 59 -19.20 17.29 0.82
N ILE B 60 -19.14 17.62 2.11
CA ILE B 60 -18.73 16.71 3.20
C ILE B 60 -19.89 16.08 3.95
N GLY B 61 -21.02 15.93 3.31
CA GLY B 61 -22.16 15.33 3.94
C GLY B 61 -21.95 13.98 4.58
N THR B 62 -21.10 13.13 3.97
CA THR B 62 -20.87 11.79 4.60
C THR B 62 -19.38 11.60 4.81
N LEU B 63 -18.73 12.61 5.36
CA LEU B 63 -17.32 12.58 5.63
C LEU B 63 -16.93 11.40 6.54
N THR B 64 -15.92 10.63 6.09
CA THR B 64 -15.28 9.56 6.95
C THR B 64 -13.77 9.57 6.74
N ALA B 65 -13.07 8.83 7.56
CA ALA B 65 -11.60 8.71 7.44
C ALA B 65 -11.14 8.30 6.05
N GLN B 66 -11.92 7.52 5.32
CA GLN B 66 -11.63 7.20 3.93
C GLN B 66 -11.54 8.39 2.96
N ASN B 67 -12.28 9.48 3.25
CA ASN B 67 -12.32 10.65 2.42
C ASN B 67 -11.32 11.71 2.80
N GLU B 68 -10.91 11.80 4.08
CA GLU B 68 -10.26 13.02 4.55
C GLU B 68 -9.01 13.39 3.74
N GLN B 69 -8.01 12.52 3.72
CA GLN B 69 -6.79 12.83 2.99
C GLN B 69 -7.02 13.09 1.49
N ASP B 70 -7.92 12.34 0.88
CA ASP B 70 -8.17 12.46 -0.55
C ASP B 70 -8.78 13.85 -0.88
N ILE B 71 -9.74 14.30 -0.07
CA ILE B 71 -10.30 15.65 -0.26
C ILE B 71 -9.23 16.73 -0.21
N ILE B 72 -8.36 16.67 0.78
CA ILE B 72 -7.29 17.64 0.88
C ILE B 72 -6.42 17.58 -0.37
N ALA B 73 -6.07 16.36 -0.80
CA ALA B 73 -5.18 16.20 -1.96
C ALA B 73 -5.83 16.76 -3.23
N ILE B 74 -7.10 16.49 -3.44
CA ILE B 74 -7.74 16.97 -4.69
C ILE B 74 -8.04 18.48 -4.67
N ALA B 75 -8.28 19.06 -3.50
CA ALA B 75 -8.37 20.51 -3.40
C ALA B 75 -7.03 21.21 -3.78
N GLN B 76 -5.93 20.63 -3.37
CA GLN B 76 -4.61 21.15 -3.78
C GLN B 76 -4.40 20.98 -5.27
N THR B 77 -4.78 19.84 -5.82
CA THR B 77 -4.66 19.59 -7.25
C THR B 77 -5.53 20.62 -8.01
N ALA B 78 -6.70 20.95 -7.50
CA ALA B 78 -7.55 21.94 -8.13
C ALA B 78 -6.93 23.33 -8.14
N ASN B 79 -6.46 23.77 -6.99
CA ASN B 79 -5.66 25.02 -6.88
C ASN B 79 -4.53 25.09 -7.90
N GLU B 80 -3.70 24.05 -7.94
CA GLU B 80 -2.59 23.98 -8.94
C GLU B 80 -3.08 24.11 -10.39
N ALA B 81 -4.26 23.56 -10.68
CA ALA B 81 -4.80 23.59 -12.04
C ALA B 81 -5.63 24.84 -12.37
N GLY B 82 -5.85 25.70 -11.39
CA GLY B 82 -6.69 26.88 -11.55
C GLY B 82 -8.18 26.53 -11.61
N LEU B 83 -8.55 25.38 -11.05
CA LEU B 83 -9.94 24.92 -11.11
C LEU B 83 -10.72 25.45 -9.93
N PRO B 84 -11.78 26.23 -10.14
CA PRO B 84 -12.57 26.73 -9.05
C PRO B 84 -13.27 25.67 -8.22
N ILE B 85 -13.25 25.86 -6.90
CA ILE B 85 -13.86 24.96 -5.94
C ILE B 85 -15.10 25.55 -5.28
N VAL B 86 -16.20 24.82 -5.33
CA VAL B 86 -17.38 25.15 -4.51
C VAL B 86 -17.28 24.21 -3.27
N PHE B 87 -17.40 24.76 -2.08
CA PHE B 87 -17.32 24.00 -0.81
C PHE B 87 -18.58 24.10 -0.03
N ASP B 88 -19.17 22.92 0.27
CA ASP B 88 -20.37 22.81 1.07
C ASP B 88 -20.03 22.08 2.42
N PRO B 89 -19.83 22.86 3.50
CA PRO B 89 -19.49 22.34 4.84
C PRO B 89 -20.66 21.72 5.61
N VAL B 90 -21.30 20.71 4.99
CA VAL B 90 -22.57 20.17 5.47
C VAL B 90 -22.46 19.77 6.97
N ALA B 91 -23.40 20.28 7.80
CA ALA B 91 -23.48 19.93 9.23
C ALA B 91 -22.22 20.22 10.06
N VAL B 92 -21.43 21.20 9.66
CA VAL B 92 -20.17 21.46 10.29
C VAL B 92 -20.34 21.77 11.79
N GLY B 93 -21.46 22.40 12.13
CA GLY B 93 -21.78 22.71 13.51
C GLY B 93 -22.12 21.49 14.38
N ALA B 94 -22.37 20.34 13.76
CA ALA B 94 -22.81 19.17 14.52
C ALA B 94 -21.71 18.34 15.16
N SER B 95 -20.45 18.49 14.74
CA SER B 95 -19.38 17.77 15.44
C SER B 95 -18.02 18.44 15.37
N THR B 96 -17.21 18.21 16.37
CA THR B 96 -15.84 18.70 16.35
C THR B 96 -15.01 18.03 15.23
N TYR B 97 -15.33 16.76 14.91
CA TYR B 97 -14.80 16.07 13.72
C TYR B 97 -14.94 16.93 12.44
N ARG B 98 -16.15 17.37 12.13
CA ARG B 98 -16.36 18.18 10.95
C ARG B 98 -15.76 19.58 11.04
N LYS B 99 -15.89 20.22 12.20
CA LYS B 99 -15.24 21.54 12.43
C LYS B 99 -13.73 21.49 12.17
N GLN B 100 -13.07 20.50 12.74
CA GLN B 100 -11.64 20.38 12.54
C GLN B 100 -11.29 20.14 11.08
N PHE B 101 -12.05 19.27 10.42
CA PHE B 101 -11.77 19.01 9.04
C PHE B 101 -11.98 20.27 8.13
N CYS B 102 -13.09 21.01 8.32
CA CYS B 102 -13.34 22.16 7.50
C CYS B 102 -12.28 23.28 7.73
N LYS B 103 -11.86 23.47 8.97
CA LYS B 103 -10.76 24.33 9.27
C LYS B 103 -9.47 23.92 8.53
N LEU B 104 -9.11 22.66 8.62
CA LEU B 104 -7.91 22.18 7.91
C LEU B 104 -8.06 22.42 6.38
N LEU B 105 -9.23 22.15 5.81
CA LEU B 105 -9.42 22.29 4.37
C LEU B 105 -9.23 23.73 3.96
N LEU B 106 -9.79 24.67 4.73
CA LEU B 106 -9.70 26.05 4.37
C LEU B 106 -8.36 26.73 4.69
N LYS B 107 -7.54 26.08 5.48
CA LYS B 107 -6.14 26.43 5.68
C LYS B 107 -5.22 25.75 4.62
N SER B 108 -5.72 24.78 3.88
CA SER B 108 -4.89 24.05 2.92
C SER B 108 -5.14 24.49 1.47
N ALA B 109 -6.27 25.17 1.23
CA ALA B 109 -6.67 25.47 -0.08
C ALA B 109 -7.56 26.67 -0.14
N LYS B 110 -7.49 27.38 -1.28
CA LYS B 110 -8.29 28.53 -1.56
C LYS B 110 -9.50 28.05 -2.35
N VAL B 111 -10.68 28.29 -1.80
CA VAL B 111 -11.94 27.91 -2.49
C VAL B 111 -12.57 29.16 -3.15
N SER B 112 -13.49 28.94 -4.12
CA SER B 112 -14.08 30.03 -4.90
C SER B 112 -15.48 30.41 -4.46
N VAL B 113 -16.20 29.44 -3.88
CA VAL B 113 -17.49 29.73 -3.23
C VAL B 113 -17.67 28.83 -1.98
N ILE B 114 -18.16 29.40 -0.89
CA ILE B 114 -18.54 28.61 0.30
C ILE B 114 -20.02 28.75 0.40
N LYS B 115 -20.73 27.61 0.36
CA LYS B 115 -22.18 27.61 0.40
C LYS B 115 -22.68 26.77 1.62
N GLY B 116 -23.60 27.34 2.39
CA GLY B 116 -24.20 26.60 3.52
C GLY B 116 -25.43 27.31 4.05
N ASN B 117 -26.13 26.70 5.00
CA ASN B 117 -27.13 27.40 5.79
C ASN B 117 -26.51 28.32 6.84
N ALA B 118 -27.33 29.15 7.46
CA ALA B 118 -26.82 30.16 8.39
C ALA B 118 -26.07 29.54 9.59
N SER B 119 -26.62 28.43 10.11
CA SER B 119 -26.01 27.78 11.28
C SER B 119 -24.67 27.13 10.88
N GLU B 120 -24.53 26.62 9.63
CA GLU B 120 -23.24 26.07 9.17
C GLU B 120 -22.16 27.16 9.04
N ILE B 121 -22.50 28.25 8.34
CA ILE B 121 -21.51 29.31 8.11
C ILE B 121 -21.14 29.96 9.44
N LEU B 122 -22.09 30.15 10.34
CA LEU B 122 -21.81 30.66 11.69
C LEU B 122 -20.82 29.75 12.48
N ALA B 123 -21.05 28.44 12.44
CA ALA B 123 -20.12 27.46 13.09
C ALA B 123 -18.74 27.53 12.51
N LEU B 124 -18.61 27.73 11.20
CA LEU B 124 -17.26 27.93 10.58
C LEU B 124 -16.53 29.12 11.17
N ILE B 125 -17.21 30.27 11.26
CA ILE B 125 -16.53 31.51 11.69
C ILE B 125 -16.44 31.60 13.23
N ASP B 126 -17.35 30.92 13.91
CA ASP B 126 -17.51 30.65 15.39
C ASP B 126 -18.75 30.99 16.21
N LEU B 140 -26.33 37.32 14.34
CA LEU B 140 -27.77 37.46 14.33
C LEU B 140 -28.17 37.08 12.90
N ASP B 141 -28.35 38.05 12.02
CA ASP B 141 -28.96 37.70 10.71
C ASP B 141 -27.96 37.06 9.69
N ALA B 142 -28.54 36.49 8.64
CA ALA B 142 -27.76 35.82 7.61
C ALA B 142 -26.84 36.78 6.84
N VAL B 143 -27.26 38.01 6.67
CA VAL B 143 -26.44 38.98 5.96
C VAL B 143 -25.17 39.30 6.76
N THR B 144 -25.36 39.50 8.05
CA THR B 144 -24.23 39.81 8.93
C THR B 144 -23.26 38.64 8.94
N ILE B 145 -23.77 37.43 9.07
CA ILE B 145 -22.91 36.20 9.10
C ILE B 145 -22.12 36.11 7.78
N ALA B 146 -22.82 36.28 6.67
CA ALA B 146 -22.18 36.19 5.34
C ALA B 146 -21.04 37.24 5.17
N LYS B 147 -21.30 38.47 5.59
CA LYS B 147 -20.24 39.54 5.55
C LYS B 147 -19.02 39.22 6.43
N LYS B 148 -19.26 38.70 7.64
CA LYS B 148 -18.15 38.28 8.52
C LYS B 148 -17.36 37.14 7.92
N ALA B 149 -18.06 36.14 7.35
CA ALA B 149 -17.34 35.05 6.65
C ALA B 149 -16.54 35.53 5.45
N TYR B 150 -17.12 36.44 4.69
CA TYR B 150 -16.40 36.97 3.53
C TYR B 150 -15.08 37.64 4.03
N ALA B 151 -15.18 38.43 5.10
CA ALA B 151 -14.02 39.21 5.61
C ALA B 151 -12.95 38.24 6.10
N ILE B 152 -13.36 37.06 6.60
CA ILE B 152 -12.38 36.05 6.96
C ILE B 152 -11.71 35.31 5.79
N TYR B 153 -12.49 34.77 4.85
CA TYR B 153 -11.96 33.92 3.80
C TYR B 153 -11.69 34.60 2.44
N LYS B 154 -12.15 35.82 2.32
CA LYS B 154 -12.07 36.60 1.04
C LYS B 154 -12.49 35.72 -0.17
N THR B 155 -13.66 35.08 -0.02
CA THR B 155 -14.18 34.07 -0.91
C THR B 155 -15.69 34.32 -0.93
N ALA B 156 -16.30 34.22 -2.10
CA ALA B 156 -17.75 34.40 -2.21
C ALA B 156 -18.48 33.48 -1.18
N ILE B 157 -19.51 34.03 -0.52
CA ILE B 157 -20.31 33.26 0.42
C ILE B 157 -21.75 33.26 -0.05
N VAL B 158 -22.38 32.06 0.02
CA VAL B 158 -23.83 31.92 -0.29
C VAL B 158 -24.45 31.26 0.93
N ILE B 159 -25.38 31.94 1.55
CA ILE B 159 -26.09 31.33 2.69
C ILE B 159 -27.54 31.09 2.27
N THR B 160 -27.95 29.85 2.28
CA THR B 160 -29.28 29.43 1.92
C THR B 160 -30.22 29.50 3.16
N GLY B 161 -31.49 29.80 2.92
CA GLY B 161 -32.44 29.94 4.02
C GLY B 161 -33.82 30.27 3.45
N LYS B 162 -34.69 30.82 4.27
CA LYS B 162 -36.01 31.34 3.84
C LYS B 162 -35.73 32.36 2.69
N GLU B 163 -34.91 33.35 2.97
CA GLU B 163 -34.29 34.15 1.94
C GLU B 163 -32.82 33.70 1.77
N ASP B 164 -32.31 33.80 0.56
CA ASP B 164 -30.94 33.48 0.33
C ASP B 164 -30.07 34.75 0.31
N VAL B 165 -28.81 34.62 0.76
CA VAL B 165 -27.85 35.70 0.80
C VAL B 165 -26.60 35.36 -0.01
N ILE B 166 -26.13 36.32 -0.82
CA ILE B 166 -24.85 36.18 -1.56
C ILE B 166 -23.97 37.37 -1.30
N VAL B 167 -22.71 37.11 -0.94
CA VAL B 167 -21.72 38.16 -0.74
C VAL B 167 -20.52 37.85 -1.57
N GLN B 168 -20.16 38.79 -2.45
CA GLN B 168 -19.00 38.68 -3.27
C GLN B 168 -18.43 40.08 -3.55
N GLY B 169 -17.12 40.22 -3.38
CA GLY B 169 -16.48 41.55 -3.54
C GLY B 169 -17.06 42.57 -2.56
N ASP B 170 -17.51 43.69 -3.08
CA ASP B 170 -18.09 44.74 -2.25
C ASP B 170 -19.64 44.74 -2.22
N LYS B 171 -20.30 43.67 -2.64
CA LYS B 171 -21.77 43.63 -2.75
C LYS B 171 -22.34 42.52 -1.91
N ALA B 172 -23.51 42.78 -1.37
CA ALA B 172 -24.33 41.77 -0.71
C ALA B 172 -25.74 41.84 -1.27
N ILE B 173 -26.29 40.68 -1.63
CA ILE B 173 -27.60 40.62 -2.18
C ILE B 173 -28.48 39.62 -1.38
N VAL B 174 -29.77 39.96 -1.24
CA VAL B 174 -30.78 39.07 -0.68
C VAL B 174 -31.80 38.64 -1.76
N LEU B 175 -31.99 37.35 -1.93
CA LEU B 175 -32.96 36.78 -2.87
C LEU B 175 -34.16 36.13 -2.14
N ALA B 176 -35.36 36.14 -2.76
CA ALA B 176 -36.58 35.64 -2.13
C ALA B 176 -37.45 34.67 -2.98
N ASN B 177 -36.84 33.63 -3.56
CA ASN B 177 -37.57 32.67 -4.40
C ASN B 177 -37.57 31.25 -3.78
N GLY B 178 -38.42 30.36 -4.32
CA GLY B 178 -38.33 28.90 -4.04
C GLY B 178 -39.60 28.36 -3.42
N SER B 179 -39.47 27.27 -2.64
CA SER B 179 -40.59 26.54 -2.16
C SER B 179 -40.21 25.77 -0.86
N PRO B 180 -41.11 25.73 0.12
CA PRO B 180 -40.97 24.80 1.27
C PRO B 180 -40.66 23.36 0.88
N LEU B 181 -41.22 22.88 -0.25
CA LEU B 181 -41.00 21.48 -0.66
C LEU B 181 -39.52 21.14 -0.79
N LEU B 182 -38.69 22.13 -1.07
CA LEU B 182 -37.27 21.89 -1.26
C LEU B 182 -36.60 21.34 -0.01
N ALA B 183 -37.04 21.75 1.17
CA ALA B 183 -36.43 21.22 2.37
C ALA B 183 -36.81 19.72 2.62
N ARG B 184 -37.78 19.18 1.87
CA ARG B 184 -38.31 17.84 2.11
C ARG B 184 -37.83 16.91 1.05
N VAL B 185 -36.82 17.38 0.30
CA VAL B 185 -36.20 16.57 -0.71
C VAL B 185 -34.70 16.49 -0.43
N THR B 186 -34.21 15.31 -0.08
CA THR B 186 -32.81 15.22 0.48
C THR B 186 -31.80 15.65 -0.60
N GLY B 187 -30.78 16.38 -0.21
CA GLY B 187 -29.93 16.92 -1.27
C GLY B 187 -30.50 17.83 -2.42
N ALA B 188 -31.64 18.46 -2.20
CA ALA B 188 -31.98 19.76 -2.89
C ALA B 188 -30.84 20.69 -2.65
N GLY B 189 -30.47 20.93 -1.38
CA GLY B 189 -29.51 21.97 -1.14
C GLY B 189 -28.18 21.47 -1.69
N CYS B 190 -28.03 20.14 -1.64
CA CYS B 190 -26.72 19.55 -1.98
C CYS B 190 -26.61 19.64 -3.55
N LEU B 191 -27.75 19.56 -4.24
CA LEU B 191 -27.84 19.87 -5.67
C LEU B 191 -27.47 21.33 -5.95
N LEU B 192 -27.90 22.29 -5.12
CA LEU B 192 -27.65 23.71 -5.38
C LEU B 192 -26.16 23.96 -5.47
N GLY B 193 -25.41 23.31 -4.58
CA GLY B 193 -23.95 23.39 -4.63
C GLY B 193 -23.40 23.00 -6.00
N GLY B 194 -23.89 21.88 -6.53
CA GLY B 194 -23.50 21.45 -7.85
C GLY B 194 -23.95 22.35 -8.96
N ILE B 195 -25.14 22.95 -8.85
CA ILE B 195 -25.62 23.92 -9.85
C ILE B 195 -24.71 25.17 -9.85
N ILE B 196 -24.42 25.67 -8.66
CA ILE B 196 -23.45 26.80 -8.53
C ILE B 196 -22.14 26.46 -9.26
N ALA B 197 -21.60 25.29 -9.00
CA ALA B 197 -20.36 24.88 -9.70
C ALA B 197 -20.56 24.93 -11.22
N GLY B 198 -21.75 24.53 -11.71
CA GLY B 198 -22.03 24.53 -13.12
C GLY B 198 -22.03 25.94 -13.78
N PHE B 199 -22.13 27.00 -12.97
CA PHE B 199 -22.22 28.37 -13.45
C PHE B 199 -20.88 29.06 -13.39
N LEU B 200 -19.80 28.35 -12.98
CA LEU B 200 -18.50 29.08 -12.80
C LEU B 200 -17.61 29.29 -14.05
N PHE B 201 -17.67 28.39 -15.02
CA PHE B 201 -16.89 28.47 -16.23
C PHE B 201 -15.39 28.75 -15.96
N ARG B 202 -14.84 28.05 -14.98
CA ARG B 202 -13.44 28.08 -14.66
C ARG B 202 -12.97 29.45 -14.12
N GLU B 203 -13.89 30.25 -13.60
CA GLU B 203 -13.55 31.54 -12.95
C GLU B 203 -13.33 31.34 -11.46
N THR B 204 -12.09 31.48 -11.01
CA THR B 204 -11.80 31.33 -9.58
C THR B 204 -12.35 32.46 -8.71
N GLU B 205 -12.64 33.62 -9.31
CA GLU B 205 -13.32 34.73 -8.61
C GLU B 205 -14.62 35.11 -9.33
N PRO B 206 -15.64 34.29 -9.19
CA PRO B 206 -16.82 34.49 -10.08
C PRO B 206 -17.53 35.80 -9.88
N ASP B 207 -18.11 36.29 -10.96
CA ASP B 207 -18.92 37.47 -10.88
C ASP B 207 -20.13 37.16 -10.03
N ILE B 208 -20.53 38.10 -9.20
CA ILE B 208 -21.74 37.94 -8.40
C ILE B 208 -23.00 37.64 -9.24
N GLU B 209 -23.06 38.16 -10.47
CA GLU B 209 -24.17 37.89 -11.39
C GLU B 209 -24.32 36.40 -11.71
N ALA B 210 -23.21 35.67 -11.86
CA ALA B 210 -23.25 34.23 -12.07
C ALA B 210 -23.86 33.49 -10.86
N LEU B 211 -23.54 33.94 -9.65
CA LEU B 211 -23.98 33.29 -8.44
C LEU B 211 -25.48 33.58 -8.26
N ILE B 212 -25.88 34.82 -8.55
CA ILE B 212 -27.31 35.27 -8.47
C ILE B 212 -28.15 34.44 -9.46
N GLU B 213 -27.64 34.27 -10.67
CA GLU B 213 -28.33 33.44 -11.70
C GLU B 213 -28.47 31.97 -11.25
N ALA B 214 -27.39 31.36 -10.75
CA ALA B 214 -27.41 29.99 -10.32
C ALA B 214 -28.45 29.77 -9.26
N VAL B 215 -28.48 30.65 -8.26
CA VAL B 215 -29.43 30.46 -7.11
C VAL B 215 -30.86 30.76 -7.56
N SER B 216 -31.03 31.73 -8.45
CA SER B 216 -32.31 32.10 -8.92
C SER B 216 -32.93 31.04 -9.83
N VAL B 217 -32.10 30.45 -10.67
CA VAL B 217 -32.56 29.40 -11.59
C VAL B 217 -33.09 28.25 -10.71
N PHE B 218 -32.31 27.85 -9.74
CA PHE B 218 -32.74 26.76 -8.83
C PHE B 218 -34.02 27.08 -8.11
N ASN B 219 -34.10 28.23 -7.47
CA ASN B 219 -35.27 28.56 -6.74
C ASN B 219 -36.51 28.82 -7.58
N ILE B 220 -36.34 29.45 -8.74
CA ILE B 220 -37.50 29.70 -9.63
C ILE B 220 -38.01 28.38 -10.18
N ALA B 221 -37.09 27.46 -10.55
CA ALA B 221 -37.50 26.13 -11.02
C ALA B 221 -38.29 25.40 -9.91
N ALA B 222 -37.86 25.53 -8.68
CA ALA B 222 -38.57 24.92 -7.56
C ALA B 222 -39.98 25.48 -7.36
N GLU B 223 -40.10 26.82 -7.51
CA GLU B 223 -41.34 27.48 -7.35
C GLU B 223 -42.36 27.09 -8.47
N VAL B 224 -41.89 27.01 -9.69
CA VAL B 224 -42.73 26.60 -10.84
C VAL B 224 -43.15 25.09 -10.70
N ALA B 225 -42.21 24.24 -10.36
CA ALA B 225 -42.50 22.81 -10.15
C ALA B 225 -43.56 22.62 -9.08
N ALA B 226 -43.47 23.35 -7.98
CA ALA B 226 -44.46 23.18 -6.89
C ALA B 226 -45.84 23.65 -7.32
N GLU B 227 -45.95 24.54 -8.30
CA GLU B 227 -47.23 24.95 -8.81
C GLU B 227 -47.83 24.05 -9.90
N ASN B 228 -47.08 23.12 -10.43
CA ASN B 228 -47.59 22.19 -11.44
C ASN B 228 -48.75 21.39 -10.90
N GLU B 229 -49.76 21.20 -11.76
CA GLU B 229 -50.95 20.48 -11.37
C GLU B 229 -50.67 19.04 -10.93
N ASN B 230 -49.62 18.46 -11.45
CA ASN B 230 -49.21 17.09 -11.14
C ASN B 230 -48.25 16.97 -9.93
N CYS B 231 -47.92 18.07 -9.27
CA CYS B 231 -47.06 18.03 -8.08
C CYS B 231 -47.99 17.71 -6.89
N GLY B 232 -47.87 16.51 -6.31
CA GLY B 232 -48.81 16.09 -5.25
C GLY B 232 -48.11 16.04 -3.89
N GLY B 233 -46.85 16.45 -3.80
CA GLY B 233 -46.06 16.38 -2.55
C GLY B 233 -44.59 16.27 -2.84
N PRO B 234 -43.75 15.95 -1.84
CA PRO B 234 -42.31 15.91 -2.00
C PRO B 234 -41.83 14.83 -2.95
N GLY B 235 -42.60 13.76 -3.10
CA GLY B 235 -42.17 12.65 -3.99
C GLY B 235 -42.31 13.00 -5.46
N THR B 236 -43.47 13.46 -5.84
CA THR B 236 -43.65 13.92 -7.24
C THR B 236 -42.94 15.22 -7.56
N PHE B 237 -42.65 16.05 -6.57
CA PHE B 237 -41.91 17.29 -6.78
C PHE B 237 -40.57 17.05 -7.39
N SER B 238 -39.89 16.02 -6.94
CA SER B 238 -38.47 15.82 -7.37
C SER B 238 -38.27 15.63 -8.92
N PRO B 239 -39.01 14.71 -9.52
CA PRO B 239 -39.00 14.63 -10.99
C PRO B 239 -39.46 15.94 -11.67
N LEU B 240 -40.46 16.59 -11.09
CA LEU B 240 -40.97 17.86 -11.68
C LEU B 240 -39.93 19.01 -11.58
N LEU B 241 -39.10 19.01 -10.54
CA LEU B 241 -38.04 19.99 -10.44
C LEU B 241 -37.04 19.76 -11.57
N LEU B 242 -36.64 18.51 -11.82
CA LEU B 242 -35.71 18.23 -12.91
C LEU B 242 -36.29 18.64 -14.27
N ASP B 243 -37.59 18.37 -14.50
CA ASP B 243 -38.17 18.77 -15.76
C ASP B 243 -38.11 20.30 -15.91
N THR B 244 -38.46 21.03 -14.83
CA THR B 244 -38.61 22.49 -14.85
C THR B 244 -37.25 23.16 -15.06
N LEU B 245 -36.17 22.59 -14.47
CA LEU B 245 -34.81 23.02 -14.78
C LEU B 245 -34.49 22.82 -16.23
N TYR B 246 -34.91 21.67 -16.79
CA TYR B 246 -34.63 21.34 -18.17
C TYR B 246 -35.33 22.33 -19.15
N HIS B 247 -36.57 22.73 -18.83
CA HIS B 247 -37.31 23.61 -19.71
C HIS B 247 -37.20 25.09 -19.41
N LEU B 248 -36.58 25.47 -18.32
CA LEU B 248 -36.68 26.85 -17.84
C LEU B 248 -36.24 27.83 -18.97
N ASN B 249 -37.06 28.83 -19.20
CA ASN B 249 -36.74 29.81 -20.28
C ASN B 249 -36.54 31.26 -19.73
N GLU B 250 -36.16 32.20 -20.62
CA GLU B 250 -35.87 33.56 -20.19
C GLU B 250 -37.09 34.24 -19.70
N THR B 251 -38.21 33.98 -20.35
CA THR B 251 -39.44 34.66 -20.01
C THR B 251 -39.85 34.34 -18.57
N THR B 252 -39.78 33.07 -18.22
CA THR B 252 -40.19 32.64 -16.89
C THR B 252 -39.21 33.19 -15.86
N TYR B 253 -37.92 33.06 -16.12
CA TYR B 253 -36.92 33.65 -15.25
C TYR B 253 -37.16 35.13 -14.94
N GLN B 254 -37.29 35.94 -15.99
CA GLN B 254 -37.53 37.37 -15.82
C GLN B 254 -38.82 37.71 -15.10
N GLN B 255 -39.92 37.03 -15.42
CA GLN B 255 -41.20 37.22 -14.71
C GLN B 255 -41.10 36.92 -13.20
N ARG B 256 -40.27 35.94 -12.84
CA ARG B 256 -40.33 35.37 -11.49
C ARG B 256 -39.24 35.85 -10.53
N ILE B 257 -38.12 36.35 -11.03
CA ILE B 257 -36.99 36.64 -10.17
C ILE B 257 -37.32 37.71 -9.10
N ARG B 258 -36.92 37.49 -7.85
CA ARG B 258 -37.23 38.48 -6.75
C ARG B 258 -35.93 38.76 -6.00
N ILE B 259 -35.27 39.84 -6.38
CA ILE B 259 -33.97 40.24 -5.79
C ILE B 259 -34.03 41.62 -5.13
N GLN B 260 -33.27 41.82 -4.04
CA GLN B 260 -33.11 43.12 -3.37
C GLN B 260 -31.73 43.41 -2.68
N GLU B 261 -31.50 44.67 -2.35
CA GLU B 261 -30.22 45.20 -1.88
C GLU B 261 -29.09 44.83 -2.81
N MET C 1 -53.23 7.26 14.89
CA MET C 1 -52.07 8.12 14.55
C MET C 1 -51.99 8.88 15.82
N ASN C 2 -50.91 8.62 16.56
CA ASN C 2 -50.46 9.30 17.76
C ASN C 2 -48.95 9.63 17.54
N TYR C 3 -48.16 8.61 17.22
CA TYR C 3 -46.69 8.83 17.05
C TYR C 3 -46.34 9.63 15.82
N LEU C 4 -47.06 9.38 14.73
CA LEU C 4 -46.81 10.15 13.51
C LEU C 4 -46.99 11.65 13.69
N ASN C 5 -48.01 12.05 14.44
CA ASN C 5 -48.18 13.48 14.75
C ASN C 5 -46.93 14.09 15.44
N ASN C 6 -46.33 13.31 16.33
CA ASN C 6 -45.17 13.76 17.05
C ASN C 6 -43.95 13.81 16.18
N ILE C 7 -43.84 12.89 15.21
CA ILE C 7 -42.74 12.94 14.25
C ILE C 7 -42.82 14.24 13.42
N ARG C 8 -44.03 14.56 12.95
CA ARG C 8 -44.25 15.75 12.15
C ARG C 8 -43.93 17.08 12.87
N ILE C 9 -44.22 17.13 14.14
CA ILE C 9 -43.92 18.34 14.95
C ILE C 9 -42.47 18.40 15.49
N GLU C 10 -41.94 17.28 15.96
CA GLU C 10 -40.66 17.27 16.67
C GLU C 10 -39.48 17.03 15.72
N ASN C 11 -39.72 16.52 14.51
CA ASN C 11 -38.64 16.37 13.55
C ASN C 11 -37.48 15.57 14.12
N PRO C 12 -37.74 14.35 14.57
CA PRO C 12 -36.67 13.59 15.27
C PRO C 12 -35.44 13.23 14.40
N LEU C 13 -34.25 13.53 14.93
CA LEU C 13 -33.00 13.21 14.29
C LEU C 13 -32.74 11.71 14.31
N THR C 14 -32.66 11.10 13.13
CA THR C 14 -32.72 9.66 12.96
C THR C 14 -31.45 9.35 12.18
N ILE C 15 -30.50 8.72 12.86
CA ILE C 15 -29.22 8.43 12.23
C ILE C 15 -29.32 7.13 11.47
N CYS C 16 -28.83 7.12 10.21
CA CYS C 16 -28.88 5.95 9.34
C CYS C 16 -27.55 5.55 8.86
N TYR C 17 -27.10 4.35 9.30
CA TYR C 17 -25.95 3.66 8.71
C TYR C 17 -26.49 2.53 7.85
N THR C 18 -26.70 2.83 6.55
CA THR C 18 -27.51 1.92 5.70
C THR C 18 -26.74 1.70 4.41
N ASN C 19 -27.35 0.89 3.52
CA ASN C 19 -26.62 0.38 2.40
C ASN C 19 -26.62 1.38 1.24
N ASP C 20 -25.64 1.23 0.37
CA ASP C 20 -25.44 2.19 -0.74
C ASP C 20 -26.57 2.22 -1.79
N VAL C 21 -27.44 1.24 -1.83
CA VAL C 21 -28.46 1.16 -2.81
C VAL C 21 -29.68 2.00 -2.39
N VAL C 22 -29.84 2.27 -1.10
CA VAL C 22 -31.08 2.79 -0.57
C VAL C 22 -30.94 4.06 0.25
N LYS C 23 -29.76 4.68 0.28
CA LYS C 23 -29.56 5.87 1.12
C LYS C 23 -30.46 7.02 0.80
N ASN C 24 -30.52 7.38 -0.47
CA ASN C 24 -31.39 8.44 -0.91
C ASN C 24 -32.85 8.18 -0.62
N PHE C 25 -33.32 7.00 -0.97
CA PHE C 25 -34.76 6.70 -0.73
C PHE C 25 -35.06 6.68 0.75
N THR C 26 -34.16 6.17 1.55
CA THR C 26 -34.35 6.17 3.00
C THR C 26 -34.48 7.59 3.53
N ALA C 27 -33.56 8.50 3.15
CA ALA C 27 -33.55 9.83 3.61
C ALA C 27 -34.82 10.54 3.16
N ASN C 28 -35.22 10.31 1.92
CA ASN C 28 -36.50 10.90 1.42
C ASN C 28 -37.76 10.42 2.12
N GLY C 29 -37.85 9.12 2.39
CA GLY C 29 -38.95 8.57 3.17
C GLY C 29 -39.07 9.17 4.58
N LEU C 30 -37.92 9.26 5.28
CA LEU C 30 -37.87 9.92 6.55
C LEU C 30 -38.28 11.38 6.46
N LEU C 31 -37.80 12.12 5.47
CA LEU C 31 -38.21 13.52 5.32
C LEU C 31 -39.73 13.64 5.05
N SER C 32 -40.31 12.69 4.31
CA SER C 32 -41.72 12.78 3.97
C SER C 32 -42.66 12.65 5.18
N ILE C 33 -42.28 11.87 6.22
CA ILE C 33 -43.06 11.79 7.43
C ILE C 33 -42.69 12.84 8.50
N GLY C 34 -41.68 13.70 8.22
CA GLY C 34 -41.31 14.79 9.10
C GLY C 34 -40.04 14.57 9.92
N ALA C 35 -39.39 13.42 9.77
CA ALA C 35 -38.16 13.11 10.54
C ALA C 35 -36.99 13.84 9.93
N SER C 36 -35.85 13.83 10.62
CA SER C 36 -34.68 14.48 10.14
C SER C 36 -33.60 13.41 9.98
N PRO C 37 -33.43 12.90 8.78
CA PRO C 37 -32.40 11.88 8.54
C PRO C 37 -30.95 12.41 8.52
N ALA C 38 -30.02 11.65 9.08
CA ALA C 38 -28.59 11.95 8.93
C ALA C 38 -27.84 10.67 8.68
N MET C 39 -27.17 10.58 7.56
CA MET C 39 -26.38 9.38 7.18
C MET C 39 -24.96 9.57 7.65
N SER C 40 -24.80 9.55 8.94
CA SER C 40 -23.43 9.67 9.51
C SER C 40 -22.81 8.29 9.68
N GLU C 41 -21.62 8.12 9.10
CA GLU C 41 -20.90 6.86 9.18
C GLU C 41 -19.52 6.88 9.88
N ALA C 42 -19.03 8.05 10.29
CA ALA C 42 -17.75 8.23 10.92
C ALA C 42 -17.85 7.99 12.42
N PRO C 43 -17.14 6.99 12.94
CA PRO C 43 -17.24 6.76 14.38
C PRO C 43 -16.76 7.96 15.18
N GLU C 44 -15.88 8.74 14.59
CA GLU C 44 -15.29 9.91 15.24
C GLU C 44 -16.37 10.98 15.60
N GLU C 45 -17.54 10.96 15.00
CA GLU C 45 -18.60 11.92 15.36
C GLU C 45 -19.82 11.26 15.98
N ALA C 46 -19.73 9.97 16.25
CA ALA C 46 -20.90 9.23 16.78
C ALA C 46 -21.31 9.69 18.16
N GLU C 47 -20.34 9.86 19.05
CA GLU C 47 -20.67 10.35 20.37
C GLU C 47 -21.43 11.68 20.42
N GLU C 48 -21.00 12.69 19.66
CA GLU C 48 -21.68 13.97 19.63
C GLU C 48 -23.02 13.91 18.90
N PHE C 49 -23.10 13.20 17.79
CA PHE C 49 -24.40 13.04 17.14
C PHE C 49 -25.41 12.28 17.97
N TYR C 50 -24.96 11.23 18.66
CA TYR C 50 -25.89 10.28 19.30
C TYR C 50 -26.51 10.85 20.55
N LYS C 51 -25.77 11.72 21.21
CA LYS C 51 -26.29 12.49 22.34
C LYS C 51 -27.62 13.18 22.05
N VAL C 52 -27.76 13.70 20.85
CA VAL C 52 -28.95 14.48 20.47
C VAL C 52 -29.92 13.74 19.50
N ALA C 53 -29.54 12.55 19.05
CA ALA C 53 -30.39 11.78 18.18
C ALA C 53 -31.51 11.04 18.89
N GLN C 54 -32.49 10.60 18.11
CA GLN C 54 -33.60 9.77 18.66
C GLN C 54 -33.52 8.28 18.40
N ALA C 55 -32.77 7.88 17.39
CA ALA C 55 -32.53 6.47 17.05
C ALA C 55 -31.43 6.33 16.06
N LEU C 56 -30.95 5.12 15.92
CA LEU C 56 -29.95 4.70 14.92
C LEU C 56 -30.44 3.48 14.18
N LEU C 57 -30.39 3.53 12.86
CA LEU C 57 -30.58 2.39 11.97
C LEU C 57 -29.26 1.82 11.53
N ILE C 58 -29.09 0.51 11.70
CA ILE C 58 -27.92 -0.24 11.11
C ILE C 58 -28.46 -1.29 10.12
N ASN C 59 -28.10 -1.19 8.83
CA ASN C 59 -28.57 -2.04 7.78
C ASN C 59 -27.34 -2.51 7.05
N ILE C 60 -27.18 -3.83 6.89
CA ILE C 60 -25.95 -4.43 6.30
C ILE C 60 -26.04 -4.87 4.85
N GLY C 61 -26.99 -4.26 4.10
CA GLY C 61 -27.20 -4.63 2.74
C GLY C 61 -25.94 -4.68 1.84
N THR C 62 -25.01 -3.77 2.03
CA THR C 62 -23.79 -3.79 1.25
C THR C 62 -22.58 -3.88 2.15
N LEU C 63 -22.64 -4.77 3.12
CA LEU C 63 -21.54 -4.96 4.03
C LEU C 63 -20.24 -5.25 3.34
N THR C 64 -19.18 -4.54 3.75
CA THR C 64 -17.77 -4.87 3.34
C THR C 64 -16.80 -4.67 4.51
N ALA C 65 -15.55 -5.08 4.31
CA ALA C 65 -14.54 -4.91 5.34
C ALA C 65 -14.43 -3.45 5.84
N GLN C 66 -14.64 -2.47 4.96
CA GLN C 66 -14.60 -1.05 5.33
C GLN C 66 -15.64 -0.72 6.43
N ASN C 67 -16.76 -1.46 6.50
CA ASN C 67 -17.83 -1.19 7.41
C ASN C 67 -17.77 -2.00 8.72
N GLU C 68 -17.12 -3.18 8.73
CA GLU C 68 -17.27 -4.10 9.86
C GLU C 68 -16.90 -3.52 11.23
N GLN C 69 -15.64 -3.11 11.39
CA GLN C 69 -15.21 -2.56 12.67
C GLN C 69 -15.95 -1.29 13.07
N ASP C 70 -16.26 -0.43 12.10
CA ASP C 70 -16.99 0.79 12.37
C ASP C 70 -18.44 0.54 12.91
N ILE C 71 -19.16 -0.42 12.29
CA ILE C 71 -20.51 -0.78 12.75
C ILE C 71 -20.47 -1.26 14.23
N ILE C 72 -19.55 -2.15 14.52
CA ILE C 72 -19.40 -2.64 15.92
C ILE C 72 -19.11 -1.45 16.88
N ALA C 73 -18.19 -0.57 16.49
CA ALA C 73 -17.84 0.59 17.32
C ALA C 73 -19.00 1.54 17.55
N ILE C 74 -19.78 1.89 16.48
CA ILE C 74 -20.88 2.78 16.67
C ILE C 74 -22.04 2.13 17.45
N ALA C 75 -22.26 0.85 17.29
CA ALA C 75 -23.32 0.18 18.06
C ALA C 75 -22.96 0.29 19.58
N GLN C 76 -21.71 0.14 19.89
CA GLN C 76 -21.27 0.28 21.35
C GLN C 76 -21.46 1.72 21.80
N THR C 77 -21.16 2.69 20.89
CA THR C 77 -21.36 4.08 21.22
C THR C 77 -22.82 4.36 21.47
N ALA C 78 -23.69 3.77 20.66
CA ALA C 78 -25.15 3.96 20.84
C ALA C 78 -25.64 3.41 22.19
N ASN C 79 -25.26 2.17 22.47
CA ASN C 79 -25.59 1.57 23.78
C ASN C 79 -25.17 2.55 24.88
N GLU C 80 -23.90 2.98 24.86
CA GLU C 80 -23.38 3.86 25.95
C GLU C 80 -24.23 5.14 26.06
N ALA C 81 -24.70 5.65 24.91
CA ALA C 81 -25.49 6.90 24.88
C ALA C 81 -27.01 6.71 25.14
N GLY C 82 -27.46 5.48 25.29
CA GLY C 82 -28.90 5.15 25.45
C GLY C 82 -29.67 5.39 24.13
N LEU C 83 -29.00 5.28 22.98
CA LEU C 83 -29.65 5.49 21.66
C LEU C 83 -30.20 4.19 21.05
N PRO C 84 -31.50 4.05 20.91
CA PRO C 84 -32.04 2.80 20.36
C PRO C 84 -31.61 2.44 18.98
N ILE C 85 -31.29 1.16 18.78
CA ILE C 85 -30.79 0.64 17.53
C ILE C 85 -31.85 -0.21 16.83
N VAL C 86 -32.18 0.14 15.59
CA VAL C 86 -32.95 -0.75 14.71
C VAL C 86 -31.94 -1.50 13.82
N PHE C 87 -31.98 -2.85 13.81
CA PHE C 87 -31.00 -3.65 13.05
C PHE C 87 -31.70 -4.42 11.97
N ASP C 88 -31.23 -4.22 10.75
CA ASP C 88 -31.74 -4.94 9.57
C ASP C 88 -30.67 -5.87 8.99
N PRO C 89 -30.78 -7.17 9.29
CA PRO C 89 -29.76 -8.17 8.86
C PRO C 89 -29.99 -8.64 7.41
N VAL C 90 -29.86 -7.71 6.46
CA VAL C 90 -30.20 -7.96 5.07
C VAL C 90 -29.42 -9.15 4.50
N ALA C 91 -30.16 -10.10 3.93
CA ALA C 91 -29.57 -11.29 3.25
C ALA C 91 -28.60 -12.09 4.13
N VAL C 92 -28.84 -12.08 5.42
CA VAL C 92 -27.95 -12.81 6.34
C VAL C 92 -27.83 -14.30 5.99
N GLY C 93 -28.90 -14.87 5.46
CA GLY C 93 -28.91 -16.29 5.07
C GLY C 93 -28.08 -16.61 3.84
N ALA C 94 -27.65 -15.55 3.10
CA ALA C 94 -26.98 -15.75 1.82
C ALA C 94 -25.50 -15.98 1.92
N SER C 95 -24.87 -15.71 3.08
CA SER C 95 -23.41 -16.01 3.20
C SER C 95 -22.95 -16.21 4.63
N THR C 96 -21.90 -17.01 4.79
CA THR C 96 -21.30 -17.21 6.10
C THR C 96 -20.63 -15.91 6.57
N TYR C 97 -20.15 -15.10 5.63
CA TYR C 97 -19.66 -13.76 5.95
C TYR C 97 -20.70 -12.95 6.72
N ARG C 98 -21.91 -12.82 6.18
CA ARG C 98 -22.96 -12.06 6.86
C ARG C 98 -23.43 -12.72 8.16
N LYS C 99 -23.63 -14.01 8.14
CA LYS C 99 -23.98 -14.76 9.38
C LYS C 99 -23.00 -14.51 10.51
N GLN C 100 -21.71 -14.62 10.21
CA GLN C 100 -20.66 -14.43 11.27
C GLN C 100 -20.69 -12.98 11.77
N PHE C 101 -20.89 -12.01 10.86
CA PHE C 101 -20.93 -10.63 11.27
C PHE C 101 -22.15 -10.31 12.13
N CYS C 102 -23.35 -10.78 11.73
CA CYS C 102 -24.59 -10.51 12.51
C CYS C 102 -24.51 -11.15 13.95
N LYS C 103 -23.94 -12.33 14.01
CA LYS C 103 -23.71 -12.98 15.34
C LYS C 103 -22.77 -12.13 16.21
N LEU C 104 -21.65 -11.68 15.63
CA LEU C 104 -20.71 -10.81 16.35
C LEU C 104 -21.39 -9.50 16.82
N LEU C 105 -22.23 -8.89 15.98
CA LEU C 105 -22.91 -7.67 16.36
C LEU C 105 -23.86 -7.89 17.52
N LEU C 106 -24.67 -8.93 17.44
CA LEU C 106 -25.66 -9.18 18.45
C LEU C 106 -25.07 -9.75 19.79
N LYS C 107 -23.82 -10.21 19.74
CA LYS C 107 -23.02 -10.57 20.94
C LYS C 107 -22.32 -9.30 21.50
N SER C 108 -22.20 -8.21 20.71
CA SER C 108 -21.45 -7.05 21.16
C SER C 108 -22.34 -5.88 21.63
N ALA C 109 -23.61 -5.89 21.23
CA ALA C 109 -24.47 -4.79 21.52
C ALA C 109 -25.93 -5.23 21.64
N LYS C 110 -26.68 -4.44 22.41
CA LYS C 110 -28.06 -4.66 22.64
C LYS C 110 -28.80 -3.79 21.61
N VAL C 111 -29.61 -4.41 20.78
CA VAL C 111 -30.43 -3.65 19.83
C VAL C 111 -31.87 -3.58 20.33
N SER C 112 -32.66 -2.65 19.76
CA SER C 112 -34.00 -2.34 20.23
C SER C 112 -35.10 -2.89 19.33
N VAL C 113 -34.82 -3.03 18.05
CA VAL C 113 -35.71 -3.72 17.11
C VAL C 113 -34.84 -4.52 16.10
N ILE C 114 -35.19 -5.76 15.83
CA ILE C 114 -34.57 -6.55 14.76
C ILE C 114 -35.66 -6.71 13.71
N LYS C 115 -35.40 -6.18 12.52
CA LYS C 115 -36.39 -6.26 11.41
C LYS C 115 -35.80 -7.05 10.23
N GLY C 116 -36.58 -8.01 9.72
CA GLY C 116 -36.19 -8.73 8.48
C GLY C 116 -37.34 -9.49 7.87
N ASN C 117 -37.08 -10.18 6.79
CA ASN C 117 -38.03 -11.20 6.30
C ASN C 117 -37.89 -12.52 7.00
N ALA C 118 -38.79 -13.45 6.76
CA ALA C 118 -38.83 -14.68 7.55
C ALA C 118 -37.56 -15.48 7.39
N SER C 119 -37.05 -15.47 6.17
CA SER C 119 -35.87 -16.21 5.89
C SER C 119 -34.65 -15.63 6.59
N GLU C 120 -34.57 -14.30 6.66
CA GLU C 120 -33.45 -13.63 7.35
C GLU C 120 -33.46 -13.90 8.87
N ILE C 121 -34.61 -13.69 9.51
CA ILE C 121 -34.77 -14.00 10.93
C ILE C 121 -34.50 -15.46 11.28
N LEU C 122 -34.99 -16.39 10.46
CA LEU C 122 -34.71 -17.78 10.60
C LEU C 122 -33.20 -18.14 10.54
N ALA C 123 -32.49 -17.51 9.60
CA ALA C 123 -31.03 -17.72 9.51
C ALA C 123 -30.31 -17.22 10.75
N LEU C 124 -30.79 -16.12 11.35
CA LEU C 124 -30.19 -15.60 12.58
C LEU C 124 -30.24 -16.62 13.73
N ILE C 125 -31.40 -17.25 13.88
CA ILE C 125 -31.64 -18.14 15.02
C ILE C 125 -31.19 -19.57 14.75
N ASP C 126 -31.01 -19.90 13.47
CA ASP C 126 -30.47 -21.15 12.95
C ASP C 126 -29.27 -20.92 12.01
N LEU C 140 -41.20 -22.81 10.32
CA LEU C 140 -42.13 -22.58 9.22
C LEU C 140 -42.98 -21.27 9.40
N ASP C 141 -43.80 -21.17 10.45
CA ASP C 141 -44.65 -19.97 10.55
C ASP C 141 -43.79 -18.70 10.81
N ALA C 142 -44.14 -17.54 10.28
CA ALA C 142 -43.44 -16.29 10.65
C ALA C 142 -43.69 -15.97 12.15
N VAL C 143 -44.88 -16.28 12.66
CA VAL C 143 -45.17 -16.01 14.06
C VAL C 143 -44.26 -16.88 14.97
N THR C 144 -44.09 -18.15 14.62
CA THR C 144 -43.25 -19.03 15.37
C THR C 144 -41.80 -18.57 15.35
N ILE C 145 -41.34 -18.16 14.19
CA ILE C 145 -39.96 -17.67 14.02
C ILE C 145 -39.77 -16.42 14.88
N ALA C 146 -40.71 -15.50 14.80
CA ALA C 146 -40.61 -14.25 15.54
C ALA C 146 -40.55 -14.52 17.08
N LYS C 147 -41.41 -15.38 17.57
CA LYS C 147 -41.40 -15.76 18.98
C LYS C 147 -40.08 -16.39 19.41
N LYS C 148 -39.57 -17.33 18.63
CA LYS C 148 -38.25 -17.94 18.94
C LYS C 148 -37.14 -16.91 19.00
N ALA C 149 -37.13 -15.98 18.03
CA ALA C 149 -36.13 -14.91 18.05
C ALA C 149 -36.29 -13.96 19.21
N TYR C 150 -37.51 -13.61 19.54
CA TYR C 150 -37.74 -12.75 20.66
C TYR C 150 -37.17 -13.45 21.96
N ALA C 151 -37.42 -14.74 22.09
CA ALA C 151 -36.94 -15.49 23.29
C ALA C 151 -35.40 -15.48 23.34
N ILE C 152 -34.74 -15.52 22.20
CA ILE C 152 -33.29 -15.53 22.18
C ILE C 152 -32.67 -14.15 22.48
N TYR C 153 -33.14 -13.10 21.82
CA TYR C 153 -32.52 -11.78 21.95
C TYR C 153 -33.20 -10.81 22.94
N LYS C 154 -34.39 -11.17 23.42
CA LYS C 154 -35.24 -10.32 24.24
C LYS C 154 -35.28 -8.88 23.70
N THR C 155 -35.63 -8.81 22.43
CA THR C 155 -35.59 -7.57 21.65
C THR C 155 -36.78 -7.66 20.69
N ALA C 156 -37.51 -6.58 20.56
CA ALA C 156 -38.66 -6.54 19.59
C ALA C 156 -38.25 -7.11 18.24
N ILE C 157 -39.10 -7.94 17.66
CA ILE C 157 -38.89 -8.50 16.34
C ILE C 157 -40.01 -8.03 15.40
N VAL C 158 -39.64 -7.61 14.19
CA VAL C 158 -40.62 -7.33 13.09
C VAL C 158 -40.24 -8.23 11.92
N ILE C 159 -41.13 -9.12 11.53
CA ILE C 159 -40.86 -9.96 10.33
C ILE C 159 -41.84 -9.48 9.24
N THR C 160 -41.26 -8.94 8.19
CA THR C 160 -42.01 -8.48 7.03
C THR C 160 -42.35 -9.67 6.16
N GLY C 161 -43.47 -9.59 5.46
CA GLY C 161 -43.91 -10.63 4.54
C GLY C 161 -45.26 -10.23 3.89
N LYS C 162 -45.97 -11.20 3.35
CA LYS C 162 -47.31 -10.96 2.83
C LYS C 162 -48.15 -10.36 3.96
N GLU C 163 -48.17 -11.03 5.11
CA GLU C 163 -48.57 -10.42 6.37
C GLU C 163 -47.33 -10.12 7.24
N ASP C 164 -47.40 -9.05 8.02
CA ASP C 164 -46.30 -8.63 8.82
C ASP C 164 -46.56 -9.10 10.23
N VAL C 165 -45.49 -9.50 10.91
CA VAL C 165 -45.54 -9.97 12.31
C VAL C 165 -44.68 -9.09 13.22
N ILE C 166 -45.24 -8.67 14.35
CA ILE C 166 -44.52 -7.94 15.38
C ILE C 166 -44.64 -8.67 16.73
N VAL C 167 -43.48 -8.92 17.35
CA VAL C 167 -43.43 -9.49 18.73
C VAL C 167 -42.66 -8.56 19.63
N GLN C 168 -43.31 -8.10 20.69
CA GLN C 168 -42.67 -7.28 21.71
C GLN C 168 -43.28 -7.65 23.08
N GLY C 169 -42.42 -7.88 24.07
CA GLY C 169 -42.85 -8.32 25.41
C GLY C 169 -43.65 -9.61 25.30
N ASP C 170 -44.85 -9.57 25.83
CA ASP C 170 -45.71 -10.74 25.84
C ASP C 170 -46.78 -10.74 24.73
N LYS C 171 -46.63 -9.89 23.70
CA LYS C 171 -47.68 -9.73 22.70
C LYS C 171 -47.13 -10.02 21.32
N ALA C 172 -47.94 -10.68 20.50
CA ALA C 172 -47.63 -10.94 19.11
C ALA C 172 -48.82 -10.50 18.27
N ILE C 173 -48.54 -9.73 17.21
CA ILE C 173 -49.55 -9.16 16.35
C ILE C 173 -49.24 -9.47 14.86
N VAL C 174 -50.30 -9.71 14.09
CA VAL C 174 -50.22 -9.90 12.65
C VAL C 174 -50.96 -8.74 11.90
N LEU C 175 -50.28 -8.07 10.99
CA LEU C 175 -50.82 -6.97 10.22
C LEU C 175 -50.91 -7.29 8.72
N ALA C 176 -51.96 -6.74 8.04
CA ALA C 176 -52.31 -7.17 6.68
C ALA C 176 -52.51 -5.99 5.76
N ASN C 177 -51.55 -5.09 5.70
CA ASN C 177 -51.69 -3.98 4.76
C ASN C 177 -50.57 -3.99 3.68
N GLY C 178 -50.74 -3.12 2.65
CA GLY C 178 -49.69 -2.81 1.66
C GLY C 178 -50.06 -3.06 0.17
N SER C 179 -49.06 -3.32 -0.68
CA SER C 179 -49.21 -3.57 -2.08
C SER C 179 -48.13 -4.43 -2.70
N PRO C 180 -48.47 -5.15 -3.76
CA PRO C 180 -47.46 -5.97 -4.45
C PRO C 180 -46.37 -5.11 -5.08
N LEU C 181 -46.70 -3.87 -5.45
CA LEU C 181 -45.71 -3.00 -6.06
C LEU C 181 -44.58 -2.66 -5.11
N LEU C 182 -44.77 -2.75 -3.78
CA LEU C 182 -43.67 -2.57 -2.83
C LEU C 182 -42.54 -3.56 -3.00
N ALA C 183 -42.84 -4.78 -3.38
CA ALA C 183 -41.70 -5.74 -3.64
C ALA C 183 -40.83 -5.37 -4.86
N ARG C 184 -41.29 -4.45 -5.75
CA ARG C 184 -40.62 -4.20 -6.97
C ARG C 184 -39.93 -2.86 -6.90
N VAL C 185 -39.87 -2.31 -5.72
CA VAL C 185 -39.15 -1.10 -5.51
C VAL C 185 -37.94 -1.45 -4.60
N THR C 186 -36.71 -1.21 -5.05
CA THR C 186 -35.52 -1.54 -4.25
C THR C 186 -35.46 -0.72 -2.93
N GLY C 187 -35.10 -1.36 -1.85
CA GLY C 187 -35.11 -0.61 -0.57
C GLY C 187 -36.47 -0.03 -0.05
N ALA C 188 -37.61 -0.55 -0.54
CA ALA C 188 -38.93 -0.43 0.21
C ALA C 188 -38.74 -0.95 1.61
N GLY C 189 -38.28 -2.19 1.73
CA GLY C 189 -38.19 -2.77 3.03
C GLY C 189 -37.06 -2.15 3.80
N CYS C 190 -36.05 -1.66 3.06
CA CYS C 190 -34.89 -1.04 3.70
C CYS C 190 -35.30 0.31 4.23
N LEU C 191 -36.22 0.97 3.53
CA LEU C 191 -36.83 2.24 4.00
C LEU C 191 -37.70 1.94 5.26
N LEU C 192 -38.43 0.83 5.31
CA LEU C 192 -39.25 0.52 6.46
C LEU C 192 -38.43 0.49 7.75
N GLY C 193 -37.22 -0.07 7.70
CA GLY C 193 -36.30 -0.02 8.85
C GLY C 193 -36.02 1.37 9.34
N GLY C 194 -35.79 2.29 8.41
CA GLY C 194 -35.64 3.69 8.75
C GLY C 194 -36.88 4.35 9.30
N ILE C 195 -38.03 4.04 8.76
CA ILE C 195 -39.30 4.57 9.27
C ILE C 195 -39.48 4.08 10.77
N ILE C 196 -39.26 2.79 10.98
CA ILE C 196 -39.36 2.23 12.39
C ILE C 196 -38.43 3.04 13.32
N ALA C 197 -37.20 3.29 12.89
CA ALA C 197 -36.28 4.13 13.69
C ALA C 197 -36.86 5.49 13.98
N GLY C 198 -37.59 6.06 12.99
CA GLY C 198 -38.22 7.37 13.18
C GLY C 198 -39.31 7.44 14.22
N PHE C 199 -39.85 6.30 14.60
CA PHE C 199 -40.99 6.19 15.51
C PHE C 199 -40.52 5.89 16.96
N LEU C 200 -39.20 5.81 17.21
CA LEU C 200 -38.75 5.35 18.55
C LEU C 200 -38.63 6.40 19.64
N PHE C 201 -38.28 7.65 19.28
CA PHE C 201 -38.22 8.72 20.25
C PHE C 201 -37.32 8.33 21.48
N ARG C 202 -36.22 7.69 21.19
CA ARG C 202 -35.18 7.42 22.14
C ARG C 202 -35.64 6.41 23.18
N GLU C 203 -36.68 5.65 22.88
CA GLU C 203 -37.06 4.51 23.77
C GLU C 203 -36.31 3.22 23.37
N THR C 204 -35.42 2.74 24.25
CA THR C 204 -34.70 1.52 23.98
C THR C 204 -35.58 0.24 24.09
N GLU C 205 -36.72 0.33 24.74
CA GLU C 205 -37.70 -0.75 24.80
C GLU C 205 -39.06 -0.24 24.28
N PRO C 206 -39.18 -0.05 22.94
CA PRO C 206 -40.37 0.65 22.43
C PRO C 206 -41.70 -0.06 22.67
N ASP C 207 -42.72 0.74 22.91
CA ASP C 207 -44.04 0.23 23.05
C ASP C 207 -44.42 -0.48 21.76
N ILE C 208 -45.10 -1.64 21.85
CA ILE C 208 -45.57 -2.34 20.63
C ILE C 208 -46.43 -1.40 19.74
N GLU C 209 -47.19 -0.48 20.37
CA GLU C 209 -48.03 0.44 19.64
C GLU C 209 -47.24 1.37 18.68
N ALA C 210 -46.02 1.78 19.05
CA ALA C 210 -45.18 2.53 18.16
C ALA C 210 -44.72 1.73 16.96
N LEU C 211 -44.46 0.46 17.17
CA LEU C 211 -44.01 -0.44 16.07
C LEU C 211 -45.19 -0.73 15.11
N ILE C 212 -46.35 -0.96 15.69
CA ILE C 212 -47.60 -1.23 14.91
C ILE C 212 -47.92 0.02 14.02
N GLU C 213 -47.80 1.21 14.60
CA GLU C 213 -48.07 2.44 13.84
C GLU C 213 -47.06 2.64 12.73
N ALA C 214 -45.78 2.40 12.99
CA ALA C 214 -44.72 2.57 11.95
C ALA C 214 -44.96 1.65 10.75
N VAL C 215 -45.27 0.39 11.02
CA VAL C 215 -45.47 -0.60 9.96
C VAL C 215 -46.81 -0.28 9.21
N SER C 216 -47.83 0.14 9.96
CA SER C 216 -49.12 0.44 9.38
C SER C 216 -49.11 1.71 8.56
N VAL C 217 -48.42 2.74 9.03
CA VAL C 217 -48.27 3.98 8.29
C VAL C 217 -47.61 3.64 6.92
N PHE C 218 -46.54 2.87 6.94
CA PHE C 218 -45.87 2.50 5.72
C PHE C 218 -46.72 1.69 4.78
N ASN C 219 -47.30 0.62 5.26
CA ASN C 219 -48.10 -0.22 4.41
C ASN C 219 -49.42 0.40 3.91
N ILE C 220 -50.07 1.20 4.75
CA ILE C 220 -51.31 1.91 4.32
C ILE C 220 -50.96 2.97 3.24
N ALA C 221 -49.83 3.70 3.43
CA ALA C 221 -49.37 4.63 2.40
C ALA C 221 -49.12 3.89 1.09
N ALA C 222 -48.51 2.74 1.14
CA ALA C 222 -48.26 1.92 -0.05
C ALA C 222 -49.51 1.48 -0.77
N GLU C 223 -50.48 1.02 0.02
CA GLU C 223 -51.78 0.63 -0.51
C GLU C 223 -52.48 1.79 -1.22
N VAL C 224 -52.50 2.96 -0.59
CA VAL C 224 -53.17 4.13 -1.17
C VAL C 224 -52.42 4.63 -2.42
N ALA C 225 -51.10 4.73 -2.36
CA ALA C 225 -50.32 5.12 -3.54
C ALA C 225 -50.58 4.21 -4.75
N ALA C 226 -50.62 2.89 -4.55
CA ALA C 226 -50.81 1.97 -5.63
C ALA C 226 -52.20 2.11 -6.24
N GLU C 227 -53.17 2.63 -5.49
CA GLU C 227 -54.50 2.92 -6.06
C GLU C 227 -54.59 4.22 -6.85
N ASN C 228 -53.60 5.09 -6.75
CA ASN C 228 -53.71 6.41 -7.40
C ASN C 228 -53.80 6.23 -8.92
N GLU C 229 -54.65 7.05 -9.57
CA GLU C 229 -54.86 6.96 -11.00
C GLU C 229 -53.54 7.15 -11.77
N ASN C 230 -52.60 7.87 -11.19
CA ASN C 230 -51.33 8.18 -11.84
C ASN C 230 -50.25 7.15 -11.51
N CYS C 231 -50.59 6.09 -10.76
CA CYS C 231 -49.62 5.02 -10.55
C CYS C 231 -49.64 4.09 -11.75
N GLY C 232 -48.59 4.09 -12.58
CA GLY C 232 -48.58 3.25 -13.75
C GLY C 232 -47.62 2.05 -13.65
N GLY C 233 -47.03 1.84 -12.48
CA GLY C 233 -46.10 0.75 -12.30
C GLY C 233 -45.08 1.10 -11.20
N PRO C 234 -44.01 0.30 -11.08
CA PRO C 234 -43.09 0.44 -9.99
C PRO C 234 -42.29 1.78 -10.03
N GLY C 235 -42.13 2.34 -11.22
CA GLY C 235 -41.39 3.58 -11.37
C GLY C 235 -42.19 4.74 -10.80
N THR C 236 -43.41 4.93 -11.29
CA THR C 236 -44.25 6.00 -10.77
C THR C 236 -44.75 5.80 -9.36
N PHE C 237 -44.84 4.54 -8.94
CA PHE C 237 -45.26 4.23 -7.55
C PHE C 237 -44.37 4.92 -6.52
N SER C 238 -43.08 4.90 -6.70
CA SER C 238 -42.15 5.35 -5.65
C SER C 238 -42.32 6.87 -5.25
N PRO C 239 -42.46 7.81 -6.26
CA PRO C 239 -42.80 9.18 -5.89
C PRO C 239 -44.17 9.30 -5.25
N LEU C 240 -45.13 8.50 -5.72
CA LEU C 240 -46.49 8.49 -5.12
C LEU C 240 -46.52 7.93 -3.70
N LEU C 241 -45.62 7.05 -3.37
CA LEU C 241 -45.50 6.56 -1.94
C LEU C 241 -45.02 7.69 -1.05
N LEU C 242 -43.98 8.43 -1.46
CA LEU C 242 -43.53 9.57 -0.68
C LEU C 242 -44.62 10.60 -0.52
N ASP C 243 -45.33 10.97 -1.62
CA ASP C 243 -46.43 11.91 -1.46
C ASP C 243 -47.47 11.44 -0.40
N THR C 244 -47.83 10.17 -0.48
CA THR C 244 -48.89 9.58 0.35
C THR C 244 -48.45 9.55 1.84
N LEU C 245 -47.20 9.24 2.09
CA LEU C 245 -46.65 9.35 3.44
C LEU C 245 -46.74 10.79 3.97
N TYR C 246 -46.43 11.78 3.10
CA TYR C 246 -46.46 13.18 3.48
C TYR C 246 -47.89 13.60 3.85
N HIS C 247 -48.90 13.15 3.08
CA HIS C 247 -50.29 13.55 3.29
C HIS C 247 -51.12 12.68 4.25
N LEU C 248 -50.60 11.54 4.64
CA LEU C 248 -51.44 10.52 5.34
C LEU C 248 -52.12 11.18 6.56
N ASN C 249 -53.42 10.98 6.66
CA ASN C 249 -54.21 11.55 7.80
C ASN C 249 -54.94 10.48 8.65
N GLU C 250 -55.50 10.90 9.78
CA GLU C 250 -56.03 9.93 10.76
C GLU C 250 -57.24 9.22 10.18
N THR C 251 -58.06 9.92 9.42
CA THR C 251 -59.21 9.26 8.77
C THR C 251 -58.82 8.08 7.88
N THR C 252 -57.85 8.33 6.99
CA THR C 252 -57.37 7.30 6.09
C THR C 252 -56.79 6.14 6.92
N TYR C 253 -55.96 6.47 7.92
CA TYR C 253 -55.34 5.44 8.74
C TYR C 253 -56.37 4.54 9.38
N GLN C 254 -57.33 5.15 10.04
CA GLN C 254 -58.35 4.40 10.79
C GLN C 254 -59.25 3.56 9.84
N GLN C 255 -59.68 4.14 8.71
CA GLN C 255 -60.44 3.36 7.69
C GLN C 255 -59.68 2.14 7.19
N ARG C 256 -58.35 2.27 7.00
CA ARG C 256 -57.63 1.25 6.30
C ARG C 256 -56.91 0.20 7.15
N ILE C 257 -56.59 0.50 8.37
CA ILE C 257 -55.70 -0.39 9.16
C ILE C 257 -56.31 -1.79 9.30
N ARG C 258 -55.51 -2.84 9.10
CA ARG C 258 -56.02 -4.24 9.29
C ARG C 258 -55.05 -4.98 10.23
N ILE C 259 -55.38 -4.99 11.51
CA ILE C 259 -54.56 -5.69 12.52
C ILE C 259 -55.36 -6.76 13.24
N GLN C 260 -54.68 -7.84 13.64
CA GLN C 260 -55.27 -8.83 14.60
C GLN C 260 -54.23 -9.44 15.57
N GLU C 261 -54.62 -9.68 16.82
CA GLU C 261 -53.68 -10.26 17.81
C GLU C 261 -53.57 -11.77 17.57
N VAL C 262 -52.66 -12.41 18.28
CA VAL C 262 -52.57 -13.87 18.29
C VAL C 262 -52.65 -14.31 19.72
N ASN D 2 50.09 -28.07 -2.75
CA ASN D 2 51.26 -27.29 -3.28
C ASN D 2 51.08 -25.76 -3.15
N TYR D 3 50.09 -25.19 -3.86
CA TYR D 3 49.90 -23.73 -3.86
C TYR D 3 49.41 -23.20 -2.51
N LEU D 4 48.55 -23.95 -1.83
CA LEU D 4 48.02 -23.53 -0.55
C LEU D 4 49.13 -23.36 0.50
N ASN D 5 50.11 -24.27 0.49
CA ASN D 5 51.26 -24.14 1.38
C ASN D 5 52.00 -22.82 1.14
N ASN D 6 52.17 -22.46 -0.12
CA ASN D 6 52.78 -21.17 -0.46
C ASN D 6 51.96 -19.96 -0.07
N ILE D 7 50.63 -20.03 -0.18
CA ILE D 7 49.77 -18.93 0.27
C ILE D 7 50.00 -18.71 1.78
N ARG D 8 50.01 -19.79 2.54
CA ARG D 8 50.18 -19.69 4.01
C ARG D 8 51.53 -19.09 4.43
N ILE D 9 52.59 -19.40 3.67
CA ILE D 9 53.92 -18.90 3.95
C ILE D 9 54.18 -17.48 3.41
N GLU D 10 53.75 -17.21 2.18
CA GLU D 10 54.00 -15.90 1.53
C GLU D 10 52.95 -14.81 1.79
N ASN D 11 51.74 -15.18 2.23
CA ASN D 11 50.75 -14.18 2.58
C ASN D 11 50.49 -13.19 1.40
N PRO D 12 50.14 -13.70 0.20
CA PRO D 12 50.00 -12.82 -0.97
C PRO D 12 48.92 -11.72 -0.85
N LEU D 13 49.36 -10.48 -1.10
CA LEU D 13 48.47 -9.34 -1.16
C LEU D 13 47.50 -9.47 -2.33
N THR D 14 46.20 -9.53 -2.02
CA THR D 14 45.16 -9.85 -2.97
C THR D 14 44.14 -8.74 -2.96
N ILE D 15 44.14 -7.92 -4.01
CA ILE D 15 43.28 -6.75 -4.04
C ILE D 15 41.89 -7.20 -4.49
N CYS D 16 40.85 -6.74 -3.79
CA CYS D 16 39.44 -7.05 -4.15
C CYS D 16 38.59 -5.80 -4.37
N TYR D 17 38.11 -5.65 -5.60
CA TYR D 17 37.07 -4.70 -5.96
C TYR D 17 35.80 -5.52 -6.16
N THR D 18 35.01 -5.65 -5.09
CA THR D 18 33.90 -6.57 -5.11
C THR D 18 32.63 -5.91 -4.64
N ASN D 19 31.54 -6.68 -4.59
CA ASN D 19 30.24 -6.12 -4.31
C ASN D 19 29.96 -5.95 -2.81
N ASP D 20 29.04 -5.04 -2.50
CA ASP D 20 28.76 -4.65 -1.12
C ASP D 20 28.14 -5.75 -0.25
N VAL D 21 27.64 -6.83 -0.86
CA VAL D 21 27.00 -7.87 -0.11
C VAL D 21 28.03 -8.84 0.48
N VAL D 22 29.20 -8.92 -0.14
CA VAL D 22 30.17 -9.99 0.13
C VAL D 22 31.56 -9.56 0.54
N LYS D 23 31.79 -8.27 0.77
CA LYS D 23 33.13 -7.78 1.10
C LYS D 23 33.72 -8.40 2.35
N ASN D 24 32.94 -8.37 3.45
CA ASN D 24 33.42 -8.94 4.70
C ASN D 24 33.73 -10.45 4.56
N PHE D 25 32.80 -11.22 3.97
CA PHE D 25 33.00 -12.65 3.82
C PHE D 25 34.18 -12.99 2.92
N THR D 26 34.35 -12.20 1.87
CA THR D 26 35.49 -12.37 0.98
C THR D 26 36.86 -12.13 1.68
N ALA D 27 36.93 -11.05 2.46
CA ALA D 27 38.14 -10.75 3.21
C ALA D 27 38.42 -11.86 4.22
N ASN D 28 37.40 -12.29 4.95
CA ASN D 28 37.60 -13.36 5.91
C ASN D 28 38.05 -14.68 5.29
N GLY D 29 37.47 -15.04 4.16
CA GLY D 29 37.89 -16.26 3.45
C GLY D 29 39.34 -16.22 3.00
N LEU D 30 39.73 -15.09 2.44
CA LEU D 30 41.14 -14.89 2.08
C LEU D 30 42.07 -14.95 3.30
N LEU D 31 41.69 -14.28 4.39
CA LEU D 31 42.49 -14.37 5.61
C LEU D 31 42.63 -15.81 6.09
N SER D 32 41.55 -16.58 5.97
CA SER D 32 41.55 -17.90 6.55
C SER D 32 42.55 -18.84 5.85
N ILE D 33 42.77 -18.65 4.55
CA ILE D 33 43.79 -19.46 3.82
C ILE D 33 45.22 -18.88 3.89
N GLY D 34 45.39 -17.72 4.55
CA GLY D 34 46.72 -17.12 4.73
C GLY D 34 47.03 -15.96 3.78
N ALA D 35 46.09 -15.60 2.90
CA ALA D 35 46.28 -14.46 2.00
C ALA D 35 46.07 -13.13 2.76
N SER D 36 46.41 -12.04 2.11
CA SER D 36 46.27 -10.72 2.71
C SER D 36 45.32 -9.90 1.83
N PRO D 37 44.03 -9.90 2.17
CA PRO D 37 43.06 -9.14 1.36
C PRO D 37 43.19 -7.61 1.55
N ALA D 38 42.98 -6.85 0.49
CA ALA D 38 42.83 -5.43 0.59
C ALA D 38 41.70 -5.02 -0.33
N MET D 39 40.62 -4.46 0.24
CA MET D 39 39.50 -3.92 -0.54
C MET D 39 39.75 -2.46 -0.94
N SER D 40 40.69 -2.26 -1.84
CA SER D 40 41.02 -0.91 -2.27
C SER D 40 40.19 -0.60 -3.50
N GLU D 41 39.45 0.50 -3.46
CA GLU D 41 38.59 0.91 -4.58
C GLU D 41 38.93 2.27 -5.21
N ALA D 42 39.91 2.97 -4.66
CA ALA D 42 40.30 4.28 -5.17
C ALA D 42 41.33 4.13 -6.31
N PRO D 43 40.97 4.58 -7.53
CA PRO D 43 41.98 4.57 -8.61
C PRO D 43 43.25 5.36 -8.26
N GLU D 44 43.12 6.36 -7.38
CA GLU D 44 44.25 7.19 -6.96
C GLU D 44 45.37 6.41 -6.22
N GLU D 45 45.09 5.23 -5.68
CA GLU D 45 46.13 4.41 -5.05
C GLU D 45 46.40 3.08 -5.74
N ALA D 46 45.78 2.87 -6.90
CA ALA D 46 45.94 1.60 -7.60
C ALA D 46 47.37 1.37 -8.05
N GLU D 47 48.01 2.39 -8.60
CA GLU D 47 49.40 2.23 -9.08
C GLU D 47 50.33 1.74 -7.97
N GLU D 48 50.26 2.35 -6.78
CA GLU D 48 51.15 1.97 -5.68
C GLU D 48 50.79 0.60 -5.10
N PHE D 49 49.50 0.33 -4.94
CA PHE D 49 49.07 -0.99 -4.44
C PHE D 49 49.40 -2.14 -5.39
N TYR D 50 49.20 -1.92 -6.67
CA TYR D 50 49.30 -3.01 -7.65
C TYR D 50 50.75 -3.46 -7.88
N LYS D 51 51.70 -2.53 -7.77
CA LYS D 51 53.14 -2.83 -7.90
C LYS D 51 53.53 -4.00 -6.98
N VAL D 52 52.95 -4.07 -5.80
CA VAL D 52 53.34 -5.07 -4.81
C VAL D 52 52.29 -6.21 -4.63
N ALA D 53 51.13 -6.07 -5.28
CA ALA D 53 50.07 -7.07 -5.16
C ALA D 53 50.31 -8.32 -6.04
N GLN D 54 49.62 -9.41 -5.70
CA GLN D 54 49.76 -10.67 -6.45
C GLN D 54 48.59 -10.97 -7.38
N ALA D 55 47.44 -10.33 -7.14
CA ALA D 55 46.29 -10.40 -8.04
C ALA D 55 45.23 -9.36 -7.67
N LEU D 56 44.33 -9.13 -8.63
CA LEU D 56 43.16 -8.27 -8.47
C LEU D 56 41.89 -9.03 -8.86
N LEU D 57 40.91 -9.02 -7.97
CA LEU D 57 39.54 -9.46 -8.24
C LEU D 57 38.68 -8.24 -8.64
N ILE D 58 37.96 -8.37 -9.74
CA ILE D 58 36.87 -7.45 -10.09
C ILE D 58 35.56 -8.23 -10.17
N ASN D 59 34.58 -7.85 -9.33
CA ASN D 59 33.27 -8.50 -9.24
C ASN D 59 32.22 -7.41 -9.33
N ILE D 60 31.28 -7.54 -10.27
CA ILE D 60 30.27 -6.46 -10.56
C ILE D 60 28.89 -6.67 -9.92
N GLY D 61 28.84 -7.44 -8.84
CA GLY D 61 27.57 -7.78 -8.23
C GLY D 61 26.65 -6.59 -7.94
N THR D 62 27.21 -5.46 -7.53
CA THR D 62 26.38 -4.31 -7.21
C THR D 62 26.77 -3.12 -8.07
N LEU D 63 27.05 -3.39 -9.35
CA LEU D 63 27.48 -2.37 -10.30
C LEU D 63 26.51 -1.17 -10.33
N THR D 64 27.09 0.04 -10.19
CA THR D 64 26.35 1.33 -10.38
C THR D 64 27.23 2.33 -11.16
N ALA D 65 26.63 3.46 -11.56
CA ALA D 65 27.37 4.51 -12.27
C ALA D 65 28.62 4.97 -11.50
N GLN D 66 28.55 5.02 -10.15
CA GLN D 66 29.71 5.35 -9.32
C GLN D 66 30.91 4.40 -9.51
N ASN D 67 30.68 3.14 -9.93
CA ASN D 67 31.75 2.15 -10.14
C ASN D 67 32.29 2.10 -11.58
N GLU D 68 31.48 2.44 -12.58
CA GLU D 68 31.82 2.04 -13.97
C GLU D 68 33.18 2.55 -14.42
N GLN D 69 33.38 3.87 -14.38
CA GLN D 69 34.62 4.46 -14.86
C GLN D 69 35.82 3.99 -14.04
N ASP D 70 35.63 3.89 -12.72
CA ASP D 70 36.71 3.45 -11.82
C ASP D 70 37.19 2.01 -12.13
N ILE D 71 36.25 1.12 -12.41
CA ILE D 71 36.60 -0.27 -12.75
C ILE D 71 37.44 -0.33 -14.04
N ILE D 72 37.00 0.39 -15.06
CA ILE D 72 37.75 0.47 -16.31
C ILE D 72 39.16 1.00 -16.04
N ALA D 73 39.25 2.09 -15.28
CA ALA D 73 40.55 2.72 -14.98
C ALA D 73 41.48 1.77 -14.23
N ILE D 74 40.97 1.07 -13.20
CA ILE D 74 41.86 0.17 -12.46
C ILE D 74 42.23 -1.10 -13.23
N ALA D 75 41.35 -1.59 -14.10
CA ALA D 75 41.72 -2.73 -14.94
C ALA D 75 42.91 -2.36 -15.86
N GLN D 76 42.86 -1.16 -16.43
CA GLN D 76 43.99 -0.67 -17.24
C GLN D 76 45.26 -0.52 -16.40
N THR D 77 45.13 0.02 -15.18
CA THR D 77 46.28 0.11 -14.26
C THR D 77 46.85 -1.28 -13.93
N ALA D 78 45.99 -2.28 -13.72
CA ALA D 78 46.44 -3.67 -13.51
C ALA D 78 47.21 -4.25 -14.71
N ASN D 79 46.63 -4.11 -15.90
CA ASN D 79 47.32 -4.51 -17.13
C ASN D 79 48.72 -3.89 -17.21
N GLU D 80 48.79 -2.56 -17.05
CA GLU D 80 50.08 -1.83 -17.11
C GLU D 80 51.10 -2.36 -16.10
N ALA D 81 50.61 -2.79 -14.93
CA ALA D 81 51.47 -3.30 -13.86
C ALA D 81 51.82 -4.81 -13.99
N GLY D 82 51.21 -5.51 -14.94
CA GLY D 82 51.32 -6.97 -15.03
C GLY D 82 50.58 -7.72 -13.91
N LEU D 83 49.56 -7.09 -13.33
CA LEU D 83 48.79 -7.72 -12.24
C LEU D 83 47.62 -8.56 -12.80
N PRO D 84 47.60 -9.87 -12.52
CA PRO D 84 46.52 -10.70 -13.04
C PRO D 84 45.14 -10.32 -12.46
N ILE D 85 44.14 -10.30 -13.35
CA ILE D 85 42.77 -9.99 -13.00
C ILE D 85 41.91 -11.26 -13.03
N VAL D 86 41.17 -11.48 -11.95
CA VAL D 86 40.07 -12.43 -11.94
C VAL D 86 38.76 -11.62 -12.09
N PHE D 87 37.96 -11.96 -13.10
CA PHE D 87 36.74 -11.18 -13.41
C PHE D 87 35.51 -12.06 -13.16
N ASP D 88 34.59 -11.54 -12.33
CA ASP D 88 33.34 -12.21 -12.03
C ASP D 88 32.16 -11.33 -12.55
N PRO D 89 31.61 -11.71 -13.72
CA PRO D 89 30.51 -10.99 -14.37
C PRO D 89 29.13 -11.34 -13.78
N VAL D 90 28.96 -11.04 -12.50
CA VAL D 90 27.78 -11.42 -11.74
C VAL D 90 26.49 -10.94 -12.42
N ALA D 91 25.58 -11.88 -12.66
CA ALA D 91 24.24 -11.61 -13.25
C ALA D 91 24.26 -10.86 -14.59
N VAL D 92 25.33 -11.05 -15.38
CA VAL D 92 25.46 -10.35 -16.65
C VAL D 92 24.25 -10.59 -17.57
N GLY D 93 23.69 -11.79 -17.51
CA GLY D 93 22.52 -12.15 -18.30
C GLY D 93 21.22 -11.46 -17.86
N ALA D 94 21.20 -10.82 -16.71
CA ALA D 94 19.99 -10.22 -16.18
C ALA D 94 19.68 -8.80 -16.67
N SER D 95 20.66 -8.08 -17.22
CA SER D 95 20.37 -6.73 -17.80
C SER D 95 21.30 -6.33 -18.95
N THR D 96 20.76 -5.49 -19.84
CA THR D 96 21.57 -4.94 -20.93
C THR D 96 22.64 -3.99 -20.34
N TYR D 97 22.32 -3.31 -19.24
CA TYR D 97 23.29 -2.52 -18.48
C TYR D 97 24.55 -3.32 -18.15
N ARG D 98 24.39 -4.47 -17.53
CA ARG D 98 25.55 -5.31 -17.22
C ARG D 98 26.23 -5.91 -18.47
N LYS D 99 25.44 -6.38 -19.44
CA LYS D 99 26.01 -6.89 -20.70
C LYS D 99 26.91 -5.88 -21.39
N GLN D 100 26.41 -4.65 -21.50
CA GLN D 100 27.20 -3.60 -22.16
C GLN D 100 28.45 -3.28 -21.38
N PHE D 101 28.34 -3.24 -20.05
CA PHE D 101 29.52 -2.96 -19.25
C PHE D 101 30.58 -4.06 -19.40
N CYS D 102 30.18 -5.32 -19.32
CA CYS D 102 31.14 -6.45 -19.40
C CYS D 102 31.85 -6.50 -20.77
N LYS D 103 31.08 -6.24 -21.82
CA LYS D 103 31.63 -6.11 -23.19
C LYS D 103 32.69 -5.00 -23.26
N LEU D 104 32.33 -3.82 -22.75
CA LEU D 104 33.29 -2.73 -22.66
C LEU D 104 34.53 -3.11 -21.86
N LEU D 105 34.37 -3.73 -20.70
CA LEU D 105 35.53 -4.09 -19.90
C LEU D 105 36.46 -5.05 -20.63
N LEU D 106 35.90 -6.09 -21.24
CA LEU D 106 36.71 -7.13 -21.92
C LEU D 106 37.32 -6.65 -23.26
N LYS D 107 36.79 -5.56 -23.81
CA LYS D 107 37.41 -4.86 -24.95
C LYS D 107 38.50 -3.89 -24.47
N SER D 108 38.47 -3.48 -23.20
CA SER D 108 39.42 -2.47 -22.68
C SER D 108 40.63 -3.07 -21.98
N ALA D 109 40.53 -4.33 -21.56
CA ALA D 109 41.54 -4.93 -20.72
C ALA D 109 41.61 -6.45 -20.89
N LYS D 110 42.80 -6.99 -20.66
CA LYS D 110 43.05 -8.41 -20.70
C LYS D 110 42.91 -8.95 -19.28
N VAL D 111 42.01 -9.90 -19.08
CA VAL D 111 41.90 -10.57 -17.78
C VAL D 111 42.56 -11.94 -17.81
N SER D 112 42.84 -12.48 -16.64
CA SER D 112 43.56 -13.76 -16.48
C SER D 112 42.65 -14.98 -16.16
N VAL D 113 41.52 -14.73 -15.49
CA VAL D 113 40.50 -15.76 -15.24
C VAL D 113 39.13 -15.09 -15.35
N ILE D 114 38.20 -15.72 -16.07
CA ILE D 114 36.81 -15.30 -16.06
C ILE D 114 36.02 -16.39 -15.34
N LYS D 115 35.32 -16.01 -14.27
CA LYS D 115 34.61 -16.96 -13.42
C LYS D 115 33.15 -16.61 -13.34
N GLY D 116 32.29 -17.58 -13.60
CA GLY D 116 30.84 -17.38 -13.48
C GLY D 116 30.04 -18.66 -13.56
N ASN D 117 28.72 -18.57 -13.39
CA ASN D 117 27.86 -19.72 -13.61
C ASN D 117 27.59 -19.87 -15.10
N ALA D 118 26.98 -20.98 -15.48
CA ALA D 118 26.84 -21.31 -16.91
C ALA D 118 26.04 -20.23 -17.65
N SER D 119 25.01 -19.71 -16.96
CA SER D 119 24.15 -18.67 -17.59
C SER D 119 24.93 -17.40 -17.82
N GLU D 120 25.79 -17.04 -16.88
CA GLU D 120 26.57 -15.82 -17.00
C GLU D 120 27.58 -15.91 -18.14
N ILE D 121 28.36 -17.00 -18.18
CA ILE D 121 29.33 -17.17 -19.25
C ILE D 121 28.65 -17.27 -20.61
N LEU D 122 27.51 -17.97 -20.69
CA LEU D 122 26.74 -18.04 -21.94
C LEU D 122 26.31 -16.64 -22.44
N ALA D 123 25.87 -15.80 -21.52
CA ALA D 123 25.41 -14.44 -21.85
C ALA D 123 26.58 -13.62 -22.40
N LEU D 124 27.77 -13.83 -21.85
CA LEU D 124 28.97 -13.14 -22.35
C LEU D 124 29.27 -13.47 -23.80
N ILE D 125 29.18 -14.73 -24.17
CA ILE D 125 29.44 -15.17 -25.54
C ILE D 125 28.01 -15.05 -26.22
N ASP D 126 27.82 -14.28 -27.30
CA ASP D 126 26.47 -14.01 -27.87
C ASP D 126 25.36 -14.06 -26.81
N LEU D 140 21.68 -26.67 -19.93
CA LEU D 140 22.82 -25.85 -20.34
C LEU D 140 24.14 -26.67 -20.19
N ASP D 141 24.94 -26.74 -21.25
CA ASP D 141 26.12 -27.63 -21.35
C ASP D 141 27.43 -26.92 -20.96
N ALA D 142 27.88 -27.08 -19.73
CA ALA D 142 28.91 -26.19 -19.20
C ALA D 142 30.33 -26.38 -19.86
N VAL D 143 30.69 -27.62 -20.21
CA VAL D 143 31.98 -27.86 -20.83
C VAL D 143 32.03 -27.22 -22.22
N THR D 144 30.95 -27.34 -22.98
CA THR D 144 30.87 -26.70 -24.29
C THR D 144 30.94 -25.19 -24.20
N ILE D 145 30.16 -24.61 -23.28
CA ILE D 145 30.18 -23.15 -23.05
C ILE D 145 31.58 -22.66 -22.63
N ALA D 146 32.22 -23.35 -21.69
CA ALA D 146 33.59 -23.00 -21.26
C ALA D 146 34.64 -23.04 -22.40
N LYS D 147 34.58 -24.08 -23.21
CA LYS D 147 35.44 -24.18 -24.40
C LYS D 147 35.22 -23.07 -25.43
N LYS D 148 33.94 -22.75 -25.72
CA LYS D 148 33.65 -21.62 -26.63
C LYS D 148 34.19 -20.30 -26.08
N ALA D 149 33.96 -20.04 -24.78
CA ALA D 149 34.46 -18.82 -24.16
C ALA D 149 35.98 -18.76 -24.21
N TYR D 150 36.64 -19.88 -23.93
CA TYR D 150 38.10 -19.94 -23.98
C TYR D 150 38.61 -19.60 -25.39
N ALA D 151 37.97 -20.16 -26.42
CA ALA D 151 38.32 -19.84 -27.81
C ALA D 151 38.13 -18.35 -28.12
N ILE D 152 37.12 -17.71 -27.55
CA ILE D 152 36.91 -16.25 -27.79
C ILE D 152 37.92 -15.37 -27.06
N TYR D 153 38.11 -15.59 -25.74
CA TYR D 153 38.90 -14.65 -24.91
C TYR D 153 40.34 -15.10 -24.67
N LYS D 154 40.67 -16.32 -25.07
CA LYS D 154 41.97 -16.97 -24.77
C LYS D 154 42.44 -16.69 -23.33
N THR D 155 41.54 -16.98 -22.40
CA THR D 155 41.69 -16.61 -21.00
C THR D 155 41.05 -17.80 -20.27
N ALA D 156 41.66 -18.22 -19.17
CA ALA D 156 41.13 -19.32 -18.38
C ALA D 156 39.67 -19.05 -17.99
N ILE D 157 38.85 -20.09 -18.06
CA ILE D 157 37.42 -19.97 -17.77
C ILE D 157 37.12 -20.96 -16.67
N VAL D 158 36.41 -20.47 -15.64
CA VAL D 158 35.87 -21.33 -14.60
C VAL D 158 34.35 -21.15 -14.63
N ILE D 159 33.61 -22.23 -14.85
CA ILE D 159 32.17 -22.21 -14.71
C ILE D 159 31.75 -23.05 -13.50
N THR D 160 31.17 -22.37 -12.53
CA THR D 160 30.66 -23.00 -11.32
C THR D 160 29.26 -23.57 -11.54
N GLY D 161 28.94 -24.64 -10.81
CA GLY D 161 27.65 -25.32 -10.97
C GLY D 161 27.61 -26.52 -10.05
N LYS D 162 26.69 -27.43 -10.31
CA LYS D 162 26.66 -28.70 -9.56
C LYS D 162 28.05 -29.40 -9.65
N GLU D 163 28.53 -29.57 -10.87
CA GLU D 163 29.94 -29.84 -11.09
C GLU D 163 30.60 -28.56 -11.62
N ASP D 164 31.87 -28.36 -11.27
CA ASP D 164 32.60 -27.20 -11.73
C ASP D 164 33.50 -27.56 -12.92
N VAL D 165 33.59 -26.62 -13.86
CA VAL D 165 34.35 -26.78 -15.10
C VAL D 165 35.48 -25.74 -15.16
N ILE D 166 36.70 -26.20 -15.49
CA ILE D 166 37.83 -25.31 -15.71
C ILE D 166 38.46 -25.61 -17.08
N VAL D 167 38.66 -24.55 -17.87
CA VAL D 167 39.34 -24.67 -19.13
C VAL D 167 40.52 -23.69 -19.12
N GLN D 168 41.71 -24.22 -19.34
CA GLN D 168 42.92 -23.42 -19.50
C GLN D 168 43.93 -24.14 -20.38
N GLY D 169 44.53 -23.40 -21.31
CA GLY D 169 45.45 -24.04 -22.27
C GLY D 169 44.76 -25.19 -23.00
N ASP D 170 45.45 -26.34 -23.06
CA ASP D 170 44.95 -27.49 -23.84
C ASP D 170 44.21 -28.54 -22.97
N LYS D 171 43.63 -28.11 -21.85
CA LYS D 171 42.87 -29.03 -21.01
C LYS D 171 41.54 -28.46 -20.55
N ALA D 172 40.59 -29.37 -20.38
CA ALA D 172 39.29 -29.08 -19.75
C ALA D 172 39.06 -30.11 -18.66
N ILE D 173 38.67 -29.63 -17.47
CA ILE D 173 38.46 -30.51 -16.34
C ILE D 173 37.12 -30.27 -15.68
N VAL D 174 36.48 -31.37 -15.26
CA VAL D 174 35.25 -31.33 -14.52
C VAL D 174 35.54 -31.84 -13.09
N LEU D 175 35.22 -31.02 -12.12
CA LEU D 175 35.41 -31.37 -10.71
C LEU D 175 34.06 -31.64 -10.02
N ALA D 176 34.07 -32.51 -9.00
CA ALA D 176 32.82 -32.91 -8.33
C ALA D 176 32.92 -32.89 -6.79
N ASN D 177 33.33 -31.77 -6.19
CA ASN D 177 33.35 -31.63 -4.72
C ASN D 177 32.38 -30.56 -4.25
N GLY D 178 32.14 -30.52 -2.94
CA GLY D 178 31.43 -29.41 -2.31
C GLY D 178 30.19 -29.85 -1.58
N SER D 179 29.26 -28.90 -1.40
CA SER D 179 28.04 -29.13 -0.62
C SER D 179 26.85 -28.29 -1.13
N PRO D 180 25.63 -28.84 -1.07
CA PRO D 180 24.41 -28.05 -1.28
C PRO D 180 24.31 -26.79 -0.40
N LEU D 181 24.83 -26.83 0.82
CA LEU D 181 24.78 -25.66 1.70
C LEU D 181 25.50 -24.43 1.15
N LEU D 182 26.49 -24.64 0.28
CA LEU D 182 27.16 -23.50 -0.36
C LEU D 182 26.22 -22.63 -1.16
N ALA D 183 25.23 -23.21 -1.82
CA ALA D 183 24.29 -22.38 -2.60
C ALA D 183 23.38 -21.49 -1.72
N ARG D 184 23.32 -21.75 -0.41
CA ARG D 184 22.43 -21.05 0.51
C ARG D 184 23.20 -20.01 1.36
N VAL D 185 24.45 -19.78 1.00
CA VAL D 185 25.26 -18.78 1.67
C VAL D 185 25.60 -17.68 0.68
N THR D 186 25.18 -16.44 0.95
CA THR D 186 25.33 -15.37 -0.07
C THR D 186 26.76 -15.11 -0.49
N GLY D 187 27.71 -15.09 0.41
CA GLY D 187 29.03 -14.83 -0.08
C GLY D 187 29.79 -15.91 -0.88
N ALA D 188 29.23 -17.12 -1.09
CA ALA D 188 30.03 -18.34 -1.42
C ALA D 188 30.75 -18.21 -2.73
N GLY D 189 30.00 -18.08 -3.82
CA GLY D 189 30.61 -18.10 -5.12
C GLY D 189 31.41 -16.83 -5.33
N CYS D 190 30.97 -15.74 -4.71
CA CYS D 190 31.67 -14.47 -4.85
C CYS D 190 33.03 -14.58 -4.06
N LEU D 191 33.01 -15.34 -2.95
CA LEU D 191 34.26 -15.67 -2.22
C LEU D 191 35.19 -16.55 -3.07
N LEU D 192 34.62 -17.48 -3.83
CA LEU D 192 35.48 -18.35 -4.69
C LEU D 192 36.33 -17.54 -5.66
N GLY D 193 35.75 -16.50 -6.26
CA GLY D 193 36.51 -15.58 -7.10
C GLY D 193 37.72 -15.02 -6.38
N GLY D 194 37.53 -14.60 -5.15
CA GLY D 194 38.62 -14.11 -4.32
C GLY D 194 39.67 -15.18 -4.02
N ILE D 195 39.22 -16.39 -3.73
CA ILE D 195 40.14 -17.51 -3.43
C ILE D 195 41.01 -17.75 -4.66
N ILE D 196 40.37 -17.82 -5.82
CA ILE D 196 41.10 -18.02 -7.07
C ILE D 196 42.19 -16.94 -7.23
N ALA D 197 41.83 -15.69 -7.02
CA ALA D 197 42.84 -14.62 -7.09
C ALA D 197 43.98 -14.87 -6.12
N GLY D 198 43.68 -15.43 -4.95
CA GLY D 198 44.73 -15.76 -3.96
C GLY D 198 45.78 -16.80 -4.43
N PHE D 199 45.40 -17.60 -5.42
CA PHE D 199 46.23 -18.72 -5.93
C PHE D 199 47.10 -18.31 -7.15
N LEU D 200 47.04 -17.05 -7.59
CA LEU D 200 47.68 -16.70 -8.88
C LEU D 200 49.17 -16.34 -8.79
N PHE D 201 49.61 -15.80 -7.66
CA PHE D 201 51.01 -15.42 -7.48
C PHE D 201 51.56 -14.59 -8.64
N ARG D 202 50.77 -13.61 -9.07
CA ARG D 202 51.19 -12.67 -10.12
C ARG D 202 51.46 -13.32 -11.50
N GLU D 203 50.89 -14.50 -11.75
CA GLU D 203 50.93 -15.16 -13.09
C GLU D 203 49.74 -14.75 -13.93
N THR D 204 50.00 -14.01 -15.00
CA THR D 204 48.92 -13.56 -15.88
C THR D 204 48.35 -14.69 -16.76
N GLU D 205 49.10 -15.78 -16.94
CA GLU D 205 48.57 -17.01 -17.56
C GLU D 205 48.71 -18.19 -16.59
N PRO D 206 47.77 -18.30 -15.63
CA PRO D 206 48.04 -19.27 -14.57
C PRO D 206 48.01 -20.73 -15.02
N ASP D 207 48.81 -21.55 -14.37
CA ASP D 207 48.77 -22.98 -14.59
C ASP D 207 47.39 -23.53 -14.19
N ILE D 208 46.83 -24.43 -14.99
CA ILE D 208 45.55 -25.06 -14.67
C ILE D 208 45.56 -25.73 -13.28
N GLU D 209 46.71 -26.26 -12.88
CA GLU D 209 46.84 -26.88 -11.54
C GLU D 209 46.54 -25.92 -10.39
N ALA D 210 46.91 -24.65 -10.53
CA ALA D 210 46.59 -23.63 -9.54
C ALA D 210 45.10 -23.40 -9.44
N LEU D 211 44.43 -23.40 -10.58
CA LEU D 211 42.96 -23.18 -10.64
C LEU D 211 42.22 -24.40 -10.05
N ILE D 212 42.69 -25.60 -10.35
CA ILE D 212 42.11 -26.84 -9.84
C ILE D 212 42.26 -26.90 -8.33
N GLU D 213 43.46 -26.58 -7.84
CA GLU D 213 43.68 -26.53 -6.41
C GLU D 213 42.76 -25.47 -5.72
N ALA D 214 42.62 -24.28 -6.30
CA ALA D 214 41.80 -23.20 -5.69
C ALA D 214 40.34 -23.63 -5.56
N VAL D 215 39.78 -24.16 -6.63
CA VAL D 215 38.42 -24.66 -6.61
C VAL D 215 38.25 -25.87 -5.66
N SER D 216 39.23 -26.77 -5.67
CA SER D 216 39.15 -27.98 -4.87
C SER D 216 39.27 -27.68 -3.38
N VAL D 217 40.18 -26.78 -3.03
CA VAL D 217 40.35 -26.36 -1.64
C VAL D 217 39.04 -25.80 -1.11
N PHE D 218 38.42 -24.92 -1.89
CA PHE D 218 37.13 -24.35 -1.53
C PHE D 218 36.05 -25.39 -1.37
N ASN D 219 35.88 -26.25 -2.36
CA ASN D 219 34.84 -27.26 -2.30
C ASN D 219 35.05 -28.37 -1.27
N ILE D 220 36.29 -28.78 -1.07
CA ILE D 220 36.60 -29.80 -0.06
C ILE D 220 36.40 -29.24 1.33
N ALA D 221 36.84 -28.00 1.55
CA ALA D 221 36.52 -27.32 2.82
C ALA D 221 35.00 -27.25 3.08
N ALA D 222 34.23 -26.94 2.05
CA ALA D 222 32.77 -26.88 2.18
C ALA D 222 32.18 -28.23 2.58
N GLU D 223 32.68 -29.28 1.94
CA GLU D 223 32.22 -30.65 2.16
C GLU D 223 32.51 -31.11 3.61
N VAL D 224 33.72 -30.82 4.08
CA VAL D 224 34.09 -31.14 5.44
C VAL D 224 33.30 -30.30 6.49
N ALA D 225 33.16 -29.01 6.24
CA ALA D 225 32.39 -28.16 7.13
C ALA D 225 30.95 -28.64 7.27
N ALA D 226 30.34 -29.03 6.16
CA ALA D 226 28.96 -29.47 6.21
C ALA D 226 28.83 -30.78 7.02
N GLU D 227 29.90 -31.57 7.13
CA GLU D 227 29.86 -32.82 7.92
C GLU D 227 30.08 -32.62 9.41
N ASN D 228 30.49 -31.42 9.81
CA ASN D 228 30.78 -31.17 11.20
C ASN D 228 29.53 -31.34 12.04
N GLU D 229 29.68 -31.97 13.22
CA GLU D 229 28.55 -32.19 14.13
C GLU D 229 27.84 -30.89 14.51
N ASN D 230 28.56 -29.77 14.52
CA ASN D 230 28.01 -28.48 14.86
C ASN D 230 27.45 -27.69 13.68
N CYS D 231 27.43 -28.27 12.48
CA CYS D 231 26.79 -27.60 11.33
C CYS D 231 25.29 -27.90 11.38
N GLY D 232 24.48 -26.90 11.69
CA GLY D 232 23.02 -27.10 11.79
C GLY D 232 22.22 -26.49 10.65
N GLY D 233 22.90 -25.95 9.65
CA GLY D 233 22.24 -25.29 8.54
C GLY D 233 23.13 -24.24 7.90
N PRO D 234 22.57 -23.44 6.99
CA PRO D 234 23.36 -22.40 6.31
C PRO D 234 24.04 -21.33 7.22
N GLY D 235 23.44 -21.03 8.34
CA GLY D 235 23.95 -20.01 9.25
C GLY D 235 25.22 -20.49 9.94
N THR D 236 25.15 -21.64 10.59
CA THR D 236 26.31 -22.19 11.27
C THR D 236 27.38 -22.70 10.31
N PHE D 237 26.97 -23.04 9.08
CA PHE D 237 27.91 -23.53 8.05
C PHE D 237 28.99 -22.48 7.74
N SER D 238 28.61 -21.22 7.66
CA SER D 238 29.55 -20.20 7.18
C SER D 238 30.81 -20.01 8.12
N PRO D 239 30.61 -19.85 9.47
CA PRO D 239 31.78 -19.89 10.38
C PRO D 239 32.58 -21.20 10.30
N LEU D 240 31.88 -22.34 10.16
CA LEU D 240 32.56 -23.61 9.99
C LEU D 240 33.37 -23.74 8.66
N LEU D 241 32.87 -23.16 7.58
CA LEU D 241 33.65 -23.12 6.34
C LEU D 241 34.99 -22.37 6.55
N LEU D 242 34.93 -21.21 7.19
CA LEU D 242 36.15 -20.45 7.46
C LEU D 242 37.14 -21.22 8.39
N ASP D 243 36.64 -21.87 9.44
CA ASP D 243 37.51 -22.72 10.29
C ASP D 243 38.19 -23.86 9.46
N THR D 244 37.41 -24.47 8.58
CA THR D 244 37.91 -25.61 7.78
C THR D 244 38.97 -25.17 6.78
N LEU D 245 38.76 -24.00 6.15
CA LEU D 245 39.77 -23.44 5.22
C LEU D 245 41.07 -23.17 5.97
N TYR D 246 40.93 -22.64 7.19
CA TYR D 246 42.07 -22.34 8.02
C TYR D 246 42.89 -23.59 8.37
N HIS D 247 42.23 -24.70 8.66
CA HIS D 247 42.90 -25.93 9.09
C HIS D 247 43.21 -26.97 8.00
N LEU D 248 42.71 -26.75 6.77
CA LEU D 248 42.77 -27.78 5.74
C LEU D 248 44.20 -28.28 5.52
N ASN D 249 44.41 -29.59 5.57
CA ASN D 249 45.76 -30.16 5.38
C ASN D 249 45.87 -31.03 4.10
N GLU D 250 47.09 -31.51 3.81
CA GLU D 250 47.34 -32.32 2.59
C GLU D 250 46.62 -33.65 2.62
N THR D 251 46.58 -34.28 3.79
CA THR D 251 45.94 -35.59 3.93
C THR D 251 44.46 -35.51 3.55
N THR D 252 43.78 -34.52 4.12
CA THR D 252 42.35 -34.33 3.85
C THR D 252 42.16 -34.03 2.37
N TYR D 253 42.97 -33.11 1.83
CA TYR D 253 42.86 -32.73 0.41
C TYR D 253 42.99 -33.94 -0.53
N GLN D 254 44.06 -34.70 -0.35
CA GLN D 254 44.31 -35.89 -1.16
C GLN D 254 43.23 -36.97 -1.01
N GLN D 255 42.80 -37.24 0.22
CA GLN D 255 41.73 -38.18 0.50
C GLN D 255 40.42 -37.80 -0.19
N ARG D 256 40.14 -36.51 -0.29
CA ARG D 256 38.80 -36.06 -0.71
C ARG D 256 38.66 -35.64 -2.17
N ILE D 257 39.73 -35.22 -2.80
CA ILE D 257 39.59 -34.59 -4.13
C ILE D 257 38.89 -35.54 -5.10
N ARG D 258 37.89 -35.05 -5.83
CA ARG D 258 37.13 -35.86 -6.79
C ARG D 258 37.19 -35.18 -8.20
N ILE D 259 38.05 -35.70 -9.06
CA ILE D 259 38.04 -35.26 -10.47
C ILE D 259 37.03 -36.17 -11.16
N GLN D 260 36.14 -35.56 -11.94
CA GLN D 260 35.09 -36.30 -12.70
C GLN D 260 35.48 -36.69 -14.11
N GLU D 261 36.03 -35.75 -14.86
CA GLU D 261 36.58 -36.07 -16.18
C GLU D 261 37.53 -34.99 -16.65
N VAL D 262 38.47 -35.41 -17.49
CA VAL D 262 39.44 -34.52 -18.07
C VAL D 262 39.33 -34.81 -19.56
N GLU D 263 39.17 -33.76 -20.34
CA GLU D 263 39.26 -33.86 -21.78
C GLU D 263 40.30 -32.91 -22.41
N GLU D 264 40.74 -33.25 -23.61
CA GLU D 264 41.67 -32.41 -24.37
C GLU D 264 40.85 -31.22 -24.91
N ASN D 265 41.52 -30.07 -24.99
CA ASN D 265 41.00 -28.78 -25.49
C ASN D 265 41.91 -28.26 -26.64
N LEU D 266 41.46 -28.39 -27.90
CA LEU D 266 42.01 -27.78 -29.19
C LEU D 266 43.27 -28.50 -29.65
N ASN E 2 -0.41 -21.87 2.73
CA ASN E 2 0.76 -21.47 3.57
C ASN E 2 1.86 -20.79 2.73
N TYR E 3 2.19 -19.54 3.06
CA TYR E 3 3.08 -18.71 2.22
C TYR E 3 4.53 -19.18 2.22
N LEU E 4 5.02 -19.62 3.37
CA LEU E 4 6.41 -20.05 3.47
C LEU E 4 6.71 -21.26 2.57
N ASN E 5 5.77 -22.21 2.51
CA ASN E 5 5.89 -23.34 1.58
C ASN E 5 6.05 -22.85 0.13
N ASN E 6 5.27 -21.85 -0.23
CA ASN E 6 5.36 -21.27 -1.58
C ASN E 6 6.66 -20.53 -1.85
N ILE E 7 7.18 -19.84 -0.85
CA ILE E 7 8.50 -19.21 -1.00
C ILE E 7 9.56 -20.28 -1.29
N ARG E 8 9.53 -21.37 -0.55
CA ARG E 8 10.54 -22.43 -0.73
C ARG E 8 10.49 -23.11 -2.12
N ILE E 9 9.29 -23.25 -2.66
CA ILE E 9 9.05 -23.89 -3.96
C ILE E 9 9.29 -22.91 -5.14
N GLU E 10 8.79 -21.67 -5.02
CA GLU E 10 8.88 -20.67 -6.10
C GLU E 10 10.15 -19.78 -6.11
N ASN E 11 10.86 -19.68 -4.99
CA ASN E 11 12.13 -18.93 -4.92
C ASN E 11 11.97 -17.50 -5.46
N PRO E 12 11.04 -16.74 -4.88
CA PRO E 12 10.73 -15.39 -5.41
C PRO E 12 11.91 -14.39 -5.40
N LEU E 13 12.16 -13.80 -6.58
CA LEU E 13 13.17 -12.80 -6.73
C LEU E 13 12.74 -11.56 -5.96
N THR E 14 13.56 -11.20 -4.99
CA THR E 14 13.22 -10.14 -4.04
C THR E 14 14.34 -9.10 -4.10
N ILE E 15 14.03 -7.95 -4.66
CA ILE E 15 15.05 -6.90 -4.85
C ILE E 15 15.19 -6.13 -3.53
N CYS E 16 16.42 -5.89 -3.12
CA CYS E 16 16.70 -5.10 -1.90
C CYS E 16 17.62 -3.90 -2.14
N TYR E 17 17.07 -2.71 -1.89
CA TYR E 17 17.83 -1.47 -1.80
C TYR E 17 17.89 -1.11 -0.33
N THR E 18 18.96 -1.57 0.33
CA THR E 18 19.00 -1.49 1.79
C THR E 18 20.32 -0.90 2.24
N ASN E 19 20.46 -0.79 3.56
CA ASN E 19 21.57 -0.04 4.12
C ASN E 19 22.85 -0.88 4.21
N ASP E 20 23.99 -0.20 4.25
CA ASP E 20 25.30 -0.85 4.15
C ASP E 20 25.64 -1.73 5.35
N VAL E 21 24.91 -1.59 6.46
CA VAL E 21 25.24 -2.37 7.65
C VAL E 21 24.63 -3.77 7.58
N VAL E 22 23.53 -3.91 6.82
CA VAL E 22 22.70 -5.10 6.89
C VAL E 22 22.53 -5.86 5.57
N LYS E 23 23.25 -5.49 4.52
CA LYS E 23 23.05 -6.13 3.21
C LYS E 23 23.31 -7.62 3.23
N ASN E 24 24.46 -8.00 3.77
CA ASN E 24 24.81 -9.40 3.81
C ASN E 24 23.83 -10.24 4.64
N PHE E 25 23.49 -9.76 5.84
CA PHE E 25 22.52 -10.46 6.68
C PHE E 25 21.13 -10.55 6.01
N THR E 26 20.73 -9.48 5.33
CA THR E 26 19.45 -9.48 4.66
C THR E 26 19.40 -10.53 3.54
N ALA E 27 20.44 -10.58 2.73
CA ALA E 27 20.54 -11.58 1.66
C ALA E 27 20.54 -13.00 2.23
N ASN E 28 21.32 -13.21 3.28
CA ASN E 28 21.35 -14.52 3.91
C ASN E 28 20.02 -14.95 4.52
N GLY E 29 19.30 -14.01 5.15
CA GLY E 29 17.96 -14.32 5.68
C GLY E 29 16.98 -14.72 4.59
N LEU E 30 16.98 -13.96 3.51
CA LEU E 30 16.12 -14.28 2.38
C LEU E 30 16.48 -15.64 1.76
N LEU E 31 17.78 -15.92 1.61
CA LEU E 31 18.19 -17.22 1.08
C LEU E 31 17.68 -18.33 2.00
N SER E 32 17.76 -18.10 3.32
CA SER E 32 17.52 -19.17 4.25
C SER E 32 16.06 -19.61 4.16
N ILE E 33 15.12 -18.69 3.88
CA ILE E 33 13.68 -19.06 3.71
C ILE E 33 13.30 -19.52 2.29
N GLY E 34 14.26 -19.52 1.36
CA GLY E 34 14.07 -20.00 -0.02
C GLY E 34 13.85 -18.91 -1.07
N ALA E 35 13.90 -17.65 -0.64
CA ALA E 35 13.78 -16.53 -1.59
C ALA E 35 15.10 -16.33 -2.35
N SER E 36 15.03 -15.49 -3.38
CA SER E 36 16.20 -15.20 -4.20
C SER E 36 16.50 -13.69 -4.09
N PRO E 37 17.39 -13.30 -3.16
CA PRO E 37 17.69 -11.87 -2.99
C PRO E 37 18.56 -11.30 -4.13
N ALA E 38 18.30 -10.05 -4.52
CA ALA E 38 19.18 -9.33 -5.42
C ALA E 38 19.33 -7.88 -4.93
N MET E 39 20.55 -7.49 -4.58
CA MET E 39 20.83 -6.14 -4.13
C MET E 39 21.19 -5.26 -5.33
N SER E 40 20.19 -4.96 -6.14
CA SER E 40 20.41 -4.12 -7.30
C SER E 40 20.09 -2.66 -6.95
N GLU E 41 21.05 -1.78 -7.21
CA GLU E 41 20.91 -0.36 -6.85
C GLU E 41 20.98 0.62 -8.01
N ALA E 42 21.24 0.11 -9.22
CA ALA E 42 21.40 0.93 -10.39
C ALA E 42 20.04 1.16 -11.03
N PRO E 43 19.60 2.43 -11.09
CA PRO E 43 18.34 2.70 -11.82
C PRO E 43 18.35 2.24 -13.28
N GLU E 44 19.54 2.17 -13.88
CA GLU E 44 19.71 1.74 -15.27
C GLU E 44 19.27 0.27 -15.54
N GLU E 45 19.16 -0.57 -14.50
CA GLU E 45 18.67 -1.95 -14.69
C GLU E 45 17.37 -2.24 -13.98
N ALA E 46 16.75 -1.22 -13.40
CA ALA E 46 15.54 -1.43 -12.61
C ALA E 46 14.38 -1.93 -13.45
N GLU E 47 14.20 -1.35 -14.64
CA GLU E 47 13.11 -1.78 -15.49
C GLU E 47 13.17 -3.28 -15.83
N GLU E 48 14.33 -3.78 -16.24
CA GLU E 48 14.47 -5.19 -16.60
C GLU E 48 14.37 -6.13 -15.38
N PHE E 49 14.98 -5.75 -14.26
CA PHE E 49 14.89 -6.55 -13.04
C PHE E 49 13.45 -6.60 -12.51
N TYR E 50 12.76 -5.48 -12.53
CA TYR E 50 11.48 -5.39 -11.82
C TYR E 50 10.39 -6.18 -12.53
N LYS E 51 10.50 -6.28 -13.86
CA LYS E 51 9.53 -7.04 -14.69
C LYS E 51 9.37 -8.46 -14.16
N VAL E 52 10.45 -9.05 -13.72
CA VAL E 52 10.44 -10.45 -13.28
C VAL E 52 10.49 -10.60 -11.72
N ALA E 53 10.67 -9.52 -11.00
CA ALA E 53 10.75 -9.58 -9.52
C ALA E 53 9.37 -9.73 -8.86
N GLN E 54 9.40 -10.19 -7.61
CA GLN E 54 8.18 -10.31 -6.82
C GLN E 54 7.94 -9.21 -5.78
N ALA E 55 8.99 -8.50 -5.39
CA ALA E 55 8.89 -7.32 -4.51
C ALA E 55 10.21 -6.55 -4.51
N LEU E 56 10.11 -5.33 -4.00
CA LEU E 56 11.23 -4.43 -3.73
C LEU E 56 11.20 -3.94 -2.28
N LEU E 57 12.33 -4.08 -1.58
CA LEU E 57 12.57 -3.45 -0.29
C LEU E 57 13.38 -2.14 -0.48
N ILE E 58 12.86 -1.02 0.08
CA ILE E 58 13.64 0.21 0.25
C ILE E 58 13.83 0.49 1.74
N ASN E 59 15.07 0.54 2.18
CA ASN E 59 15.43 0.79 3.59
C ASN E 59 16.44 1.94 3.58
N ILE E 60 16.17 3.01 4.34
CA ILE E 60 17.03 4.23 4.33
C ILE E 60 18.07 4.36 5.47
N GLY E 61 18.44 3.23 6.05
CA GLY E 61 19.31 3.22 7.21
C GLY E 61 20.59 4.04 7.04
N THR E 62 21.17 4.04 5.84
CA THR E 62 22.40 4.81 5.63
C THR E 62 22.20 5.84 4.51
N LEU E 63 21.04 6.52 4.52
CA LEU E 63 20.69 7.50 3.49
C LEU E 63 21.76 8.59 3.35
N THR E 64 22.20 8.84 2.11
CA THR E 64 23.10 9.96 1.76
C THR E 64 22.66 10.60 0.44
N ALA E 65 23.27 11.74 0.09
CA ALA E 65 22.95 12.41 -1.18
C ALA E 65 23.11 11.50 -2.39
N GLN E 66 24.09 10.61 -2.36
CA GLN E 66 24.28 9.64 -3.44
C GLN E 66 23.08 8.69 -3.68
N ASN E 67 22.27 8.43 -2.64
CA ASN E 67 21.08 7.59 -2.74
C ASN E 67 19.80 8.31 -3.09
N GLU E 68 19.66 9.59 -2.73
CA GLU E 68 18.34 10.21 -2.72
C GLU E 68 17.62 10.10 -4.06
N GLN E 69 18.23 10.64 -5.11
CA GLN E 69 17.55 10.68 -6.41
C GLN E 69 17.31 9.28 -6.98
N ASP E 70 18.27 8.38 -6.77
CA ASP E 70 18.14 6.99 -7.23
C ASP E 70 16.95 6.25 -6.57
N ILE E 71 16.75 6.45 -5.27
CA ILE E 71 15.62 5.85 -4.57
C ILE E 71 14.28 6.34 -5.14
N ILE E 72 14.17 7.65 -5.33
CA ILE E 72 12.94 8.24 -5.94
C ILE E 72 12.71 7.61 -7.32
N ALA E 73 13.75 7.57 -8.13
CA ALA E 73 13.63 7.02 -9.48
C ALA E 73 13.18 5.55 -9.49
N ILE E 74 13.81 4.70 -8.66
CA ILE E 74 13.45 3.28 -8.68
C ILE E 74 12.07 3.02 -8.07
N ALA E 75 11.64 3.85 -7.13
CA ALA E 75 10.28 3.71 -6.59
C ALA E 75 9.24 3.99 -7.69
N GLN E 76 9.48 5.02 -8.50
CA GLN E 76 8.60 5.24 -9.67
C GLN E 76 8.65 4.06 -10.64
N THR E 77 9.84 3.54 -10.93
CA THR E 77 9.96 2.41 -11.84
C THR E 77 9.17 1.20 -11.29
N ALA E 78 9.23 0.96 -9.97
CA ALA E 78 8.46 -0.11 -9.33
C ALA E 78 6.95 0.09 -9.48
N ASN E 79 6.46 1.29 -9.16
CA ASN E 79 5.06 1.64 -9.40
C ASN E 79 4.62 1.33 -10.84
N GLU E 80 5.39 1.84 -11.81
CA GLU E 80 5.10 1.59 -13.23
C GLU E 80 5.03 0.10 -13.58
N ALA E 81 5.89 -0.71 -12.96
CA ALA E 81 5.95 -2.15 -13.21
C ALA E 81 4.92 -2.98 -12.40
N GLY E 82 4.18 -2.35 -11.48
CA GLY E 82 3.30 -3.08 -10.56
C GLY E 82 4.07 -3.91 -9.52
N LEU E 83 5.30 -3.50 -9.21
CA LEU E 83 6.15 -4.21 -8.21
C LEU E 83 5.91 -3.67 -6.79
N PRO E 84 5.36 -4.49 -5.88
CA PRO E 84 5.14 -4.00 -4.52
C PRO E 84 6.41 -3.55 -3.78
N ILE E 85 6.30 -2.42 -3.07
CA ILE E 85 7.40 -1.83 -2.30
C ILE E 85 7.19 -1.98 -0.80
N VAL E 86 8.18 -2.53 -0.11
CA VAL E 86 8.21 -2.50 1.34
C VAL E 86 9.14 -1.32 1.67
N PHE E 87 8.66 -0.37 2.48
CA PHE E 87 9.45 0.80 2.87
C PHE E 87 9.77 0.78 4.39
N ASP E 88 11.05 0.89 4.71
CA ASP E 88 11.52 0.96 6.08
C ASP E 88 12.17 2.34 6.34
N PRO E 89 11.42 3.26 6.99
CA PRO E 89 11.87 4.63 7.25
C PRO E 89 12.79 4.72 8.47
N VAL E 90 13.92 4.04 8.39
CA VAL E 90 14.82 3.85 9.54
C VAL E 90 15.20 5.23 10.14
N ALA E 91 14.97 5.37 11.45
CA ALA E 91 15.38 6.55 12.22
C ALA E 91 14.82 7.87 11.69
N VAL E 92 13.67 7.83 11.04
CA VAL E 92 13.09 9.03 10.44
C VAL E 92 12.86 10.17 11.47
N GLY E 93 12.56 9.82 12.71
CA GLY E 93 12.41 10.78 13.78
C GLY E 93 13.71 11.44 14.24
N ALA E 94 14.87 10.91 13.83
CA ALA E 94 16.15 11.43 14.33
C ALA E 94 16.72 12.63 13.56
N SER E 95 16.25 12.91 12.33
CA SER E 95 16.71 14.13 11.63
C SER E 95 15.69 14.72 10.66
N THR E 96 15.77 16.03 10.46
CA THR E 96 14.92 16.71 9.49
C THR E 96 15.27 16.22 8.08
N TYR E 97 16.55 15.92 7.85
CA TYR E 97 17.02 15.31 6.61
C TYR E 97 16.21 14.05 6.25
N ARG E 98 16.08 13.12 7.18
CA ARG E 98 15.31 11.92 6.92
C ARG E 98 13.80 12.19 6.82
N LYS E 99 13.25 13.05 7.70
CA LYS E 99 11.82 13.40 7.66
C LYS E 99 11.43 13.99 6.30
N GLN E 100 12.21 14.96 5.83
CA GLN E 100 11.94 15.56 4.52
C GLN E 100 12.05 14.54 3.39
N PHE E 101 13.05 13.65 3.43
CA PHE E 101 13.16 12.65 2.38
C PHE E 101 11.97 11.67 2.36
N CYS E 102 11.56 11.16 3.52
CA CYS E 102 10.47 10.19 3.60
C CYS E 102 9.14 10.81 3.14
N LYS E 103 8.89 12.07 3.52
CA LYS E 103 7.75 12.87 3.02
C LYS E 103 7.77 12.97 1.47
N LEU E 104 8.91 13.37 0.91
CA LEU E 104 9.09 13.40 -0.55
C LEU E 104 8.85 12.03 -1.21
N LEU E 105 9.40 10.95 -0.64
CA LEU E 105 9.19 9.62 -1.22
C LEU E 105 7.72 9.22 -1.24
N LEU E 106 7.02 9.41 -0.13
CA LEU E 106 5.63 8.97 -0.01
C LEU E 106 4.63 9.89 -0.74
N LYS E 107 5.07 11.10 -1.12
CA LYS E 107 4.34 11.96 -2.05
C LYS E 107 4.63 11.57 -3.51
N SER E 108 5.75 10.91 -3.79
CA SER E 108 6.12 10.58 -5.16
C SER E 108 5.78 9.14 -5.60
N ALA E 109 5.48 8.26 -4.66
CA ALA E 109 5.26 6.85 -4.97
C ALA E 109 4.33 6.17 -3.97
N LYS E 110 3.63 5.16 -4.44
CA LYS E 110 2.74 4.38 -3.63
C LYS E 110 3.56 3.18 -3.16
N VAL E 111 3.64 2.97 -1.85
CA VAL E 111 4.23 1.74 -1.32
C VAL E 111 3.14 0.76 -0.83
N SER E 112 3.55 -0.49 -0.63
CA SER E 112 2.64 -1.58 -0.28
C SER E 112 2.66 -1.96 1.19
N VAL E 113 3.80 -1.74 1.85
CA VAL E 113 3.93 -1.94 3.28
C VAL E 113 4.88 -0.86 3.79
N ILE E 114 4.51 -0.23 4.90
CA ILE E 114 5.41 0.63 5.63
C ILE E 114 5.68 -0.05 6.97
N LYS E 115 6.95 -0.31 7.26
CA LYS E 115 7.36 -1.03 8.44
C LYS E 115 8.34 -0.17 9.27
N GLY E 116 8.05 -0.02 10.55
CA GLY E 116 8.95 0.67 11.47
C GLY E 116 8.58 0.45 12.93
N ASN E 117 9.36 1.02 13.84
CA ASN E 117 8.98 1.07 15.24
C ASN E 117 7.96 2.21 15.50
N ALA E 118 7.37 2.24 16.70
CA ALA E 118 6.30 3.19 16.97
C ALA E 118 6.76 4.61 16.80
N SER E 119 7.99 4.87 17.23
CA SER E 119 8.53 6.18 17.15
C SER E 119 8.71 6.64 15.70
N GLU E 120 9.15 5.74 14.84
CA GLU E 120 9.38 6.05 13.43
C GLU E 120 8.04 6.36 12.73
N ILE E 121 7.07 5.48 12.91
CA ILE E 121 5.79 5.67 12.29
C ILE E 121 5.12 6.96 12.82
N LEU E 122 5.23 7.23 14.12
CA LEU E 122 4.70 8.48 14.68
C LEU E 122 5.32 9.72 14.03
N ALA E 123 6.63 9.68 13.81
CA ALA E 123 7.34 10.79 13.18
C ALA E 123 6.85 11.03 11.75
N LEU E 124 6.51 9.96 11.04
CA LEU E 124 5.98 10.08 9.69
C LEU E 124 4.65 10.76 9.61
N ILE E 125 3.72 10.30 10.46
CA ILE E 125 2.29 10.47 10.21
C ILE E 125 1.66 10.67 11.55
N ASP E 141 0.83 3.56 22.43
CA ASP E 141 -0.45 3.36 21.72
C ASP E 141 -0.12 2.99 20.26
N ALA E 142 0.57 1.86 20.08
CA ALA E 142 1.06 1.47 18.74
C ALA E 142 -0.13 1.18 17.82
N VAL E 143 -1.22 0.66 18.37
CA VAL E 143 -2.41 0.35 17.57
C VAL E 143 -3.04 1.64 17.04
N THR E 144 -3.10 2.66 17.89
CA THR E 144 -3.66 3.96 17.47
C THR E 144 -2.79 4.59 16.39
N ILE E 145 -1.48 4.57 16.60
CA ILE E 145 -0.53 5.13 15.62
C ILE E 145 -0.68 4.39 14.26
N ALA E 146 -0.74 3.08 14.31
CA ALA E 146 -0.84 2.27 13.09
C ALA E 146 -2.14 2.58 12.32
N LYS E 147 -3.29 2.69 13.03
CA LYS E 147 -4.55 3.04 12.37
C LYS E 147 -4.51 4.45 11.78
N LYS E 148 -3.94 5.44 12.49
CA LYS E 148 -3.78 6.80 11.95
C LYS E 148 -2.92 6.79 10.67
N ALA E 149 -1.78 6.07 10.69
CA ALA E 149 -0.93 5.95 9.49
C ALA E 149 -1.63 5.25 8.32
N TYR E 150 -2.36 4.17 8.60
CA TYR E 150 -3.14 3.47 7.57
C TYR E 150 -4.16 4.44 6.93
N ALA E 151 -4.86 5.23 7.74
CA ALA E 151 -5.81 6.20 7.22
C ALA E 151 -5.13 7.24 6.31
N ILE E 152 -3.92 7.65 6.64
CA ILE E 152 -3.21 8.65 5.84
C ILE E 152 -2.68 8.08 4.51
N TYR E 153 -1.97 6.93 4.56
CA TYR E 153 -1.30 6.39 3.37
C TYR E 153 -2.09 5.31 2.60
N LYS E 154 -3.22 4.85 3.15
CA LYS E 154 -3.95 3.63 2.64
C LYS E 154 -2.96 2.55 2.19
N THR E 155 -2.05 2.20 3.09
CA THR E 155 -1.01 1.22 2.81
C THR E 155 -0.89 0.40 4.11
N ALA E 156 -0.68 -0.90 3.98
CA ALA E 156 -0.45 -1.75 5.16
C ALA E 156 0.64 -1.15 6.05
N ILE E 157 0.45 -1.20 7.36
CA ILE E 157 1.42 -0.70 8.33
C ILE E 157 1.79 -1.84 9.28
N VAL E 158 3.09 -2.01 9.50
CA VAL E 158 3.62 -2.94 10.49
C VAL E 158 4.47 -2.14 11.49
N ILE E 159 4.06 -2.14 12.76
CA ILE E 159 4.82 -1.49 13.80
C ILE E 159 5.42 -2.57 14.68
N THR E 160 6.74 -2.63 14.70
CA THR E 160 7.47 -3.57 15.52
C THR E 160 7.65 -2.99 16.93
N GLY E 161 7.71 -3.86 17.93
CA GLY E 161 7.87 -3.44 19.32
C GLY E 161 7.89 -4.64 20.24
N LYS E 162 7.64 -4.42 21.54
CA LYS E 162 7.48 -5.51 22.53
C LYS E 162 6.40 -6.46 22.00
N GLU E 163 5.23 -5.91 21.68
CA GLU E 163 4.26 -6.59 20.81
C GLU E 163 4.30 -5.95 19.41
N ASP E 164 4.04 -6.75 18.38
CA ASP E 164 3.97 -6.22 17.02
C ASP E 164 2.53 -5.94 16.60
N VAL E 165 2.33 -4.87 15.83
CA VAL E 165 1.02 -4.47 15.33
C VAL E 165 1.00 -4.48 13.80
N ILE E 166 -0.06 -5.05 13.21
CA ILE E 166 -0.26 -5.02 11.78
C ILE E 166 -1.64 -4.46 11.48
N VAL E 167 -1.70 -3.48 10.59
CA VAL E 167 -2.97 -2.93 10.11
C VAL E 167 -3.03 -3.01 8.60
N GLN E 168 -4.07 -3.67 8.09
CA GLN E 168 -4.32 -3.76 6.64
C GLN E 168 -5.83 -3.89 6.36
N GLY E 169 -5.90 -2.71 5.32
CA GLY E 169 -7.23 -2.28 4.96
C GLY E 169 -7.85 -1.57 6.15
N ASP E 170 -8.43 -2.55 6.75
CA ASP E 170 -9.41 -1.84 8.06
C ASP E 170 -9.34 -2.49 9.20
N LYS E 171 -8.10 -2.86 9.51
CA LYS E 171 -8.43 -4.62 10.35
C LYS E 171 -7.17 -4.35 11.09
N ALA E 172 -7.07 -4.77 12.35
CA ALA E 172 -5.82 -4.61 13.10
C ALA E 172 -5.52 -5.82 13.99
N ILE E 173 -4.27 -6.26 14.01
CA ILE E 173 -3.87 -7.42 14.82
C ILE E 173 -2.63 -7.12 15.67
N VAL E 174 -2.62 -7.65 16.89
CA VAL E 174 -1.47 -7.61 17.78
C VAL E 174 -0.84 -9.02 17.87
N LEU E 175 0.46 -9.13 17.68
CA LEU E 175 1.20 -10.39 17.87
C LEU E 175 2.27 -10.31 18.98
N ALA E 176 2.62 -11.47 19.55
CA ALA E 176 3.60 -11.53 20.66
C ALA E 176 4.77 -12.49 20.35
N ASN E 177 5.56 -12.38 19.80
CA ASN E 177 6.72 -13.29 19.71
C ASN E 177 8.16 -12.74 19.58
N GLY E 178 8.42 -11.46 19.94
CA GLY E 178 9.70 -10.84 19.58
C GLY E 178 10.89 -10.79 20.53
N SER E 179 12.23 -12.56 20.86
CA SER E 179 13.32 -12.81 21.79
C SER E 179 14.06 -11.49 22.05
N PRO E 180 14.52 -11.28 23.31
CA PRO E 180 15.40 -10.17 23.67
C PRO E 180 16.70 -10.10 22.82
N LEU E 181 17.28 -11.24 22.47
CA LEU E 181 18.50 -11.27 21.66
C LEU E 181 18.31 -10.68 20.24
N LEU E 182 17.10 -10.66 19.67
CA LEU E 182 16.84 -9.92 18.43
C LEU E 182 17.11 -8.42 18.52
N ALA E 183 16.74 -7.80 19.64
CA ALA E 183 16.87 -6.36 19.83
C ALA E 183 18.30 -6.05 20.11
N ARG E 184 19.10 -7.05 20.43
CA ARG E 184 20.48 -6.77 20.73
C ARG E 184 21.15 -6.50 19.40
N VAL E 185 20.82 -7.28 18.34
CA VAL E 185 21.60 -7.63 17.09
C VAL E 185 21.29 -6.72 15.91
N THR E 186 22.30 -6.27 15.11
CA THR E 186 22.14 -5.38 13.87
C THR E 186 21.69 -6.24 12.67
N GLY E 187 20.40 -6.14 12.57
CA GLY E 187 19.74 -7.33 12.89
C GLY E 187 18.45 -6.90 13.47
N ALA E 188 17.82 -7.91 14.02
CA ALA E 188 16.93 -8.57 13.13
C ALA E 188 15.95 -7.63 12.41
N GLY E 189 15.65 -6.44 12.94
CA GLY E 189 14.60 -5.62 12.28
C GLY E 189 14.75 -5.23 10.83
N CYS E 190 16.00 -4.92 10.41
CA CYS E 190 16.20 -4.48 9.01
C CYS E 190 15.99 -5.73 8.08
N LEU E 191 16.34 -6.89 8.62
CA LEU E 191 16.10 -8.20 7.92
C LEU E 191 14.58 -8.48 7.84
N LEU E 192 13.82 -8.12 8.88
CA LEU E 192 12.35 -8.34 8.87
C LEU E 192 11.68 -7.66 7.69
N GLY E 193 12.12 -6.44 7.38
CA GLY E 193 11.63 -5.75 6.16
C GLY E 193 11.82 -6.59 4.88
N GLY E 194 13.01 -7.17 4.74
CA GLY E 194 13.30 -8.09 3.62
C GLY E 194 12.49 -9.37 3.63
N ILE E 195 12.27 -9.95 4.80
CA ILE E 195 11.41 -11.13 4.93
C ILE E 195 9.99 -10.79 4.47
N ILE E 196 9.47 -9.68 4.96
CA ILE E 196 8.12 -9.24 4.55
C ILE E 196 8.05 -9.14 3.02
N ALA E 197 9.05 -8.51 2.40
CA ALA E 197 9.09 -8.42 0.96
C ALA E 197 9.05 -9.82 0.30
N GLY E 198 9.69 -10.80 0.92
CA GLY E 198 9.70 -12.16 0.41
C GLY E 198 8.31 -12.85 0.39
N PHE E 199 7.39 -12.35 1.20
CA PHE E 199 6.05 -12.93 1.37
C PHE E 199 5.00 -12.27 0.47
N LEU E 200 5.39 -11.31 -0.38
CA LEU E 200 4.36 -10.54 -1.13
C LEU E 200 3.88 -11.13 -2.47
N PHE E 201 4.73 -11.88 -3.15
CA PHE E 201 4.35 -12.53 -4.41
C PHE E 201 3.71 -11.58 -5.40
N ARG E 202 4.28 -10.37 -5.49
CA ARG E 202 3.85 -9.36 -6.46
C ARG E 202 2.42 -8.82 -6.22
N GLU E 203 1.90 -8.96 -5.01
CA GLU E 203 0.62 -8.35 -4.59
C GLU E 203 0.86 -6.95 -4.05
N THR E 204 0.40 -5.93 -4.76
CA THR E 204 0.54 -4.54 -4.29
C THR E 204 -0.38 -4.20 -3.10
N GLU E 205 -1.44 -4.99 -2.91
CA GLU E 205 -2.27 -4.88 -1.71
C GLU E 205 -2.29 -6.24 -0.98
N PRO E 206 -1.24 -6.55 -0.23
CA PRO E 206 -1.14 -7.91 0.30
C PRO E 206 -2.19 -8.27 1.34
N ASP E 207 -2.56 -9.53 1.35
CA ASP E 207 -3.47 -10.06 2.35
C ASP E 207 -2.82 -9.92 3.71
N ILE E 208 -3.59 -9.50 4.70
CA ILE E 208 -3.07 -9.42 6.07
C ILE E 208 -2.45 -10.76 6.56
N GLU E 209 -3.01 -11.89 6.11
CA GLU E 209 -2.49 -13.22 6.47
C GLU E 209 -1.04 -13.41 6.03
N ALA E 210 -0.65 -12.85 4.89
CA ALA E 210 0.75 -12.93 4.45
C ALA E 210 1.67 -12.16 5.40
N LEU E 211 1.20 -11.01 5.86
CA LEU E 211 1.98 -10.14 6.74
C LEU E 211 2.11 -10.78 8.12
N ILE E 212 1.02 -11.36 8.60
CA ILE E 212 1.02 -12.10 9.89
C ILE E 212 1.99 -13.29 9.85
N GLU E 213 1.93 -14.06 8.76
CA GLU E 213 2.86 -15.17 8.60
C GLU E 213 4.33 -14.70 8.55
N ALA E 214 4.62 -13.64 7.80
CA ALA E 214 6.01 -13.15 7.66
C ALA E 214 6.58 -12.74 9.03
N VAL E 215 5.80 -11.97 9.79
CA VAL E 215 6.25 -11.51 11.11
C VAL E 215 6.34 -12.67 12.12
N SER E 216 5.39 -13.61 12.06
CA SER E 216 5.38 -14.77 12.94
C SER E 216 6.54 -15.73 12.64
N VAL E 217 6.81 -15.96 11.35
CA VAL E 217 7.93 -16.84 10.96
C VAL E 217 9.23 -16.26 11.57
N PHE E 218 9.42 -14.96 11.39
CA PHE E 218 10.63 -14.32 11.89
C PHE E 218 10.74 -14.43 13.40
N ASN E 219 9.66 -14.07 14.10
CA ASN E 219 9.70 -14.09 15.53
C ASN E 219 9.78 -15.48 16.13
N ILE E 220 9.10 -16.44 15.50
CA ILE E 220 9.15 -17.82 16.00
C ILE E 220 10.54 -18.41 15.80
N ALA E 221 11.13 -18.15 14.64
CA ALA E 221 12.51 -18.58 14.38
C ALA E 221 13.49 -17.98 15.38
N ALA E 222 13.31 -16.71 15.70
CA ALA E 222 14.14 -16.05 16.74
C ALA E 222 14.01 -16.71 18.11
N GLU E 223 12.76 -16.99 18.49
CA GLU E 223 12.46 -17.60 19.75
C GLU E 223 13.15 -18.99 19.86
N VAL E 224 13.01 -19.80 18.81
CA VAL E 224 13.58 -21.14 18.80
C VAL E 224 15.10 -21.10 18.81
N ALA E 225 15.68 -20.21 18.00
CA ALA E 225 17.14 -20.02 17.98
C ALA E 225 17.71 -19.65 19.36
N ALA E 226 17.04 -18.72 20.05
CA ALA E 226 17.49 -18.31 21.38
C ALA E 226 17.40 -19.43 22.38
N GLU E 227 16.53 -20.42 22.18
CA GLU E 227 16.48 -21.59 23.07
C GLU E 227 17.50 -22.68 22.78
N ASN E 228 18.20 -22.60 21.67
CA ASN E 228 19.15 -23.64 21.31
C ASN E 228 20.28 -23.69 22.34
N GLU E 229 20.69 -24.90 22.68
CA GLU E 229 21.75 -25.09 23.71
C GLU E 229 23.05 -24.39 23.32
N ASN E 230 23.27 -24.22 22.02
CA ASN E 230 24.48 -23.59 21.51
C ASN E 230 24.36 -22.09 21.34
N CYS E 231 23.24 -21.48 21.74
CA CYS E 231 23.11 -20.02 21.67
C CYS E 231 23.70 -19.45 22.95
N GLY E 232 24.87 -18.82 22.82
CA GLY E 232 25.59 -18.32 23.99
C GLY E 232 25.51 -16.82 24.14
N GLY E 233 24.75 -16.15 23.27
CA GLY E 233 24.69 -14.70 23.26
C GLY E 233 24.37 -14.15 21.88
N PRO E 234 24.49 -12.82 21.69
CA PRO E 234 24.10 -12.19 20.42
C PRO E 234 24.95 -12.63 19.19
N GLY E 235 26.20 -13.04 19.43
CA GLY E 235 27.07 -13.45 18.35
C GLY E 235 26.68 -14.80 17.78
N THR E 236 26.55 -15.81 18.65
CA THR E 236 26.10 -17.13 18.21
C THR E 236 24.62 -17.21 17.80
N PHE E 237 23.82 -16.30 18.33
CA PHE E 237 22.40 -16.20 17.95
C PHE E 237 22.19 -16.01 16.43
N SER E 238 22.99 -15.15 15.80
CA SER E 238 22.73 -14.82 14.39
C SER E 238 22.80 -16.02 13.42
N PRO E 239 23.93 -16.75 13.42
CA PRO E 239 23.95 -17.99 12.65
C PRO E 239 22.78 -18.97 12.99
N LEU E 240 22.45 -19.10 14.28
CA LEU E 240 21.37 -19.98 14.69
C LEU E 240 20.02 -19.47 14.16
N LEU E 241 19.82 -18.16 14.08
CA LEU E 241 18.58 -17.63 13.53
C LEU E 241 18.43 -18.05 12.07
N LEU E 242 19.51 -17.90 11.31
CA LEU E 242 19.49 -18.36 9.90
C LEU E 242 19.24 -19.88 9.76
N ASP E 243 19.86 -20.71 10.61
CA ASP E 243 19.58 -22.13 10.57
C ASP E 243 18.10 -22.41 10.83
N THR E 244 17.54 -21.69 11.80
CA THR E 244 16.18 -21.95 12.27
C THR E 244 15.18 -21.52 11.22
N LEU E 245 15.43 -20.40 10.55
CA LEU E 245 14.63 -20.00 9.40
C LEU E 245 14.67 -21.07 8.30
N TYR E 246 15.84 -21.62 8.06
CA TYR E 246 16.04 -22.63 7.02
C TYR E 246 15.22 -23.89 7.30
N HIS E 247 15.20 -24.31 8.57
CA HIS E 247 14.53 -25.54 8.96
C HIS E 247 13.08 -25.42 9.38
N LEU E 248 12.59 -24.19 9.56
CA LEU E 248 11.31 -23.99 10.23
C LEU E 248 10.22 -24.80 9.53
N ASN E 249 9.49 -25.62 10.29
CA ASN E 249 8.42 -26.45 9.70
C ASN E 249 7.00 -26.06 10.21
N GLU E 250 5.95 -26.72 9.65
CA GLU E 250 4.54 -26.40 10.00
C GLU E 250 4.25 -26.77 11.45
N THR E 251 4.83 -27.86 11.95
CA THR E 251 4.61 -28.29 13.34
C THR E 251 5.08 -27.24 14.34
N THR E 252 6.32 -26.77 14.15
CA THR E 252 6.88 -25.77 15.04
C THR E 252 6.07 -24.47 14.94
N TYR E 253 5.77 -24.02 13.73
CA TYR E 253 4.99 -22.80 13.51
C TYR E 253 3.65 -22.87 14.26
N GLN E 254 2.89 -23.94 14.04
CA GLN E 254 1.56 -24.13 14.66
C GLN E 254 1.66 -24.24 16.20
N GLN E 255 2.62 -25.01 16.72
CA GLN E 255 2.87 -25.15 18.16
C GLN E 255 3.20 -23.81 18.85
N ARG E 256 3.89 -22.91 18.15
CA ARG E 256 4.41 -21.69 18.75
C ARG E 256 3.59 -20.40 18.56
N ILE E 257 2.72 -20.33 17.55
CA ILE E 257 2.02 -19.07 17.19
C ILE E 257 0.96 -18.70 18.26
N MET F 1 36.02 -2.49 35.93
CA MET F 1 34.87 -2.32 34.96
C MET F 1 33.86 -1.17 35.13
N ASN F 2 34.39 -0.06 35.62
CA ASN F 2 33.65 1.18 35.78
C ASN F 2 32.89 1.68 34.52
N TYR F 3 33.61 1.89 33.43
CA TYR F 3 33.02 2.45 32.24
C TYR F 3 32.03 1.47 31.56
N LEU F 4 32.37 0.19 31.53
CA LEU F 4 31.57 -0.78 30.81
C LEU F 4 30.16 -0.85 31.43
N ASN F 5 30.09 -0.77 32.76
CA ASN F 5 28.80 -0.78 33.44
C ASN F 5 27.95 0.40 32.96
N ASN F 6 28.59 1.56 32.78
CA ASN F 6 27.88 2.73 32.30
C ASN F 6 27.42 2.59 30.85
N ILE F 7 28.25 1.97 30.00
CA ILE F 7 27.84 1.72 28.61
C ILE F 7 26.57 0.87 28.58
N ARG F 8 26.55 -0.20 29.37
CA ARG F 8 25.39 -1.11 29.40
C ARG F 8 24.07 -0.46 29.85
N ILE F 9 24.17 0.47 30.79
CA ILE F 9 23.01 1.16 31.31
C ILE F 9 22.58 2.36 30.44
N GLU F 10 23.55 3.14 29.94
CA GLU F 10 23.24 4.39 29.25
C GLU F 10 23.06 4.21 27.77
N ASN F 11 23.60 3.14 27.20
CA ASN F 11 23.50 2.90 25.76
C ASN F 11 23.94 4.07 24.89
N PRO F 12 25.19 4.49 25.04
CA PRO F 12 25.66 5.69 24.36
C PRO F 12 25.61 5.60 22.82
N LEU F 13 25.01 6.64 22.23
CA LEU F 13 24.95 6.77 20.80
C LEU F 13 26.36 7.04 20.26
N THR F 14 26.83 6.13 19.41
CA THR F 14 28.18 6.12 18.93
C THR F 14 28.14 6.15 17.39
N ILE F 15 28.53 7.28 16.81
CA ILE F 15 28.42 7.46 15.36
C ILE F 15 29.66 6.84 14.72
N CYS F 16 29.47 6.01 13.68
CA CYS F 16 30.56 5.36 12.96
C CYS F 16 30.56 5.68 11.46
N TYR F 17 31.62 6.36 11.03
CA TYR F 17 31.93 6.54 9.64
C TYR F 17 33.11 5.62 9.38
N THR F 18 32.82 4.39 8.93
CA THR F 18 33.86 3.35 8.85
C THR F 18 33.79 2.63 7.49
N ASN F 19 34.68 1.66 7.32
CA ASN F 19 34.93 1.10 5.98
C ASN F 19 33.93 0.00 5.66
N ASP F 20 33.75 -0.25 4.37
CA ASP F 20 32.71 -1.15 3.88
C ASP F 20 32.93 -2.61 4.26
N VAL F 21 34.14 -2.97 4.70
CA VAL F 21 34.42 -4.37 5.02
C VAL F 21 33.95 -4.72 6.43
N VAL F 22 33.86 -3.71 7.29
CA VAL F 22 33.69 -3.94 8.72
C VAL F 22 32.46 -3.29 9.37
N LYS F 23 31.59 -2.67 8.59
CA LYS F 23 30.43 -1.98 9.16
C LYS F 23 29.58 -2.88 10.02
N ASN F 24 29.21 -4.03 9.46
CA ASN F 24 28.34 -4.94 10.19
C ASN F 24 28.96 -5.45 11.47
N PHE F 25 30.23 -5.88 11.37
CA PHE F 25 30.93 -6.39 12.58
C PHE F 25 31.10 -5.28 13.63
N THR F 26 31.37 -4.06 13.17
CA THR F 26 31.53 -2.93 14.09
C THR F 26 30.22 -2.63 14.87
N ALA F 27 29.10 -2.59 14.14
CA ALA F 27 27.80 -2.35 14.75
C ALA F 27 27.48 -3.48 15.73
N ASN F 28 27.73 -4.73 15.31
CA ASN F 28 27.48 -5.85 16.22
C ASN F 28 28.34 -5.85 17.51
N GLY F 29 29.63 -5.52 17.38
CA GLY F 29 30.50 -5.36 18.55
C GLY F 29 30.01 -4.27 19.51
N LEU F 30 29.66 -3.11 18.96
CA LEU F 30 29.08 -2.04 19.77
C LEU F 30 27.74 -2.44 20.45
N LEU F 31 26.86 -3.10 19.70
CA LEU F 31 25.63 -3.60 20.30
C LEU F 31 25.91 -4.58 21.41
N SER F 32 26.94 -5.42 21.25
CA SER F 32 27.19 -6.45 22.24
C SER F 32 27.63 -5.88 23.62
N ILE F 33 28.33 -4.75 23.64
CA ILE F 33 28.72 -4.13 24.90
C ILE F 33 27.68 -3.13 25.44
N GLY F 34 26.58 -2.94 24.71
CA GLY F 34 25.45 -2.09 25.16
C GLY F 34 25.41 -0.71 24.53
N ALA F 35 26.36 -0.39 23.66
CA ALA F 35 26.33 0.88 22.94
C ALA F 35 25.29 0.90 21.82
N SER F 36 25.02 2.07 21.30
CA SER F 36 24.00 2.22 20.27
C SER F 36 24.73 2.77 19.02
N PRO F 37 25.13 1.86 18.11
CA PRO F 37 25.82 2.30 16.93
C PRO F 37 24.90 2.98 15.89
N ALA F 38 25.40 4.02 15.21
CA ALA F 38 24.70 4.61 14.07
C ALA F 38 25.71 4.89 12.99
N MET F 39 25.56 4.21 11.87
CA MET F 39 26.44 4.41 10.71
C MET F 39 25.87 5.53 9.82
N SER F 40 25.93 6.75 10.33
CA SER F 40 25.45 7.90 9.59
C SER F 40 26.62 8.50 8.79
N GLU F 41 26.44 8.66 7.49
CA GLU F 41 27.47 9.19 6.62
C GLU F 41 27.11 10.49 5.89
N ALA F 42 25.88 10.97 6.07
CA ALA F 42 25.40 12.16 5.39
C ALA F 42 25.76 13.41 6.21
N PRO F 43 26.60 14.30 5.64
CA PRO F 43 26.85 15.57 6.34
C PRO F 43 25.58 16.36 6.67
N GLU F 44 24.53 16.18 5.87
CA GLU F 44 23.26 16.90 6.04
C GLU F 44 22.53 16.58 7.36
N GLU F 45 22.86 15.46 8.01
CA GLU F 45 22.26 15.16 9.32
C GLU F 45 23.28 15.12 10.45
N ALA F 46 24.53 15.49 10.18
CA ALA F 46 25.57 15.45 11.21
C ALA F 46 25.29 16.41 12.39
N GLU F 47 24.85 17.65 12.10
CA GLU F 47 24.59 18.62 13.17
C GLU F 47 23.57 18.08 14.18
N GLU F 48 22.48 17.49 13.68
CA GLU F 48 21.41 17.01 14.59
C GLU F 48 21.82 15.74 15.31
N PHE F 49 22.47 14.82 14.61
CA PHE F 49 22.94 13.59 15.25
C PHE F 49 24.00 13.87 16.31
N TYR F 50 24.93 14.76 16.01
CA TYR F 50 26.12 14.93 16.85
C TYR F 50 25.80 15.63 18.18
N LYS F 51 24.80 16.52 18.15
CA LYS F 51 24.29 17.16 19.37
C LYS F 51 23.97 16.13 20.48
N VAL F 52 23.43 14.98 20.12
CA VAL F 52 22.98 13.97 21.09
C VAL F 52 23.94 12.74 21.18
N ALA F 53 24.94 12.68 20.31
CA ALA F 53 25.87 11.54 20.30
C ALA F 53 26.95 11.68 21.40
N GLN F 54 27.57 10.55 21.71
CA GLN F 54 28.66 10.51 22.69
C GLN F 54 30.06 10.45 22.08
N ALA F 55 30.17 9.99 20.83
CA ALA F 55 31.46 9.98 20.10
C ALA F 55 31.23 9.72 18.61
N LEU F 56 32.28 9.98 17.83
CA LEU F 56 32.36 9.69 16.38
C LEU F 56 33.65 8.94 16.05
N LEU F 57 33.50 7.81 15.37
CA LEU F 57 34.61 7.05 14.76
C LEU F 57 34.76 7.42 13.29
N ILE F 58 35.97 7.76 12.89
CA ILE F 58 36.32 7.92 11.47
C ILE F 58 37.42 6.91 11.15
N ASN F 59 37.11 5.99 10.22
CA ASN F 59 38.04 4.91 9.81
C ASN F 59 38.12 4.94 8.28
N ILE F 60 39.33 5.04 7.71
CA ILE F 60 39.51 5.28 6.26
C ILE F 60 39.89 4.02 5.45
N GLY F 61 39.51 2.88 5.98
CA GLY F 61 39.87 1.61 5.36
C GLY F 61 39.54 1.48 3.88
N THR F 62 38.42 2.06 3.46
CA THR F 62 38.05 2.01 2.02
C THR F 62 37.89 3.42 1.45
N LEU F 63 38.83 4.30 1.79
CA LEU F 63 38.76 5.67 1.35
C LEU F 63 38.66 5.76 -0.18
N THR F 64 37.69 6.55 -0.66
CA THR F 64 37.61 6.98 -2.07
C THR F 64 37.25 8.48 -2.20
N ALA F 65 37.31 9.01 -3.42
CA ALA F 65 36.96 10.41 -3.67
C ALA F 65 35.57 10.76 -3.13
N GLN F 66 34.62 9.82 -3.19
CA GLN F 66 33.27 10.05 -2.65
C GLN F 66 33.24 10.37 -1.15
N ASN F 67 34.23 9.87 -0.40
CA ASN F 67 34.31 10.08 1.04
C ASN F 67 35.08 11.33 1.43
N GLU F 68 36.04 11.78 0.62
CA GLU F 68 37.05 12.72 1.14
C GLU F 68 36.44 13.99 1.72
N GLN F 69 35.69 14.73 0.89
CA GLN F 69 35.14 16.03 1.31
C GLN F 69 34.16 15.86 2.48
N ASP F 70 33.36 14.79 2.43
CA ASP F 70 32.39 14.50 3.50
C ASP F 70 33.06 14.25 4.87
N ILE F 71 34.16 13.48 4.89
CA ILE F 71 34.91 13.23 6.13
C ILE F 71 35.45 14.54 6.74
N ILE F 72 36.04 15.37 5.90
CA ILE F 72 36.54 16.69 6.38
C ILE F 72 35.39 17.50 6.96
N ALA F 73 34.27 17.57 6.23
CA ALA F 73 33.10 18.34 6.68
C ALA F 73 32.53 17.83 8.02
N ILE F 74 32.37 16.52 8.17
CA ILE F 74 31.82 16.00 9.43
C ILE F 74 32.80 16.11 10.61
N ALA F 75 34.10 16.03 10.35
CA ALA F 75 35.08 16.23 11.43
C ALA F 75 34.99 17.68 11.98
N GLN F 76 34.84 18.65 11.09
CA GLN F 76 34.60 20.03 11.50
C GLN F 76 33.28 20.19 12.26
N THR F 77 32.20 19.56 11.77
CA THR F 77 30.93 19.55 12.50
C THR F 77 31.09 18.93 13.92
N ALA F 78 31.84 17.83 14.04
CA ALA F 78 32.10 17.22 15.35
C ALA F 78 32.85 18.17 16.32
N ASN F 79 33.93 18.77 15.83
CA ASN F 79 34.67 19.81 16.60
C ASN F 79 33.74 20.93 17.10
N GLU F 80 32.95 21.50 16.20
CA GLU F 80 31.97 22.54 16.57
C GLU F 80 30.99 22.08 17.65
N ALA F 81 30.59 20.81 17.60
CA ALA F 81 29.61 20.25 18.56
C ALA F 81 30.22 19.76 19.90
N GLY F 82 31.55 19.76 20.00
CA GLY F 82 32.25 19.16 21.13
C GLY F 82 32.17 17.62 21.15
N LEU F 83 32.00 17.00 19.98
CA LEU F 83 31.89 15.54 19.89
C LEU F 83 33.29 14.89 19.69
N PRO F 84 33.73 14.05 20.64
CA PRO F 84 35.06 13.43 20.47
C PRO F 84 35.17 12.51 19.25
N ILE F 85 36.30 12.60 18.56
CA ILE F 85 36.60 11.80 17.37
C ILE F 85 37.68 10.76 17.67
N VAL F 86 37.38 9.51 17.32
CA VAL F 86 38.39 8.46 17.25
C VAL F 86 38.77 8.28 15.78
N PHE F 87 40.05 8.38 15.47
CA PHE F 87 40.53 8.33 14.08
C PHE F 87 41.44 7.11 13.88
N ASP F 88 41.07 6.31 12.89
CA ASP F 88 41.81 5.12 12.52
C ASP F 88 42.37 5.28 11.08
N PRO F 89 43.66 5.61 10.97
CA PRO F 89 44.35 5.86 9.68
C PRO F 89 44.78 4.57 8.99
N VAL F 90 43.78 3.72 8.67
CA VAL F 90 44.03 2.38 8.15
C VAL F 90 44.96 2.42 6.91
N ALA F 91 46.05 1.67 6.98
CA ALA F 91 47.01 1.51 5.86
C ALA F 91 47.56 2.80 5.33
N VAL F 92 47.67 3.82 6.19
CA VAL F 92 48.19 5.12 5.73
C VAL F 92 49.59 5.03 5.09
N GLY F 93 50.41 4.09 5.56
CA GLY F 93 51.74 3.87 4.98
C GLY F 93 51.75 3.25 3.59
N ALA F 94 50.61 2.74 3.12
CA ALA F 94 50.56 2.02 1.84
C ALA F 94 50.37 2.89 0.60
N SER F 95 49.92 4.14 0.75
CA SER F 95 49.82 5.03 -0.42
C SER F 95 49.97 6.51 -0.10
N THR F 96 50.50 7.27 -1.06
CA THR F 96 50.59 8.72 -0.90
C THR F 96 49.17 9.33 -0.83
N TYR F 97 48.22 8.72 -1.53
CA TYR F 97 46.81 9.11 -1.46
C TYR F 97 46.33 9.14 0.00
N ARG F 98 46.57 8.07 0.74
CA ARG F 98 46.14 8.03 2.12
C ARG F 98 46.96 8.96 3.00
N LYS F 99 48.28 9.00 2.80
CA LYS F 99 49.15 9.93 3.56
C LYS F 99 48.70 11.37 3.43
N GLN F 100 48.46 11.81 2.20
CA GLN F 100 48.02 13.19 1.95
C GLN F 100 46.65 13.45 2.63
N PHE F 101 45.73 12.50 2.52
CA PHE F 101 44.42 12.69 3.14
C PHE F 101 44.51 12.79 4.67
N CYS F 102 45.28 11.90 5.31
CA CYS F 102 45.38 11.91 6.78
C CYS F 102 46.05 13.19 7.29
N LYS F 103 47.07 13.66 6.59
CA LYS F 103 47.69 14.97 6.86
C LYS F 103 46.66 16.09 6.79
N LEU F 104 45.90 16.14 5.70
CA LEU F 104 44.85 17.14 5.55
C LEU F 104 43.81 17.07 6.67
N LEU F 105 43.36 15.87 7.02
CA LEU F 105 42.38 15.73 8.11
C LEU F 105 42.90 16.26 9.44
N LEU F 106 44.14 15.90 9.77
CA LEU F 106 44.69 16.28 11.06
C LEU F 106 45.15 17.75 11.13
N LYS F 107 45.25 18.41 9.99
CA LYS F 107 45.40 19.84 9.94
C LYS F 107 44.06 20.58 9.94
N SER F 108 42.97 19.91 9.66
CA SER F 108 41.65 20.58 9.56
C SER F 108 40.83 20.38 10.85
N ALA F 109 41.20 19.42 11.70
CA ALA F 109 40.37 19.07 12.84
C ALA F 109 41.20 18.50 13.98
N LYS F 110 40.70 18.68 15.19
CA LYS F 110 41.27 18.13 16.38
C LYS F 110 40.58 16.81 16.68
N VAL F 111 41.33 15.72 16.74
CA VAL F 111 40.75 14.44 17.13
C VAL F 111 41.11 14.12 18.58
N SER F 112 40.39 13.15 19.17
CA SER F 112 40.52 12.81 20.59
C SER F 112 41.34 11.55 20.84
N VAL F 113 41.28 10.60 19.90
CA VAL F 113 42.14 9.41 19.96
C VAL F 113 42.59 9.10 18.53
N ILE F 114 43.88 8.80 18.37
CA ILE F 114 44.39 8.26 17.11
C ILE F 114 44.82 6.83 17.38
N LYS F 115 44.22 5.89 16.65
CA LYS F 115 44.46 4.48 16.87
C LYS F 115 44.98 3.81 15.61
N GLY F 116 46.10 3.08 15.73
CA GLY F 116 46.64 2.33 14.61
C GLY F 116 47.69 1.34 15.02
N ASN F 117 48.19 0.55 14.06
CA ASN F 117 49.38 -0.27 14.32
C ASN F 117 50.65 0.59 14.24
N ALA F 118 51.79 0.00 14.62
CA ALA F 118 53.03 0.78 14.74
C ALA F 118 53.42 1.39 13.39
N SER F 119 53.23 0.62 12.33
CA SER F 119 53.61 1.05 11.01
C SER F 119 52.75 2.21 10.50
N GLU F 120 51.45 2.19 10.84
CA GLU F 120 50.54 3.26 10.48
C GLU F 120 50.91 4.55 11.20
N ILE F 121 51.07 4.47 12.53
CA ILE F 121 51.41 5.66 13.32
C ILE F 121 52.79 6.23 12.90
N LEU F 122 53.76 5.36 12.65
CA LEU F 122 55.09 5.80 12.16
C LEU F 122 54.98 6.56 10.81
N ALA F 123 54.13 6.07 9.90
CA ALA F 123 53.91 6.73 8.60
C ALA F 123 53.28 8.10 8.76
N LEU F 124 52.36 8.26 9.72
CA LEU F 124 51.79 9.58 10.04
C LEU F 124 52.82 10.61 10.45
N ILE F 125 53.74 10.23 11.34
CA ILE F 125 54.74 11.17 11.88
C ILE F 125 55.96 11.33 10.99
N ASP F 126 56.17 10.38 10.08
CA ASP F 126 57.22 10.51 9.08
C ASP F 126 56.91 11.72 8.20
N ASP F 141 60.58 0.91 18.63
CA ASP F 141 59.82 0.91 19.87
C ASP F 141 58.42 1.44 19.56
N ALA F 142 57.35 0.66 19.79
CA ALA F 142 55.99 1.22 19.70
C ALA F 142 55.79 2.33 20.74
N VAL F 143 56.46 2.20 21.88
CA VAL F 143 56.37 3.22 22.92
C VAL F 143 56.99 4.54 22.44
N THR F 144 58.15 4.45 21.80
CA THR F 144 58.87 5.62 21.29
C THR F 144 58.03 6.31 20.18
N ILE F 145 57.44 5.51 19.30
CA ILE F 145 56.57 6.03 18.23
C ILE F 145 55.32 6.73 18.83
N ALA F 146 54.69 6.08 19.79
CA ALA F 146 53.49 6.64 20.44
C ALA F 146 53.78 7.99 21.15
N LYS F 147 54.90 8.06 21.87
CA LYS F 147 55.32 9.32 22.49
C LYS F 147 55.59 10.44 21.48
N LYS F 148 56.27 10.12 20.39
CA LYS F 148 56.53 11.11 19.34
C LYS F 148 55.24 11.62 18.72
N ALA F 149 54.33 10.70 18.43
CA ALA F 149 53.03 11.10 17.89
C ALA F 149 52.21 11.96 18.88
N TYR F 150 52.22 11.58 20.15
CA TYR F 150 51.57 12.37 21.17
C TYR F 150 52.12 13.81 21.18
N ALA F 151 53.46 13.94 21.13
CA ALA F 151 54.08 15.27 21.16
C ALA F 151 53.65 16.10 19.94
N ILE F 152 53.47 15.46 18.80
CA ILE F 152 53.07 16.18 17.58
C ILE F 152 51.59 16.60 17.61
N TYR F 153 50.66 15.69 17.95
CA TYR F 153 49.23 15.97 17.83
C TYR F 153 48.55 16.37 19.15
N LYS F 154 49.25 16.22 20.27
CA LYS F 154 48.68 16.38 21.61
C LYS F 154 47.29 15.74 21.74
N THR F 155 47.24 14.48 21.37
CA THR F 155 46.02 13.71 21.25
C THR F 155 46.39 12.31 21.70
N ALA F 156 45.51 11.67 22.46
CA ALA F 156 45.76 10.31 22.92
C ALA F 156 46.12 9.42 21.76
N ILE F 157 47.10 8.54 21.95
CA ILE F 157 47.53 7.63 20.92
C ILE F 157 47.35 6.21 21.46
N VAL F 158 46.79 5.32 20.64
CA VAL F 158 46.76 3.90 20.93
C VAL F 158 47.48 3.20 19.77
N ILE F 159 48.54 2.46 20.08
CA ILE F 159 49.18 1.59 19.08
C ILE F 159 48.89 0.13 19.42
N THR F 160 48.21 -0.56 18.52
CA THR F 160 47.93 -1.99 18.65
C THR F 160 49.08 -2.83 18.09
N GLY F 161 49.30 -4.00 18.68
CA GLY F 161 50.45 -4.87 18.32
C GLY F 161 50.49 -6.12 19.19
N LYS F 162 51.64 -6.79 19.23
CA LYS F 162 51.86 -7.93 20.13
C LYS F 162 51.53 -7.48 21.57
N GLU F 163 52.18 -6.40 22.00
CA GLU F 163 51.72 -5.63 23.16
C GLU F 163 51.03 -4.35 22.64
N ASP F 164 50.03 -3.87 23.38
CA ASP F 164 49.38 -2.63 23.01
C ASP F 164 49.97 -1.51 23.85
N VAL F 165 50.08 -0.32 23.23
CA VAL F 165 50.61 0.88 23.87
C VAL F 165 49.54 1.99 23.89
N ILE F 166 49.38 2.65 25.03
CA ILE F 166 48.52 3.83 25.13
C ILE F 166 49.28 5.00 25.75
N VAL F 167 49.22 6.16 25.09
CA VAL F 167 49.83 7.39 25.59
C VAL F 167 48.79 8.49 25.68
N GLN F 168 48.61 9.03 26.88
CA GLN F 168 47.68 10.14 27.11
C GLN F 168 48.21 11.00 28.25
N GLY F 169 48.16 12.33 28.07
CA GLY F 169 48.67 13.24 29.09
C GLY F 169 50.14 12.91 29.37
N ASP F 170 50.48 12.75 30.65
CA ASP F 170 51.87 12.49 31.05
C ASP F 170 52.17 11.01 31.29
N LYS F 171 51.34 10.10 30.78
CA LYS F 171 51.46 8.68 31.11
C LYS F 171 51.54 7.83 29.83
N ALA F 172 52.36 6.77 29.87
CA ALA F 172 52.43 5.76 28.82
C ALA F 172 52.28 4.38 29.46
N ILE F 173 51.43 3.55 28.88
CA ILE F 173 51.14 2.21 29.43
C ILE F 173 51.30 1.15 28.35
N VAL F 174 51.83 0.00 28.74
CA VAL F 174 51.91 -1.18 27.88
C VAL F 174 50.98 -2.28 28.41
N LEU F 175 50.10 -2.81 27.56
CA LEU F 175 49.17 -3.90 27.94
C LEU F 175 49.50 -5.20 27.20
N ALA F 176 49.31 -6.36 27.84
CA ALA F 176 49.60 -7.66 27.21
C ALA F 176 48.46 -8.71 27.27
N ASN F 177 47.27 -8.35 26.78
CA ASN F 177 46.17 -9.31 26.60
C ASN F 177 46.01 -9.47 25.08
N GLY F 178 46.54 -10.03 24.16
CA GLY F 178 46.16 -10.35 22.79
C GLY F 178 46.10 -11.83 22.45
N SER F 179 44.73 -12.50 21.70
CA SER F 179 44.75 -13.81 21.06
C SER F 179 45.26 -13.70 19.60
N PRO F 180 46.04 -14.70 19.13
CA PRO F 180 46.45 -14.80 17.72
C PRO F 180 45.28 -14.86 16.75
N LEU F 181 44.16 -15.49 17.14
CA LEU F 181 42.98 -15.52 16.28
C LEU F 181 42.42 -14.14 15.92
N LEU F 182 42.65 -13.12 16.74
CA LEU F 182 42.22 -11.75 16.39
C LEU F 182 42.84 -11.24 15.10
N ALA F 183 44.11 -11.60 14.84
CA ALA F 183 44.80 -11.19 13.60
C ALA F 183 44.22 -11.85 12.34
N ARG F 184 43.42 -12.91 12.48
CA ARG F 184 42.85 -13.65 11.35
C ARG F 184 41.32 -13.32 11.13
N VAL F 185 40.83 -12.31 11.84
CA VAL F 185 39.46 -11.87 11.67
C VAL F 185 39.48 -10.46 11.08
N THR F 186 38.89 -10.27 9.90
CA THR F 186 38.95 -8.92 9.24
C THR F 186 38.38 -7.73 10.04
N GLY F 187 37.24 -7.85 10.68
CA GLY F 187 36.79 -6.73 11.42
C GLY F 187 37.48 -6.35 12.74
N ALA F 188 38.51 -7.08 13.21
CA ALA F 188 38.94 -7.01 14.66
C ALA F 188 39.46 -5.65 15.10
N GLY F 189 40.57 -5.21 14.49
CA GLY F 189 41.18 -4.00 14.94
C GLY F 189 40.30 -2.84 14.57
N CYS F 190 39.56 -2.98 13.46
CA CYS F 190 38.68 -1.89 13.01
C CYS F 190 37.49 -1.77 14.02
N LEU F 191 37.10 -2.92 14.58
CA LEU F 191 36.07 -2.96 15.66
C LEU F 191 36.62 -2.29 16.94
N LEU F 192 37.90 -2.48 17.24
CA LEU F 192 38.48 -1.88 18.43
C LEU F 192 38.34 -0.36 18.42
N GLY F 193 38.53 0.25 17.27
CA GLY F 193 38.32 1.70 17.13
C GLY F 193 36.90 2.10 17.59
N GLY F 194 35.92 1.35 17.12
CA GLY F 194 34.55 1.57 17.53
C GLY F 194 34.31 1.37 19.01
N ILE F 195 34.91 0.32 19.58
CA ILE F 195 34.78 0.04 21.01
C ILE F 195 35.33 1.24 21.78
N ILE F 196 36.53 1.69 21.41
CA ILE F 196 37.11 2.87 22.06
C ILE F 196 36.14 4.05 22.03
N ALA F 197 35.56 4.32 20.86
CA ALA F 197 34.61 5.42 20.76
C ALA F 197 33.42 5.22 21.75
N GLY F 198 33.02 3.96 21.96
CA GLY F 198 31.94 3.63 22.90
C GLY F 198 32.21 3.97 24.36
N PHE F 199 33.50 4.12 24.69
CA PHE F 199 33.97 4.36 26.05
C PHE F 199 34.19 5.86 26.35
N LEU F 200 33.94 6.77 25.40
CA LEU F 200 34.37 8.17 25.61
C LEU F 200 33.39 9.08 26.38
N PHE F 201 32.09 8.78 26.28
CA PHE F 201 31.06 9.55 26.98
C PHE F 201 31.19 11.05 26.77
N ARG F 202 31.46 11.44 25.53
CA ARG F 202 31.54 12.85 25.13
C ARG F 202 32.72 13.62 25.77
N GLU F 203 33.76 12.91 26.23
CA GLU F 203 35.01 13.55 26.74
C GLU F 203 36.01 13.74 25.59
N THR F 204 36.25 14.98 25.19
CA THR F 204 37.22 15.27 24.13
C THR F 204 38.67 15.06 24.54
N GLU F 205 38.93 15.01 25.85
CA GLU F 205 40.24 14.61 26.37
C GLU F 205 40.09 13.43 27.34
N PRO F 206 39.93 12.22 26.80
CA PRO F 206 39.52 11.13 27.68
C PRO F 206 40.58 10.73 28.70
N ASP F 207 40.12 10.32 29.86
CA ASP F 207 40.96 9.76 30.87
C ASP F 207 41.64 8.53 30.30
N ILE F 208 42.92 8.38 30.57
CA ILE F 208 43.65 7.18 30.17
C ILE F 208 43.01 5.87 30.67
N GLU F 209 42.38 5.92 31.84
CA GLU F 209 41.67 4.76 32.39
C GLU F 209 40.52 4.26 31.48
N ALA F 210 39.82 5.17 30.81
CA ALA F 210 38.76 4.78 29.85
C ALA F 210 39.35 4.04 28.63
N LEU F 211 40.53 4.50 28.19
CA LEU F 211 41.24 3.88 27.07
C LEU F 211 41.80 2.51 27.44
N ILE F 212 42.39 2.40 28.63
CA ILE F 212 42.88 1.14 29.17
C ILE F 212 41.73 0.12 29.29
N GLU F 213 40.60 0.56 29.85
CA GLU F 213 39.43 -0.33 30.00
C GLU F 213 38.87 -0.77 28.62
N ALA F 214 38.77 0.13 27.65
CA ALA F 214 38.28 -0.24 26.32
C ALA F 214 39.16 -1.32 25.69
N VAL F 215 40.49 -1.11 25.71
CA VAL F 215 41.42 -2.05 25.08
C VAL F 215 41.45 -3.38 25.83
N SER F 216 41.39 -3.29 27.15
CA SER F 216 41.42 -4.49 28.00
C SER F 216 40.14 -5.32 27.92
N VAL F 217 38.99 -4.66 27.87
CA VAL F 217 37.71 -5.36 27.65
C VAL F 217 37.79 -6.15 26.31
N PHE F 218 38.25 -5.48 25.25
CA PHE F 218 38.36 -6.14 23.94
C PHE F 218 39.31 -7.32 23.99
N ASN F 219 40.51 -7.11 24.52
CA ASN F 219 41.50 -8.18 24.49
C ASN F 219 41.19 -9.32 25.42
N ILE F 220 40.60 -9.01 26.56
CA ILE F 220 40.21 -10.06 27.51
C ILE F 220 39.07 -10.90 26.92
N ALA F 221 38.08 -10.23 26.31
CA ALA F 221 36.99 -10.95 25.63
C ALA F 221 37.51 -11.86 24.51
N ALA F 222 38.48 -11.37 23.74
CA ALA F 222 39.16 -12.20 22.74
C ALA F 222 39.83 -13.45 23.32
N GLU F 223 40.57 -13.23 24.40
CA GLU F 223 41.33 -14.30 25.06
C GLU F 223 40.36 -15.39 25.55
N VAL F 224 39.26 -14.96 26.18
CA VAL F 224 38.27 -15.92 26.72
C VAL F 224 37.53 -16.64 25.59
N ALA F 225 37.14 -15.90 24.55
CA ALA F 225 36.50 -16.52 23.37
C ALA F 225 37.37 -17.59 22.71
N ALA F 226 38.67 -17.31 22.56
CA ALA F 226 39.58 -18.28 21.95
C ALA F 226 39.74 -19.53 22.80
N GLU F 227 39.50 -19.44 24.12
CA GLU F 227 39.58 -20.62 24.99
C GLU F 227 38.32 -21.46 25.02
N ASN F 228 37.23 -20.96 24.45
CA ASN F 228 35.97 -21.68 24.45
C ASN F 228 36.10 -23.00 23.70
N GLU F 229 35.51 -24.05 24.26
CA GLU F 229 35.58 -25.40 23.66
C GLU F 229 35.01 -25.43 22.24
N ASN F 230 34.09 -24.52 21.94
CA ASN F 230 33.47 -24.43 20.63
C ASN F 230 34.17 -23.50 19.65
N CYS F 231 35.29 -22.91 20.05
CA CYS F 231 36.08 -22.12 19.12
C CYS F 231 36.96 -23.06 18.30
N GLY F 232 36.64 -23.22 17.01
CA GLY F 232 37.37 -24.15 16.15
C GLY F 232 38.29 -23.47 15.14
N GLY F 233 38.40 -22.16 15.22
CA GLY F 233 39.18 -21.40 14.25
C GLY F 233 38.64 -19.98 14.10
N PRO F 234 39.11 -19.25 13.07
CA PRO F 234 38.80 -17.81 12.92
C PRO F 234 37.33 -17.54 12.54
N GLY F 235 36.68 -18.54 11.94
CA GLY F 235 35.24 -18.43 11.63
C GLY F 235 34.36 -18.49 12.86
N THR F 236 34.49 -19.54 13.65
CA THR F 236 33.69 -19.66 14.87
C THR F 236 34.11 -18.66 15.97
N PHE F 237 35.34 -18.21 15.95
CA PHE F 237 35.85 -17.23 16.94
C PHE F 237 35.00 -15.94 16.94
N SER F 238 34.63 -15.47 15.76
CA SER F 238 34.01 -14.18 15.67
C SER F 238 32.62 -14.09 16.41
N PRO F 239 31.71 -15.06 16.19
CA PRO F 239 30.48 -15.09 17.02
C PRO F 239 30.78 -15.24 18.53
N LEU F 240 31.76 -16.07 18.89
CA LEU F 240 32.15 -16.27 20.30
C LEU F 240 32.74 -14.99 20.93
N LEU F 241 33.44 -14.17 20.16
CA LEU F 241 33.91 -12.88 20.64
C LEU F 241 32.74 -11.97 21.02
N LEU F 242 31.75 -11.85 20.14
CA LEU F 242 30.56 -11.06 20.43
C LEU F 242 29.80 -11.58 21.66
N ASP F 243 29.63 -12.90 21.80
CA ASP F 243 29.02 -13.45 23.02
C ASP F 243 29.80 -13.06 24.30
N THR F 244 31.13 -13.15 24.21
CA THR F 244 32.00 -12.93 25.37
C THR F 244 32.00 -11.44 25.79
N LEU F 245 31.99 -10.53 24.80
CA LEU F 245 31.78 -9.10 25.08
C LEU F 245 30.43 -8.83 25.77
N TYR F 246 29.40 -9.50 25.30
CA TYR F 246 28.09 -9.36 25.88
C TYR F 246 28.05 -9.79 27.37
N HIS F 247 28.71 -10.89 27.70
CA HIS F 247 28.65 -11.46 29.02
C HIS F 247 29.76 -10.99 29.99
N LEU F 248 30.76 -10.29 29.50
CA LEU F 248 31.94 -10.02 30.28
C LEU F 248 31.58 -9.38 31.63
N ASN F 249 32.05 -9.96 32.73
CA ASN F 249 31.79 -9.42 34.07
C ASN F 249 33.06 -8.89 34.79
N GLU F 250 32.86 -8.27 35.97
CA GLU F 250 33.98 -7.68 36.73
C GLU F 250 34.96 -8.74 37.23
N THR F 251 34.45 -9.89 37.64
CA THR F 251 35.31 -10.97 38.12
C THR F 251 36.32 -11.43 37.06
N THR F 252 35.80 -11.70 35.87
CA THR F 252 36.64 -12.13 34.76
C THR F 252 37.64 -11.04 34.41
N TYR F 253 37.18 -9.80 34.30
CA TYR F 253 38.05 -8.65 33.97
C TYR F 253 39.23 -8.55 34.95
N GLN F 254 38.90 -8.53 36.25
CA GLN F 254 39.92 -8.39 37.30
C GLN F 254 40.87 -9.59 37.35
N GLN F 255 40.36 -10.81 37.22
CA GLN F 255 41.17 -12.02 37.16
C GLN F 255 42.16 -12.00 35.97
N ARG F 256 41.77 -11.41 34.84
CA ARG F 256 42.53 -11.54 33.59
C ARG F 256 43.42 -10.34 33.20
N ILE F 257 43.11 -9.14 33.67
CA ILE F 257 43.78 -7.92 33.16
C ILE F 257 45.32 -7.92 33.41
N ARG F 258 46.12 -7.38 32.48
CA ARG F 258 47.60 -7.48 32.53
C ARG F 258 48.25 -6.37 31.73
#